data_6XFD
# 
_entry.id   6XFD 
# 
_audit_conform.dict_name       mmcif_pdbx.dic 
_audit_conform.dict_version    5.380 
_audit_conform.dict_location   http://mmcif.pdb.org/dictionaries/ascii/mmcif_pdbx.dic 
# 
loop_
_database_2.database_id 
_database_2.database_code 
_database_2.pdbx_database_accession 
_database_2.pdbx_DOI 
PDB   6XFD         pdb_00006xfd 10.2210/pdb6xfd/pdb 
WWPDB D_1000249233 ?            ?                   
# 
_pdbx_database_status.status_code                     REL 
_pdbx_database_status.status_code_sf                  REL 
_pdbx_database_status.status_code_mr                  ? 
_pdbx_database_status.entry_id                        6XFD 
_pdbx_database_status.recvd_initial_deposition_date   2020-06-15 
_pdbx_database_status.SG_entry                        N 
_pdbx_database_status.deposit_site                    RCSB 
_pdbx_database_status.process_site                    RCSB 
_pdbx_database_status.status_code_cs                  ? 
_pdbx_database_status.status_code_nmr_data            ? 
_pdbx_database_status.methods_development_category    ? 
_pdbx_database_status.pdb_format_compatible           Y 
# 
loop_
_audit_author.name 
_audit_author.pdbx_ordinal 
_audit_author.identifier_ORCID 
'Simmons, C.R.'      1 0000-0002-2290-6132 
'MacCulloch, T.'     2 0000-0001-5875-3361 
'Stephanopoulos, N.' 3 0000-0001-7859-410X 
'Yan, H.'            4 0000-0001-7397-9852 
# 
_citation.abstract                  ? 
_citation.abstract_id_CAS           ? 
_citation.book_id_ISBN              ? 
_citation.book_publisher            ? 
_citation.book_publisher_city       ? 
_citation.book_title                ? 
_citation.coordinate_linkage        ? 
_citation.country                   UK 
_citation.database_id_Medline       ? 
_citation.details                   ? 
_citation.id                        primary 
_citation.journal_abbrev            'Nat Commun' 
_citation.journal_id_ASTM           ? 
_citation.journal_id_CSD            ? 
_citation.journal_id_ISSN           2041-1723 
_citation.journal_full              ? 
_citation.journal_issue             ? 
_citation.journal_volume            13 
_citation.language                  ? 
_citation.page_first                3112 
_citation.page_last                 3112 
_citation.title                     'The influence of Holliday junction sequence and dynamics on DNA crystal self-assembly.' 
_citation.year                      2022 
_citation.database_id_CSD           ? 
_citation.pdbx_database_id_DOI      10.1038/s41467-022-30779-6 
_citation.pdbx_database_id_PubMed   35662248 
_citation.unpublished_flag          ? 
# 
loop_
_citation_author.citation_id 
_citation_author.name 
_citation_author.ordinal 
_citation_author.identifier_ORCID 
primary 'Simmons, C.R.'      1  ?                   
primary 'MacCulloch, T.'     2  ?                   
primary 'Krepl, M.'          3  0000-0002-9833-4281 
primary 'Matthies, M.'       4  ?                   
primary 'Buchberger, A.'     5  ?                   
primary 'Crawford, I.'       6  ?                   
primary 'Sponer, J.'         7  0000-0001-6558-6186 
primary 'Sulc, P.'           8  0000-0003-1565-6769 
primary 'Stephanopoulos, N.' 9  0000-0001-7859-410X 
primary 'Yan, H.'            10 0000-0001-7397-9852 
# 
_cell.angle_alpha                  90.000 
_cell.angle_alpha_esd              ? 
_cell.angle_beta                   90.000 
_cell.angle_beta_esd               ? 
_cell.angle_gamma                  120.000 
_cell.angle_gamma_esd              ? 
_cell.entry_id                     6XFD 
_cell.details                      ? 
_cell.formula_units_Z              ? 
_cell.length_a                     67.551 
_cell.length_a_esd                 ? 
_cell.length_b                     67.551 
_cell.length_b_esd                 ? 
_cell.length_c                     60.397 
_cell.length_c_esd                 ? 
_cell.volume                       ? 
_cell.volume_esd                   ? 
_cell.Z_PDB                        6 
_cell.reciprocal_angle_alpha       ? 
_cell.reciprocal_angle_beta        ? 
_cell.reciprocal_angle_gamma       ? 
_cell.reciprocal_angle_alpha_esd   ? 
_cell.reciprocal_angle_beta_esd    ? 
_cell.reciprocal_angle_gamma_esd   ? 
_cell.reciprocal_length_a          ? 
_cell.reciprocal_length_b          ? 
_cell.reciprocal_length_c          ? 
_cell.reciprocal_length_a_esd      ? 
_cell.reciprocal_length_b_esd      ? 
_cell.reciprocal_length_c_esd      ? 
_cell.pdbx_unique_axis             ? 
# 
_symmetry.entry_id                         6XFD 
_symmetry.cell_setting                     ? 
_symmetry.Int_Tables_number                154 
_symmetry.space_group_name_Hall            ? 
_symmetry.space_group_name_H-M             'P 32 2 1' 
_symmetry.pdbx_full_space_group_name_H-M   ? 
# 
loop_
_entity.id 
_entity.type 
_entity.src_method 
_entity.pdbx_description 
_entity.formula_weight 
_entity.pdbx_number_of_molecules 
_entity.pdbx_ec 
_entity.pdbx_mutation 
_entity.pdbx_fragment 
_entity.details 
1 polymer     syn 
;DNA (5'-D(*GP*AP*GP*CP*AP*GP*AP*CP*GP*TP*G)-3')
;
3423.248 1 ? ? ? ? 
2 polymer     syn 
;DNA (5'-D(P*AP*CP*AP*GP*CP*AP*CP*TP*CP*A)-3')
;
2997.996 1 ? ? ? ? 
3 polymer     syn 
;DNA (5'-D(P*CP*AP*TP*GP*T)-3')
;
1495.023 1 ? ? ? ? 
4 polymer     syn 
;DNA (5'-D(*TP*CP*TP*GP*AP*GP*TP*GP*CP*CP*GP*TP*CP*TP*GP*C)-3')
;
4881.151 1 ? ? ? ? 
5 non-polymer syn 'CACODYLATE ION'                                                 136.989  2 ? ? ? ? 
# 
loop_
_entity_poly.entity_id 
_entity_poly.type 
_entity_poly.nstd_linkage 
_entity_poly.nstd_monomer 
_entity_poly.pdbx_seq_one_letter_code 
_entity_poly.pdbx_seq_one_letter_code_can 
_entity_poly.pdbx_strand_id 
_entity_poly.pdbx_target_identifier 
1 polydeoxyribonucleotide no no '(DG)(DA)(DG)(DC)(DA)(DG)(DA)(DC)(DG)(DT)(DG)'                     GAGCAGACGTG      A ? 
2 polydeoxyribonucleotide no no '(DA)(DC)(DA)(DG)(DC)(DA)(DC)(DT)(DC)(DA)'                         ACAGCACTCA       B ? 
3 polydeoxyribonucleotide no no '(DC)(DA)(DT)(DG)(DT)'                                             CATGT            C ? 
4 polydeoxyribonucleotide no no '(DT)(DC)(DT)(DG)(DA)(DG)(DT)(DG)(DC)(DC)(DG)(DT)(DC)(DT)(DG)(DC)' TCTGAGTGCCGTCTGC D ? 
# 
loop_
_entity_poly_seq.entity_id 
_entity_poly_seq.num 
_entity_poly_seq.mon_id 
_entity_poly_seq.hetero 
1 1  DG n 
1 2  DA n 
1 3  DG n 
1 4  DC n 
1 5  DA n 
1 6  DG n 
1 7  DA n 
1 8  DC n 
1 9  DG n 
1 10 DT n 
1 11 DG n 
2 1  DA n 
2 2  DC n 
2 3  DA n 
2 4  DG n 
2 5  DC n 
2 6  DA n 
2 7  DC n 
2 8  DT n 
2 9  DC n 
2 10 DA n 
3 1  DC n 
3 2  DA n 
3 3  DT n 
3 4  DG n 
3 5  DT n 
4 1  DT n 
4 2  DC n 
4 3  DT n 
4 4  DG n 
4 5  DA n 
4 6  DG n 
4 7  DT n 
4 8  DG n 
4 9  DC n 
4 10 DC n 
4 11 DG n 
4 12 DT n 
4 13 DC n 
4 14 DT n 
4 15 DG n 
4 16 DC n 
# 
loop_
_pdbx_entity_src_syn.entity_id 
_pdbx_entity_src_syn.pdbx_src_id 
_pdbx_entity_src_syn.pdbx_alt_source_flag 
_pdbx_entity_src_syn.pdbx_beg_seq_num 
_pdbx_entity_src_syn.pdbx_end_seq_num 
_pdbx_entity_src_syn.organism_scientific 
_pdbx_entity_src_syn.organism_common_name 
_pdbx_entity_src_syn.ncbi_taxonomy_id 
_pdbx_entity_src_syn.details 
1 1 sample 1 11 'synthetic construct' ? 32630 ? 
2 1 sample 1 10 'synthetic construct' ? 32630 ? 
3 1 sample 1 5  'synthetic construct' ? 32630 ? 
4 1 sample 1 16 'synthetic construct' ? 32630 ? 
# 
loop_
_struct_ref.id 
_struct_ref.db_name 
_struct_ref.db_code 
_struct_ref.pdbx_db_accession 
_struct_ref.pdbx_db_isoform 
_struct_ref.entity_id 
_struct_ref.pdbx_seq_one_letter_code 
_struct_ref.pdbx_align_begin 
1 PDB 6XFD 6XFD ? 1 ? 1 
2 PDB 6XFD 6XFD ? 2 ? 1 
3 PDB 6XFD 6XFD ? 3 ? 1 
4 PDB 6XFD 6XFD ? 4 ? 1 
# 
loop_
_struct_ref_seq.align_id 
_struct_ref_seq.ref_id 
_struct_ref_seq.pdbx_PDB_id_code 
_struct_ref_seq.pdbx_strand_id 
_struct_ref_seq.seq_align_beg 
_struct_ref_seq.pdbx_seq_align_beg_ins_code 
_struct_ref_seq.seq_align_end 
_struct_ref_seq.pdbx_seq_align_end_ins_code 
_struct_ref_seq.pdbx_db_accession 
_struct_ref_seq.db_align_beg 
_struct_ref_seq.pdbx_db_align_beg_ins_code 
_struct_ref_seq.db_align_end 
_struct_ref_seq.pdbx_db_align_end_ins_code 
_struct_ref_seq.pdbx_auth_seq_align_beg 
_struct_ref_seq.pdbx_auth_seq_align_end 
1 1 6XFD A 1 ? 11 ? 6XFD 1  ? 11 ? 1  11 
2 2 6XFD B 1 ? 10 ? 6XFD 12 ? 21 ? 12 21 
3 3 6XFD C 1 ? 5  ? 6XFD 1  ? 5  ? 1  5  
4 4 6XFD D 1 ? 16 ? 6XFD 1  ? 16 ? 1  16 
# 
loop_
_chem_comp.id 
_chem_comp.type 
_chem_comp.mon_nstd_flag 
_chem_comp.name 
_chem_comp.pdbx_synonyms 
_chem_comp.formula 
_chem_comp.formula_weight 
CAC non-polymer   . 'CACODYLATE ION'                     dimethylarsinate 'C2 H6 As O2 -1'  136.989 
DA  'DNA linking' y "2'-DEOXYADENOSINE-5'-MONOPHOSPHATE" ?                'C10 H14 N5 O6 P' 331.222 
DC  'DNA linking' y "2'-DEOXYCYTIDINE-5'-MONOPHOSPHATE"  ?                'C9 H14 N3 O7 P'  307.197 
DG  'DNA linking' y "2'-DEOXYGUANOSINE-5'-MONOPHOSPHATE" ?                'C10 H14 N5 O7 P' 347.221 
DT  'DNA linking' y "THYMIDINE-5'-MONOPHOSPHATE"         ?                'C10 H15 N2 O8 P' 322.208 
# 
_exptl.absorpt_coefficient_mu     ? 
_exptl.absorpt_correction_T_max   ? 
_exptl.absorpt_correction_T_min   ? 
_exptl.absorpt_correction_type    ? 
_exptl.absorpt_process_details    ? 
_exptl.entry_id                   6XFD 
_exptl.crystals_number            1 
_exptl.details                    ? 
_exptl.method                     'X-RAY DIFFRACTION' 
_exptl.method_details             ? 
# 
_exptl_crystal.colour                      ? 
_exptl_crystal.density_diffrn              ? 
_exptl_crystal.density_Matthews            3.11 
_exptl_crystal.density_method              ? 
_exptl_crystal.density_percent_sol         60.43 
_exptl_crystal.description                 ? 
_exptl_crystal.F_000                       ? 
_exptl_crystal.id                          1 
_exptl_crystal.preparation                 ? 
_exptl_crystal.size_max                    ? 
_exptl_crystal.size_mid                    ? 
_exptl_crystal.size_min                    ? 
_exptl_crystal.size_rad                    ? 
_exptl_crystal.colour_lustre               ? 
_exptl_crystal.colour_modifier             ? 
_exptl_crystal.colour_primary              ? 
_exptl_crystal.density_meas                ? 
_exptl_crystal.density_meas_esd            ? 
_exptl_crystal.density_meas_gt             ? 
_exptl_crystal.density_meas_lt             ? 
_exptl_crystal.density_meas_temp           ? 
_exptl_crystal.density_meas_temp_esd       ? 
_exptl_crystal.density_meas_temp_gt        ? 
_exptl_crystal.density_meas_temp_lt        ? 
_exptl_crystal.pdbx_crystal_image_url      ? 
_exptl_crystal.pdbx_crystal_image_format   ? 
_exptl_crystal.pdbx_mosaicity              ? 
_exptl_crystal.pdbx_mosaicity_esd          ? 
# 
_exptl_crystal_grow.apparatus       ? 
_exptl_crystal_grow.atmosphere      ? 
_exptl_crystal_grow.crystal_id      1 
_exptl_crystal_grow.details         ? 
_exptl_crystal_grow.method          'VAPOR DIFFUSION, SITTING DROP' 
_exptl_crystal_grow.method_ref      ? 
_exptl_crystal_grow.pH              ? 
_exptl_crystal_grow.pressure        ? 
_exptl_crystal_grow.pressure_esd    ? 
_exptl_crystal_grow.seeding         ? 
_exptl_crystal_grow.seeding_ref     ? 
_exptl_crystal_grow.temp            298 
_exptl_crystal_grow.temp_details    'temperature gradient generated from 60 to 25 C at 0.3 degrees per hour' 
_exptl_crystal_grow.temp_esd        ? 
_exptl_crystal_grow.time            ? 
_exptl_crystal_grow.pdbx_details    
;0.5 mL of 0.05 M Cacodylate pH 6.5 with 36 mM MgCl2, 2.25 mM spermine, and 5% PEG 400 was added to the reservoir with 2 uL added to the drop containing 4 uL of DNA stock
;
_exptl_crystal_grow.pdbx_pH_range   ? 
# 
_diffrn.ambient_environment              ? 
_diffrn.ambient_temp                     100 
_diffrn.ambient_temp_details             ? 
_diffrn.ambient_temp_esd                 ? 
_diffrn.crystal_id                       1 
_diffrn.crystal_support                  ? 
_diffrn.crystal_treatment                ? 
_diffrn.details                          ? 
_diffrn.id                               1 
_diffrn.ambient_pressure                 ? 
_diffrn.ambient_pressure_esd             ? 
_diffrn.ambient_pressure_gt              ? 
_diffrn.ambient_pressure_lt              ? 
_diffrn.ambient_temp_gt                  ? 
_diffrn.ambient_temp_lt                  ? 
_diffrn.pdbx_serial_crystal_experiment   N 
# 
_diffrn_detector.details                      ? 
_diffrn_detector.detector                     PIXEL 
_diffrn_detector.diffrn_id                    1 
_diffrn_detector.type                         'DECTRIS PILATUS3 6M' 
_diffrn_detector.area_resol_mean              ? 
_diffrn_detector.dtime                        ? 
_diffrn_detector.pdbx_frames_total            ? 
_diffrn_detector.pdbx_collection_time_total   ? 
_diffrn_detector.pdbx_collection_date         2018-08-15 
_diffrn_detector.pdbx_frequency               ? 
# 
_diffrn_radiation.collimation                      ? 
_diffrn_radiation.diffrn_id                        1 
_diffrn_radiation.filter_edge                      ? 
_diffrn_radiation.inhomogeneity                    ? 
_diffrn_radiation.monochromator                    ? 
_diffrn_radiation.polarisn_norm                    ? 
_diffrn_radiation.polarisn_ratio                   ? 
_diffrn_radiation.probe                            ? 
_diffrn_radiation.type                             ? 
_diffrn_radiation.xray_symbol                      ? 
_diffrn_radiation.wavelength_id                    1 
_diffrn_radiation.pdbx_monochromatic_or_laue_m_l   M 
_diffrn_radiation.pdbx_wavelength_list             ? 
_diffrn_radiation.pdbx_wavelength                  ? 
_diffrn_radiation.pdbx_diffrn_protocol             'SINGLE WAVELENGTH' 
_diffrn_radiation.pdbx_analyzer                    ? 
_diffrn_radiation.pdbx_scattering_type             x-ray 
# 
_diffrn_radiation_wavelength.id           1 
_diffrn_radiation_wavelength.wavelength   0.92 
_diffrn_radiation_wavelength.wt           1.0 
# 
_diffrn_source.current                     ? 
_diffrn_source.details                     ? 
_diffrn_source.diffrn_id                   1 
_diffrn_source.power                       ? 
_diffrn_source.size                        ? 
_diffrn_source.source                      SYNCHROTRON 
_diffrn_source.target                      ? 
_diffrn_source.type                        'APS BEAMLINE 19-ID' 
_diffrn_source.voltage                     ? 
_diffrn_source.take-off_angle              ? 
_diffrn_source.pdbx_wavelength_list        0.92 
_diffrn_source.pdbx_wavelength             ? 
_diffrn_source.pdbx_synchrotron_beamline   19-ID 
_diffrn_source.pdbx_synchrotron_site       APS 
# 
_reflns.B_iso_Wilson_estimate            122.690 
_reflns.entry_id                         6XFD 
_reflns.data_reduction_details           ? 
_reflns.data_reduction_method            ? 
_reflns.d_resolution_high                3.100 
_reflns.d_resolution_low                 50.000 
_reflns.details                          ? 
_reflns.limit_h_max                      ? 
_reflns.limit_h_min                      ? 
_reflns.limit_k_max                      ? 
_reflns.limit_k_min                      ? 
_reflns.limit_l_max                      ? 
_reflns.limit_l_min                      ? 
_reflns.number_all                       ? 
_reflns.number_obs                       3074 
_reflns.observed_criterion               ? 
_reflns.observed_criterion_F_max         ? 
_reflns.observed_criterion_F_min         ? 
_reflns.observed_criterion_I_max         ? 
_reflns.observed_criterion_I_min         ? 
_reflns.observed_criterion_sigma_F       ? 
_reflns.observed_criterion_sigma_I       ? 
_reflns.percent_possible_obs             99.300 
_reflns.R_free_details                   ? 
_reflns.Rmerge_F_all                     ? 
_reflns.Rmerge_F_obs                     ? 
_reflns.Friedel_coverage                 ? 
_reflns.number_gt                        ? 
_reflns.threshold_expression             ? 
_reflns.pdbx_redundancy                  17.700 
_reflns.pdbx_Rmerge_I_obs                0.126 
_reflns.pdbx_Rmerge_I_all                ? 
_reflns.pdbx_Rsym_value                  ? 
_reflns.pdbx_netI_over_av_sigmaI         ? 
_reflns.pdbx_netI_over_sigmaI            6.100 
_reflns.pdbx_res_netI_over_av_sigmaI_2   ? 
_reflns.pdbx_res_netI_over_sigmaI_2      ? 
_reflns.pdbx_chi_squared                 4.911 
_reflns.pdbx_scaling_rejects             ? 
_reflns.pdbx_d_res_high_opt              ? 
_reflns.pdbx_d_res_low_opt               ? 
_reflns.pdbx_d_res_opt_method            ? 
_reflns.phase_calculation_details        ? 
_reflns.pdbx_Rrim_I_all                  0.130 
_reflns.pdbx_Rpim_I_all                  0.033 
_reflns.pdbx_d_opt                       ? 
_reflns.pdbx_number_measured_all         ? 
_reflns.pdbx_diffrn_id                   1 
_reflns.pdbx_ordinal                     1 
_reflns.pdbx_CC_half                     1.00 
_reflns.pdbx_CC_star                     ? 
_reflns.pdbx_R_split                     ? 
# 
loop_
_reflns_shell.d_res_high 
_reflns_shell.d_res_low 
_reflns_shell.meanI_over_sigI_all 
_reflns_shell.meanI_over_sigI_obs 
_reflns_shell.number_measured_all 
_reflns_shell.number_measured_obs 
_reflns_shell.number_possible 
_reflns_shell.number_unique_all 
_reflns_shell.number_unique_obs 
_reflns_shell.percent_possible_all 
_reflns_shell.percent_possible_obs 
_reflns_shell.Rmerge_F_all 
_reflns_shell.Rmerge_F_obs 
_reflns_shell.Rmerge_I_all 
_reflns_shell.Rmerge_I_obs 
_reflns_shell.meanI_over_sigI_gt 
_reflns_shell.meanI_over_uI_all 
_reflns_shell.meanI_over_uI_gt 
_reflns_shell.number_measured_gt 
_reflns_shell.number_unique_gt 
_reflns_shell.percent_possible_gt 
_reflns_shell.Rmerge_F_gt 
_reflns_shell.Rmerge_I_gt 
_reflns_shell.pdbx_redundancy 
_reflns_shell.pdbx_Rsym_value 
_reflns_shell.pdbx_chi_squared 
_reflns_shell.pdbx_netI_over_sigmaI_all 
_reflns_shell.pdbx_netI_over_sigmaI_obs 
_reflns_shell.pdbx_Rrim_I_all 
_reflns_shell.pdbx_Rpim_I_all 
_reflns_shell.pdbx_rejects 
_reflns_shell.pdbx_ordinal 
_reflns_shell.pdbx_diffrn_id 
_reflns_shell.pdbx_CC_half 
_reflns_shell.pdbx_CC_star 
_reflns_shell.pdbx_R_split 
3.100 3.150  ? ? ? ? ? ? 149 95.500  ? ? ? ? 0.829 ? ? ? ? ? ? ? ? 11.800 ? 0.501  ? ? 0.858 0.214 ? 1  1 0.946 ? ? 
3.150 3.210  ? ? ? ? ? ? 154 96.200  ? ? ? ? 0.426 ? ? ? ? ? ? ? ? 14.200 ? 0.694  ? ? 0.439 0.101 ? 2  1 0.990 ? ? 
3.210 3.270  ? ? ? ? ? ? 142 100.000 ? ? ? ? 0.516 ? ? ? ? ? ? ? ? 15.300 ? 0.675  ? ? 0.532 0.125 ? 3  1 0.983 ? ? 
3.270 3.340  ? ? ? ? ? ? 153 99.400  ? ? ? ? 0.354 ? ? ? ? ? ? ? ? 16.800 ? 0.941  ? ? 0.363 0.081 ? 4  1 0.994 ? ? 
3.340 3.410  ? ? ? ? ? ? 135 99.300  ? ? ? ? 0.388 ? ? ? ? ? ? ? ? 17.900 ? 0.852  ? ? 0.398 0.089 ? 5  1 0.995 ? ? 
3.410 3.490  ? ? ? ? ? ? 163 100.000 ? ? ? ? 0.465 ? ? ? ? ? ? ? ? 18.500 ? 0.657  ? ? 0.478 0.107 ? 6  1 0.977 ? ? 
3.490 3.580  ? ? ? ? ? ? 154 99.400  ? ? ? ? 0.398 ? ? ? ? ? ? ? ? 18.400 ? 0.781  ? ? 0.408 0.091 ? 7  1 0.993 ? ? 
3.580 3.680  ? ? ? ? ? ? 137 100.000 ? ? ? ? 0.470 ? ? ? ? ? ? ? ? 17.500 ? 0.665  ? ? 0.483 0.113 ? 8  1 0.979 ? ? 
3.680 3.780  ? ? ? ? ? ? 161 98.800  ? ? ? ? 0.407 ? ? ? ? ? ? ? ? 16.800 ? 0.853  ? ? 0.418 0.096 ? 9  1 0.988 ? ? 
3.780 3.910  ? ? ? ? ? ? 147 100.000 ? ? ? ? 0.360 ? ? ? ? ? ? ? ? 20.100 ? 0.977  ? ? 0.369 0.080 ? 10 1 0.988 ? ? 
3.910 4.040  ? ? ? ? ? ? 153 100.000 ? ? ? ? 0.308 ? ? ? ? ? ? ? ? 19.500 ? 1.162  ? ? 0.316 0.069 ? 11 1 0.983 ? ? 
4.040 4.210  ? ? ? ? ? ? 157 100.000 ? ? ? ? 0.225 ? ? ? ? ? ? ? ? 19.900 ? 1.495  ? ? 0.231 0.052 ? 12 1 0.991 ? ? 
4.210 4.400  ? ? ? ? ? ? 147 100.000 ? ? ? ? 0.208 ? ? ? ? ? ? ? ? 18.900 ? 1.634  ? ? 0.214 0.048 ? 13 1 0.993 ? ? 
4.400 4.630  ? ? ? ? ? ? 154 100.000 ? ? ? ? 0.203 ? ? ? ? ? ? ? ? 19.300 ? 2.956  ? ? 0.208 0.046 ? 14 1 0.989 ? ? 
4.630 4.920  ? ? ? ? ? ? 158 100.000 ? ? ? ? 0.175 ? ? ? ? ? ? ? ? 17.700 ? 2.645  ? ? 0.180 0.042 ? 15 1 0.994 ? ? 
4.920 5.300  ? ? ? ? ? ? 154 100.000 ? ? ? ? 0.159 ? ? ? ? ? ? ? ? 19.400 ? 6.234  ? ? 0.163 0.037 ? 16 1 0.988 ? ? 
5.300 5.830  ? ? ? ? ? ? 156 100.000 ? ? ? ? 0.135 ? ? ? ? ? ? ? ? 19.800 ? 6.836  ? ? 0.139 0.032 ? 17 1 0.980 ? ? 
5.830 6.670  ? ? ? ? ? ? 163 100.000 ? ? ? ? 0.128 ? ? ? ? ? ? ? ? 18.900 ? 8.712  ? ? 0.131 0.030 ? 18 1 0.982 ? ? 
6.670 8.400  ? ? ? ? ? ? 162 98.800  ? ? ? ? 0.095 ? ? ? ? ? ? ? ? 16.900 ? 14.686 ? ? 0.098 0.023 ? 19 1 0.998 ? ? 
8.400 50.000 ? ? ? ? ? ? 175 98.300  ? ? ? ? 0.110 ? ? ? ? ? ? ? ? 16.600 ? 38.784 ? ? 0.114 0.031 ? 20 1 0.996 ? ? 
# 
_refine.aniso_B[1][1]                            ? 
_refine.aniso_B[1][2]                            ? 
_refine.aniso_B[1][3]                            ? 
_refine.aniso_B[2][2]                            ? 
_refine.aniso_B[2][3]                            ? 
_refine.aniso_B[3][3]                            ? 
_refine.B_iso_max                                205.650 
_refine.B_iso_mean                               136.4489 
_refine.B_iso_min                                94.990 
_refine.correlation_coeff_Fo_to_Fc               ? 
_refine.correlation_coeff_Fo_to_Fc_free          ? 
_refine.details                                  ? 
_refine.diff_density_max                         ? 
_refine.diff_density_max_esd                     ? 
_refine.diff_density_min                         ? 
_refine.diff_density_min_esd                     ? 
_refine.diff_density_rms                         ? 
_refine.diff_density_rms_esd                     ? 
_refine.entry_id                                 6XFD 
_refine.pdbx_refine_id                           'X-RAY DIFFRACTION' 
_refine.ls_abs_structure_details                 ? 
_refine.ls_abs_structure_Flack                   ? 
_refine.ls_abs_structure_Flack_esd               ? 
_refine.ls_abs_structure_Rogers                  ? 
_refine.ls_abs_structure_Rogers_esd              ? 
_refine.ls_d_res_high                            3.1010 
_refine.ls_d_res_low                             33.7760 
_refine.ls_extinction_coef                       ? 
_refine.ls_extinction_coef_esd                   ? 
_refine.ls_extinction_expression                 ? 
_refine.ls_extinction_method                     ? 
_refine.ls_goodness_of_fit_all                   ? 
_refine.ls_goodness_of_fit_all_esd               ? 
_refine.ls_goodness_of_fit_obs                   ? 
_refine.ls_goodness_of_fit_obs_esd               ? 
_refine.ls_hydrogen_treatment                    ? 
_refine.ls_matrix_type                           ? 
_refine.ls_number_constraints                    ? 
_refine.ls_number_parameters                     ? 
_refine.ls_number_reflns_all                     ? 
_refine.ls_number_reflns_obs                     3000 
_refine.ls_number_reflns_R_free                  147 
_refine.ls_number_reflns_R_work                  2853 
_refine.ls_number_restraints                     ? 
_refine.ls_percent_reflns_obs                    97.2400 
_refine.ls_percent_reflns_R_free                 4.9000 
_refine.ls_R_factor_all                          ? 
_refine.ls_R_factor_obs                          0.2259 
_refine.ls_R_factor_R_free                       0.2858 
_refine.ls_R_factor_R_free_error                 ? 
_refine.ls_R_factor_R_free_error_details         ? 
_refine.ls_R_factor_R_work                       0.2231 
_refine.ls_R_Fsqd_factor_obs                     ? 
_refine.ls_R_I_factor_obs                        ? 
_refine.ls_redundancy_reflns_all                 ? 
_refine.ls_redundancy_reflns_obs                 ? 
_refine.ls_restrained_S_all                      ? 
_refine.ls_restrained_S_obs                      ? 
_refine.ls_shift_over_esd_max                    ? 
_refine.ls_shift_over_esd_mean                   ? 
_refine.ls_structure_factor_coef                 ? 
_refine.ls_weighting_details                     ? 
_refine.ls_weighting_scheme                      ? 
_refine.ls_wR_factor_all                         ? 
_refine.ls_wR_factor_obs                         ? 
_refine.ls_wR_factor_R_free                      ? 
_refine.ls_wR_factor_R_work                      ? 
_refine.occupancy_max                            ? 
_refine.occupancy_min                            ? 
_refine.solvent_model_details                    'FLAT BULK SOLVENT MODEL' 
_refine.solvent_model_param_bsol                 ? 
_refine.solvent_model_param_ksol                 ? 
_refine.pdbx_R_complete                          ? 
_refine.ls_R_factor_gt                           ? 
_refine.ls_goodness_of_fit_gt                    ? 
_refine.ls_goodness_of_fit_ref                   ? 
_refine.ls_shift_over_su_max                     ? 
_refine.ls_shift_over_su_max_lt                  ? 
_refine.ls_shift_over_su_mean                    ? 
_refine.ls_shift_over_su_mean_lt                 ? 
_refine.pdbx_ls_sigma_I                          ? 
_refine.pdbx_ls_sigma_F                          1.380 
_refine.pdbx_ls_sigma_Fsqd                       ? 
_refine.pdbx_data_cutoff_high_absF               ? 
_refine.pdbx_data_cutoff_high_rms_absF           ? 
_refine.pdbx_data_cutoff_low_absF                ? 
_refine.pdbx_isotropic_thermal_model             ? 
_refine.pdbx_ls_cross_valid_method               THROUGHOUT 
_refine.pdbx_method_to_determine_struct          'MOLECULAR REPLACEMENT' 
_refine.pdbx_starting_model                      6x8c 
_refine.pdbx_stereochemistry_target_values       ML 
_refine.pdbx_R_Free_selection_details            ? 
_refine.pdbx_stereochem_target_val_spec_case     ? 
_refine.pdbx_overall_ESU_R                       ? 
_refine.pdbx_overall_ESU_R_Free                  ? 
_refine.pdbx_solvent_vdw_probe_radii             1.1100 
_refine.pdbx_solvent_ion_probe_radii             ? 
_refine.pdbx_solvent_shrinkage_radii             0.9000 
_refine.pdbx_real_space_R                        ? 
_refine.pdbx_density_correlation                 ? 
_refine.pdbx_pd_number_of_powder_patterns        ? 
_refine.pdbx_pd_number_of_points                 ? 
_refine.pdbx_pd_meas_number_of_points            ? 
_refine.pdbx_pd_proc_ls_prof_R_factor            ? 
_refine.pdbx_pd_proc_ls_prof_wR_factor           ? 
_refine.pdbx_pd_Marquardt_correlation_coeff      ? 
_refine.pdbx_pd_Fsqrd_R_factor                   ? 
_refine.pdbx_pd_ls_matrix_band_width             ? 
_refine.pdbx_overall_phase_error                 28.9200 
_refine.pdbx_overall_SU_R_free_Cruickshank_DPI   ? 
_refine.pdbx_overall_SU_R_free_Blow_DPI          ? 
_refine.pdbx_overall_SU_R_Blow_DPI               ? 
_refine.pdbx_TLS_residual_ADP_flag               ? 
_refine.pdbx_diffrn_id                           1 
_refine.overall_SU_B                             ? 
_refine.overall_SU_ML                            0.1300 
_refine.overall_SU_R_Cruickshank_DPI             ? 
_refine.overall_SU_R_free                        ? 
_refine.overall_FOM_free_R_set                   ? 
_refine.overall_FOM_work_R_set                   ? 
_refine.pdbx_average_fsc_overall                 ? 
_refine.pdbx_average_fsc_work                    ? 
_refine.pdbx_average_fsc_free                    ? 
# 
_refine_hist.pdbx_refine_id                   'X-RAY DIFFRACTION' 
_refine_hist.cycle_id                         final 
_refine_hist.details                          ? 
_refine_hist.d_res_high                       3.1010 
_refine_hist.d_res_low                        33.7760 
_refine_hist.number_atoms_solvent             0 
_refine_hist.number_atoms_total               857 
_refine_hist.number_reflns_all                ? 
_refine_hist.number_reflns_obs                ? 
_refine_hist.number_reflns_R_free             ? 
_refine_hist.number_reflns_R_work             ? 
_refine_hist.R_factor_all                     ? 
_refine_hist.R_factor_obs                     ? 
_refine_hist.R_factor_R_free                  ? 
_refine_hist.R_factor_R_work                  ? 
_refine_hist.pdbx_number_residues_total       42 
_refine_hist.pdbx_B_iso_mean_ligand           204.76 
_refine_hist.pdbx_B_iso_mean_solvent          ? 
_refine_hist.pdbx_number_atoms_protein        0 
_refine_hist.pdbx_number_atoms_nucleic_acid   855 
_refine_hist.pdbx_number_atoms_ligand         2 
_refine_hist.pdbx_number_atoms_lipid          ? 
_refine_hist.pdbx_number_atoms_carb           ? 
_refine_hist.pdbx_pseudo_atom_details         ? 
# 
loop_
_refine_ls_restr.pdbx_refine_id 
_refine_ls_restr.criterion 
_refine_ls_restr.dev_ideal 
_refine_ls_restr.dev_ideal_target 
_refine_ls_restr.number 
_refine_ls_restr.rejects 
_refine_ls_restr.type 
_refine_ls_restr.weight 
_refine_ls_restr.pdbx_restraint_function 
'X-RAY DIFFRACTION' ? 0.004  ? 956  ? f_bond_d           ? ? 
'X-RAY DIFFRACTION' ? 0.604  ? 1467 ? f_angle_d          ? ? 
'X-RAY DIFFRACTION' ? 0.030  ? 166  ? f_chiral_restr     ? ? 
'X-RAY DIFFRACTION' ? 0.003  ? 42   ? f_plane_restr      ? ? 
'X-RAY DIFFRACTION' ? 36.260 ? 406  ? f_dihedral_angle_d ? ? 
# 
_refine_ls_shell.pdbx_refine_id                   'X-RAY DIFFRACTION' 
_refine_ls_shell.d_res_high                       3.101 
_refine_ls_shell.d_res_low                        33.776 
_refine_ls_shell.number_reflns_all                ? 
_refine_ls_shell.number_reflns_obs                ? 
_refine_ls_shell.number_reflns_R_free             147 
_refine_ls_shell.number_reflns_R_work             2853 
_refine_ls_shell.percent_reflns_obs               97.0000 
_refine_ls_shell.percent_reflns_R_free            ? 
_refine_ls_shell.R_factor_all                     ? 
_refine_ls_shell.R_factor_obs                     ? 
_refine_ls_shell.R_factor_R_free                  0.2858 
_refine_ls_shell.R_factor_R_free_error            0.0000 
_refine_ls_shell.R_factor_R_work                  0.2231 
_refine_ls_shell.redundancy_reflns_all            ? 
_refine_ls_shell.redundancy_reflns_obs            ? 
_refine_ls_shell.wR_factor_all                    ? 
_refine_ls_shell.wR_factor_obs                    ? 
_refine_ls_shell.wR_factor_R_free                 ? 
_refine_ls_shell.wR_factor_R_work                 ? 
_refine_ls_shell.pdbx_R_complete                  ? 
_refine_ls_shell.pdbx_total_number_of_bins_used   ? 
_refine_ls_shell.pdbx_phase_error                 ? 
_refine_ls_shell.pdbx_fsc_work                    ? 
_refine_ls_shell.pdbx_fsc_free                    ? 
# 
_struct.entry_id                     6XFD 
_struct.title                        
'Self-assembly of a 3D DNA crystal lattice (4x5 junction version) containing the J20 immobile Holliday junction' 
_struct.pdbx_model_details           ? 
_struct.pdbx_formula_weight          ? 
_struct.pdbx_formula_weight_method   ? 
_struct.pdbx_model_type_details      ? 
_struct.pdbx_CASP_flag               N 
# 
_struct_keywords.entry_id        6XFD 
_struct_keywords.text            
'Structural DNA nanotechnology, immobile Holliday junctions, 3D DNA self-assembly, designer DNA crystals, DNA' 
_struct_keywords.pdbx_keywords   DNA 
# 
loop_
_struct_asym.id 
_struct_asym.pdbx_blank_PDB_chainid_flag 
_struct_asym.pdbx_modified 
_struct_asym.entity_id 
_struct_asym.details 
A N N 1 ? 
B N N 2 ? 
C N N 3 ? 
D N N 4 ? 
E N N 5 ? 
F N N 5 ? 
# 
loop_
_struct_conn.id 
_struct_conn.conn_type_id 
_struct_conn.pdbx_leaving_atom_flag 
_struct_conn.pdbx_PDB_id 
_struct_conn.ptnr1_label_asym_id 
_struct_conn.ptnr1_label_comp_id 
_struct_conn.ptnr1_label_seq_id 
_struct_conn.ptnr1_label_atom_id 
_struct_conn.pdbx_ptnr1_label_alt_id 
_struct_conn.pdbx_ptnr1_PDB_ins_code 
_struct_conn.pdbx_ptnr1_standard_comp_id 
_struct_conn.ptnr1_symmetry 
_struct_conn.ptnr2_label_asym_id 
_struct_conn.ptnr2_label_comp_id 
_struct_conn.ptnr2_label_seq_id 
_struct_conn.ptnr2_label_atom_id 
_struct_conn.pdbx_ptnr2_label_alt_id 
_struct_conn.pdbx_ptnr2_PDB_ins_code 
_struct_conn.ptnr1_auth_asym_id 
_struct_conn.ptnr1_auth_comp_id 
_struct_conn.ptnr1_auth_seq_id 
_struct_conn.ptnr2_auth_asym_id 
_struct_conn.ptnr2_auth_comp_id 
_struct_conn.ptnr2_auth_seq_id 
_struct_conn.ptnr2_symmetry 
_struct_conn.pdbx_ptnr3_label_atom_id 
_struct_conn.pdbx_ptnr3_label_seq_id 
_struct_conn.pdbx_ptnr3_label_comp_id 
_struct_conn.pdbx_ptnr3_label_asym_id 
_struct_conn.pdbx_ptnr3_label_alt_id 
_struct_conn.pdbx_ptnr3_PDB_ins_code 
_struct_conn.details 
_struct_conn.pdbx_dist_value 
_struct_conn.pdbx_value_order 
_struct_conn.pdbx_role 
hydrog1  hydrog ? ? A DG 3  N1 ? ? ? 1_555 D DC 16 N3 ? ? A DG 3  D DC 16 1_555 ? ? ? ? ? ? WATSON-CRICK            ? ? ? 
hydrog2  hydrog ? ? A DG 3  N2 ? ? ? 1_555 D DC 16 O2 ? ? A DG 3  D DC 16 1_555 ? ? ? ? ? ? WATSON-CRICK            ? ? ? 
hydrog3  hydrog ? ? A DG 3  O6 ? ? ? 1_555 D DC 16 N4 ? ? A DG 3  D DC 16 1_555 ? ? ? ? ? ? WATSON-CRICK            ? ? ? 
hydrog4  hydrog ? ? A DC 4  N3 ? ? ? 1_555 D DG 15 N1 ? ? A DC 4  D DG 15 1_555 ? ? ? ? ? ? WATSON-CRICK            ? ? ? 
hydrog5  hydrog ? ? A DC 4  N4 ? ? ? 1_555 D DG 15 O6 ? ? A DC 4  D DG 15 1_555 ? ? ? ? ? ? WATSON-CRICK            ? ? ? 
hydrog6  hydrog ? ? A DC 4  O2 ? ? ? 1_555 D DG 15 N2 ? ? A DC 4  D DG 15 1_555 ? ? ? ? ? ? WATSON-CRICK            ? ? ? 
hydrog7  hydrog ? ? A DA 5  N1 ? ? ? 1_555 D DT 14 N3 ? ? A DA 5  D DT 14 1_555 ? ? ? ? ? ? WATSON-CRICK            ? ? ? 
hydrog8  hydrog ? ? A DA 5  N6 ? ? ? 1_555 D DT 14 O4 ? ? A DA 5  D DT 14 1_555 ? ? ? ? ? ? WATSON-CRICK            ? ? ? 
hydrog9  hydrog ? ? A DG 6  N1 ? ? ? 1_555 D DC 13 N3 ? ? A DG 6  D DC 13 1_555 ? ? ? ? ? ? WATSON-CRICK            ? ? ? 
hydrog10 hydrog ? ? A DG 6  N2 ? ? ? 1_555 D DC 13 O2 ? ? A DG 6  D DC 13 1_555 ? ? ? ? ? ? WATSON-CRICK            ? ? ? 
hydrog11 hydrog ? ? A DG 6  O6 ? ? ? 1_555 D DC 13 N4 ? ? A DG 6  D DC 13 1_555 ? ? ? ? ? ? WATSON-CRICK            ? ? ? 
hydrog12 hydrog ? ? A DA 7  N1 ? ? ? 1_555 D DT 12 N3 ? ? A DA 7  D DT 12 1_555 ? ? ? ? ? ? WATSON-CRICK            ? ? ? 
hydrog13 hydrog ? ? A DA 7  N6 ? ? ? 1_555 D DT 12 O4 ? ? A DA 7  D DT 12 1_555 ? ? ? ? ? ? WATSON-CRICK            ? ? ? 
hydrog14 hydrog ? ? A DC 8  N3 ? ? ? 1_555 D DG 11 N1 ? ? A DC 8  D DG 11 1_555 ? ? ? ? ? ? WATSON-CRICK            ? ? ? 
hydrog15 hydrog ? ? A DC 8  N4 ? ? ? 1_555 D DG 11 O6 ? ? A DC 8  D DG 11 1_555 ? ? ? ? ? ? WATSON-CRICK            ? ? ? 
hydrog16 hydrog ? ? A DC 8  O2 ? ? ? 1_555 D DG 11 N2 ? ? A DC 8  D DG 11 1_555 ? ? ? ? ? ? WATSON-CRICK            ? ? ? 
hydrog17 hydrog ? ? A DG 9  N1 ? ? ? 1_555 D DC 10 N3 ? ? A DG 9  D DC 10 1_555 ? ? ? ? ? ? WATSON-CRICK            ? ? ? 
hydrog18 hydrog ? ? A DG 9  N2 ? ? ? 1_555 D DC 10 O2 ? ? A DG 9  D DC 10 1_555 ? ? ? ? ? ? WATSON-CRICK            ? ? ? 
hydrog19 hydrog ? ? A DG 9  O6 ? ? ? 1_555 D DC 10 N4 ? ? A DG 9  D DC 10 1_555 ? ? ? ? ? ? WATSON-CRICK            ? ? ? 
hydrog20 hydrog ? ? A DT 10 N3 ? ? ? 1_555 C DA 2  N1 ? ? A DT 10 C DA 2  1_555 ? ? ? ? ? ? WATSON-CRICK            ? ? ? 
hydrog21 hydrog ? ? A DT 10 O4 ? ? ? 1_555 C DA 2  N6 ? ? A DT 10 C DA 2  1_555 ? ? ? ? ? ? WATSON-CRICK            ? ? ? 
hydrog22 hydrog ? ? A DG 11 N2 ? ? ? 1_555 C DC 1  O2 ? ? A DG 11 C DC 1  1_555 ? ? ? ? ? ? 'DG-DC PAIR'            ? ? ? 
hydrog23 hydrog ? ? B DA 1  N1 ? ? ? 1_555 C DT 5  N3 ? ? B DA 12 C DT 5  1_555 ? ? ? ? ? ? WATSON-CRICK            ? ? ? 
hydrog24 hydrog ? ? B DA 1  N6 ? ? ? 1_555 C DT 5  O4 ? ? B DA 12 C DT 5  1_555 ? ? ? ? ? ? WATSON-CRICK            ? ? ? 
hydrog25 hydrog ? ? B DC 2  N3 ? ? ? 1_555 C DG 4  N1 ? ? B DC 13 C DG 4  1_555 ? ? ? ? ? ? WATSON-CRICK            ? ? ? 
hydrog26 hydrog ? ? B DC 2  N4 ? ? ? 1_555 C DG 4  O6 ? ? B DC 13 C DG 4  1_555 ? ? ? ? ? ? WATSON-CRICK            ? ? ? 
hydrog27 hydrog ? ? B DC 2  O2 ? ? ? 1_555 C DG 4  N2 ? ? B DC 13 C DG 4  1_555 ? ? ? ? ? ? WATSON-CRICK            ? ? ? 
hydrog28 hydrog ? ? B DA 3  N1 ? ? ? 1_555 C DT 3  N3 ? ? B DA 14 C DT 3  1_555 ? ? ? ? ? ? WATSON-CRICK            ? ? ? 
hydrog29 hydrog ? ? B DA 3  N6 ? ? ? 1_555 C DT 3  O4 ? ? B DA 14 C DT 3  1_555 ? ? ? ? ? ? WATSON-CRICK            ? ? ? 
hydrog30 hydrog ? ? B DG 4  N1 ? ? ? 1_555 D DC 9  N3 ? ? B DG 15 D DC 9  1_555 ? ? ? ? ? ? WATSON-CRICK            ? ? ? 
hydrog31 hydrog ? ? B DG 4  N2 ? ? ? 1_555 D DC 9  O2 ? ? B DG 15 D DC 9  1_555 ? ? ? ? ? ? WATSON-CRICK            ? ? ? 
hydrog32 hydrog ? ? B DG 4  O6 ? ? ? 1_555 D DC 9  N4 ? ? B DG 15 D DC 9  1_555 ? ? ? ? ? ? WATSON-CRICK            ? ? ? 
hydrog33 hydrog ? ? B DC 5  N3 ? ? ? 1_555 D DG 8  N1 ? ? B DC 16 D DG 8  1_555 ? ? ? ? ? ? WATSON-CRICK            ? ? ? 
hydrog34 hydrog ? ? B DC 5  N4 ? ? ? 1_555 D DG 8  O6 ? ? B DC 16 D DG 8  1_555 ? ? ? ? ? ? WATSON-CRICK            ? ? ? 
hydrog35 hydrog ? ? B DC 5  O2 ? ? ? 1_555 D DG 8  N2 ? ? B DC 16 D DG 8  1_555 ? ? ? ? ? ? WATSON-CRICK            ? ? ? 
hydrog36 hydrog ? ? B DA 6  N1 ? ? ? 1_555 D DT 7  N3 ? ? B DA 17 D DT 7  1_555 ? ? ? ? ? ? WATSON-CRICK            ? ? ? 
hydrog37 hydrog ? ? B DA 6  N6 ? ? ? 1_555 D DT 7  O4 ? ? B DA 17 D DT 7  1_555 ? ? ? ? ? ? WATSON-CRICK            ? ? ? 
hydrog38 hydrog ? ? B DC 7  N3 ? ? ? 1_555 D DG 6  N1 ? ? B DC 18 D DG 6  1_555 ? ? ? ? ? ? WATSON-CRICK            ? ? ? 
hydrog39 hydrog ? ? B DC 7  N4 ? ? ? 1_555 D DG 6  O6 ? ? B DC 18 D DG 6  1_555 ? ? ? ? ? ? WATSON-CRICK            ? ? ? 
hydrog40 hydrog ? ? B DC 7  O2 ? ? ? 1_555 D DG 6  N2 ? ? B DC 18 D DG 6  1_555 ? ? ? ? ? ? WATSON-CRICK            ? ? ? 
hydrog41 hydrog ? ? B DT 8  N3 ? ? ? 1_555 D DA 5  N1 ? ? B DT 19 D DA 5  1_555 ? ? ? ? ? ? WATSON-CRICK            ? ? ? 
hydrog42 hydrog ? ? B DT 8  O4 ? ? ? 1_555 D DA 5  N6 ? ? B DT 19 D DA 5  1_555 ? ? ? ? ? ? WATSON-CRICK            ? ? ? 
hydrog43 hydrog ? ? B DC 9  N3 ? ? ? 1_555 D DG 4  N2 ? ? B DC 20 D DG 4  1_555 ? ? ? ? ? ? 'REVERSED WATSON-CRICK' ? ? ? 
hydrog44 hydrog ? ? B DC 9  O2 ? ? ? 1_555 D DG 4  N1 ? ? B DC 20 D DG 4  1_555 ? ? ? ? ? ? 'REVERSED WATSON-CRICK' ? ? ? 
hydrog45 hydrog ? ? B DA 10 N1 ? ? ? 1_555 D DT 3  N3 ? ? B DA 21 D DT 3  1_555 ? ? ? ? ? ? 'DA-DT PAIR'            ? ? ? 
# 
_struct_conn_type.id          hydrog 
_struct_conn_type.criteria    ? 
_struct_conn_type.reference   ? 
# 
_struct_site.id                   AC1 
_struct_site.pdbx_evidence_code   Software 
_struct_site.pdbx_auth_asym_id    C 
_struct_site.pdbx_auth_comp_id    CAC 
_struct_site.pdbx_auth_seq_id     101 
_struct_site.pdbx_auth_ins_code   ? 
_struct_site.pdbx_num_residues    1 
_struct_site.details              'binding site for residue CAC C 101' 
# 
_struct_site_gen.id                   1 
_struct_site_gen.site_id              AC1 
_struct_site_gen.pdbx_num_res         1 
_struct_site_gen.label_comp_id        DG 
_struct_site_gen.label_asym_id        C 
_struct_site_gen.label_seq_id         4 
_struct_site_gen.pdbx_auth_ins_code   ? 
_struct_site_gen.auth_comp_id         DG 
_struct_site_gen.auth_asym_id         C 
_struct_site_gen.auth_seq_id          4 
_struct_site_gen.label_atom_id        . 
_struct_site_gen.label_alt_id         ? 
_struct_site_gen.symmetry             1_555 
_struct_site_gen.details              ? 
# 
_atom_sites.entry_id                    6XFD 
_atom_sites.Cartn_transf_matrix[1][1]   ? 
_atom_sites.Cartn_transf_matrix[1][2]   ? 
_atom_sites.Cartn_transf_matrix[1][3]   ? 
_atom_sites.Cartn_transf_matrix[2][1]   ? 
_atom_sites.Cartn_transf_matrix[2][2]   ? 
_atom_sites.Cartn_transf_matrix[2][3]   ? 
_atom_sites.Cartn_transf_matrix[3][1]   ? 
_atom_sites.Cartn_transf_matrix[3][2]   ? 
_atom_sites.Cartn_transf_matrix[3][3]   ? 
_atom_sites.Cartn_transf_vector[1]      ? 
_atom_sites.Cartn_transf_vector[2]      ? 
_atom_sites.Cartn_transf_vector[3]      ? 
_atom_sites.fract_transf_matrix[1][1]   -0.01616929 
_atom_sites.fract_transf_matrix[1][2]   -0.00072627 
_atom_sites.fract_transf_matrix[1][3]   0.00549876 
_atom_sites.fract_transf_matrix[2][1]   -0.00457552 
_atom_sites.fract_transf_matrix[2][2]   -0.01172494 
_atom_sites.fract_transf_matrix[2][3]   0.01156699 
_atom_sites.fract_transf_matrix[3][1]   0.00366863 
_atom_sites.fract_transf_matrix[3][2]   0.01059074 
_atom_sites.fract_transf_matrix[3][3]   0.01218654 
_atom_sites.fract_transf_vector[1]      -0.185626 
_atom_sites.fract_transf_vector[2]      0.200499 
_atom_sites.fract_transf_vector[3]      -0.014327 
_atom_sites.solution_primary            ? 
_atom_sites.solution_secondary          ? 
_atom_sites.solution_hydrogens          ? 
_atom_sites.special_details             ? 
# 
loop_
_atom_type.symbol 
AS 
C  
N  
O  
P  
# 
loop_
_atom_site.group_PDB 
_atom_site.id 
_atom_site.type_symbol 
_atom_site.label_atom_id 
_atom_site.label_alt_id 
_atom_site.label_comp_id 
_atom_site.label_asym_id 
_atom_site.label_entity_id 
_atom_site.label_seq_id 
_atom_site.pdbx_PDB_ins_code 
_atom_site.Cartn_x 
_atom_site.Cartn_y 
_atom_site.Cartn_z 
_atom_site.occupancy 
_atom_site.B_iso_or_equiv 
_atom_site.pdbx_formal_charge 
_atom_site.auth_seq_id 
_atom_site.auth_comp_id 
_atom_site.auth_asym_id 
_atom_site.auth_atom_id 
_atom_site.pdbx_PDB_model_num 
ATOM   1   O  "O5'" . DG  A 1 1  ? -16.914 5.484   18.647  1.00 161.20 ? 1   DG  A "O5'" 1 
ATOM   2   C  "C5'" . DG  A 1 1  ? -17.354 6.828   18.484  1.00 159.39 ? 1   DG  A "C5'" 1 
ATOM   3   C  "C4'" . DG  A 1 1  ? -18.355 6.933   17.347  1.00 156.26 ? 1   DG  A "C4'" 1 
ATOM   4   O  "O4'" . DG  A 1 1  ? -18.546 8.318   17.010  1.00 147.40 ? 1   DG  A "O4'" 1 
ATOM   5   C  "C3'" . DG  A 1 1  ? -17.914 6.269   16.054  1.00 154.46 ? 1   DG  A "C3'" 1 
ATOM   6   O  "O3'" . DG  A 1 1  ? -18.380 4.924   16.022  1.00 154.24 ? 1   DG  A "O3'" 1 
ATOM   7   C  "C2'" . DG  A 1 1  ? -18.577 7.116   14.959  1.00 149.27 ? 1   DG  A "C2'" 1 
ATOM   8   C  "C1'" . DG  A 1 1  ? -18.972 8.416   15.670  1.00 144.33 ? 1   DG  A "C1'" 1 
ATOM   9   N  N9    . DG  A 1 1  ? -18.384 9.627   15.090  1.00 144.65 ? 1   DG  A N9    1 
ATOM   10  C  C8    . DG  A 1 1  ? -17.799 10.663  15.776  1.00 145.55 ? 1   DG  A C8    1 
ATOM   11  N  N7    . DG  A 1 1  ? -17.369 11.622  15.006  1.00 139.86 ? 1   DG  A N7    1 
ATOM   12  C  C5    . DG  A 1 1  ? -17.689 11.201  13.724  1.00 136.52 ? 1   DG  A C5    1 
ATOM   13  C  C6    . DG  A 1 1  ? -17.466 11.830  12.476  1.00 139.03 ? 1   DG  A C6    1 
ATOM   14  O  O6    . DG  A 1 1  ? -16.923 12.922  12.255  1.00 140.27 ? 1   DG  A O6    1 
ATOM   15  N  N1    . DG  A 1 1  ? -17.947 11.066  11.418  1.00 138.91 ? 1   DG  A N1    1 
ATOM   16  C  C2    . DG  A 1 1  ? -18.566 9.845   11.547  1.00 146.75 ? 1   DG  A C2    1 
ATOM   17  N  N2    . DG  A 1 1  ? -18.961 9.256   10.409  1.00 152.37 ? 1   DG  A N2    1 
ATOM   18  N  N3    . DG  A 1 1  ? -18.782 9.244   12.709  1.00 144.84 ? 1   DG  A N3    1 
ATOM   19  C  C4    . DG  A 1 1  ? -18.320 9.973   13.752  1.00 141.18 ? 1   DG  A C4    1 
ATOM   20  P  P     . DA  A 1 2  ? -17.415 3.743   15.519  1.00 163.17 ? 2   DA  A P     1 
ATOM   21  O  OP1   . DA  A 1 2  ? -18.163 2.473   15.635  1.00 155.93 ? 2   DA  A OP1   1 
ATOM   22  O  OP2   . DA  A 1 2  ? -16.115 3.898   16.211  1.00 157.76 ? 2   DA  A OP2   1 
ATOM   23  O  "O5'" . DA  A 1 2  ? -17.188 4.067   13.970  1.00 152.71 ? 2   DA  A "O5'" 1 
ATOM   24  C  "C5'" . DA  A 1 2  ? -18.298 4.109   13.079  1.00 143.09 ? 2   DA  A "C5'" 1 
ATOM   25  C  "C4'" . DA  A 1 2  ? -17.887 4.685   11.738  1.00 149.49 ? 2   DA  A "C4'" 1 
ATOM   26  O  "O4'" . DA  A 1 2  ? -17.625 6.109   11.879  1.00 143.44 ? 2   DA  A "O4'" 1 
ATOM   27  C  "C3'" . DA  A 1 2  ? -16.616 4.074   11.145  1.00 153.66 ? 2   DA  A "C3'" 1 
ATOM   28  O  "O3'" . DA  A 1 2  ? -16.789 3.837   9.755   1.00 156.15 ? 2   DA  A "O3'" 1 
ATOM   29  C  "C2'" . DA  A 1 2  ? -15.559 5.143   11.405  1.00 146.30 ? 2   DA  A "C2'" 1 
ATOM   30  C  "C1'" . DA  A 1 2  ? -16.381 6.414   11.291  1.00 142.26 ? 2   DA  A "C1'" 1 
ATOM   31  N  N9    . DA  A 1 2  ? -15.796 7.551   11.997  1.00 142.20 ? 2   DA  A N9    1 
ATOM   32  C  C8    . DA  A 1 2  ? -15.610 7.678   13.346  1.00 145.28 ? 2   DA  A C8    1 
ATOM   33  N  N7    . DA  A 1 2  ? -15.056 8.813   13.701  1.00 143.70 ? 2   DA  A N7    1 
ATOM   34  C  C5    . DA  A 1 2  ? -14.862 9.478   12.501  1.00 137.10 ? 2   DA  A C5    1 
ATOM   35  C  C6    . DA  A 1 2  ? -14.311 10.738  12.192  1.00 138.75 ? 2   DA  A C6    1 
ATOM   36  N  N6    . DA  A 1 2  ? -13.837 11.581  13.115  1.00 140.26 ? 2   DA  A N6    1 
ATOM   37  N  N1    . DA  A 1 2  ? -14.266 11.099  10.892  1.00 139.03 ? 2   DA  A N1    1 
ATOM   38  C  C2    . DA  A 1 2  ? -14.744 10.253  9.971   1.00 141.91 ? 2   DA  A C2    1 
ATOM   39  N  N3    . DA  A 1 2  ? -15.281 9.046   10.140  1.00 142.25 ? 2   DA  A N3    1 
ATOM   40  C  C4    . DA  A 1 2  ? -15.312 8.714   11.440  1.00 140.29 ? 2   DA  A C4    1 
ATOM   41  P  P     . DG  A 1 3  ? -15.891 2.733   9.010   1.00 167.54 ? 3   DG  A P     1 
ATOM   42  O  OP1   . DG  A 1 3  ? -16.807 1.831   8.276   1.00 166.57 ? 3   DG  A OP1   1 
ATOM   43  O  OP2   . DG  A 1 3  ? -14.947 2.175   10.003  1.00 151.50 ? 3   DG  A OP2   1 
ATOM   44  O  "O5'" . DG  A 1 3  ? -15.045 3.580   7.950   1.00 154.67 ? 3   DG  A "O5'" 1 
ATOM   45  C  "C5'" . DG  A 1 3  ? -15.715 4.304   6.928   1.00 146.92 ? 3   DG  A "C5'" 1 
ATOM   46  C  "C4'" . DG  A 1 3  ? -14.796 5.340   6.304   1.00 149.74 ? 3   DG  A "C4'" 1 
ATOM   47  O  "O4'" . DG  A 1 3  ? -14.528 6.401   7.263   1.00 146.95 ? 3   DG  A "O4'" 1 
ATOM   48  C  "C3'" . DG  A 1 3  ? -13.428 4.817   5.859   1.00 145.34 ? 3   DG  A "C3'" 1 
ATOM   49  O  "O3'" . DG  A 1 3  ? -13.079 5.404   4.613   1.00 146.36 ? 3   DG  A "O3'" 1 
ATOM   50  C  "C2'" . DG  A 1 3  ? -12.506 5.296   6.976   1.00 146.83 ? 3   DG  A "C2'" 1 
ATOM   51  C  "C1'" . DG  A 1 3  ? -13.140 6.633   7.312   1.00 148.71 ? 3   DG  A "C1'" 1 
ATOM   52  N  N9    . DG  A 1 3  ? -12.791 7.132   8.639   1.00 148.01 ? 3   DG  A N9    1 
ATOM   53  C  C8    . DG  A 1 3  ? -12.995 6.500   9.841   1.00 146.88 ? 3   DG  A C8    1 
ATOM   54  N  N7    . DG  A 1 3  ? -12.579 7.187   10.868  1.00 143.64 ? 3   DG  A N7    1 
ATOM   55  C  C5    . DG  A 1 3  ? -12.063 8.350   10.312  1.00 145.82 ? 3   DG  A C5    1 
ATOM   56  C  C6    . DG  A 1 3  ? -11.469 9.473   10.936  1.00 144.37 ? 3   DG  A C6    1 
ATOM   57  O  O6    . DG  A 1 3  ? -11.276 9.667   12.145  1.00 143.37 ? 3   DG  A O6    1 
ATOM   58  N  N1    . DG  A 1 3  ? -11.082 10.434  10.006  1.00 137.95 ? 3   DG  A N1    1 
ATOM   59  C  C2    . DG  A 1 3  ? -11.247 10.323  8.645   1.00 137.86 ? 3   DG  A C2    1 
ATOM   60  N  N2    . DG  A 1 3  ? -10.810 11.354  7.907   1.00 140.91 ? 3   DG  A N2    1 
ATOM   61  N  N3    . DG  A 1 3  ? -11.803 9.276   8.047   1.00 135.76 ? 3   DG  A N3    1 
ATOM   62  C  C4    . DG  A 1 3  ? -12.188 8.333   8.941   1.00 145.96 ? 3   DG  A C4    1 
ATOM   63  P  P     . DC  A 1 4  ? -11.887 4.801   3.718   1.00 154.50 ? 4   DC  A P     1 
ATOM   64  O  OP1   . DC  A 1 4  ? -12.457 3.719   2.885   1.00 137.95 ? 4   DC  A OP1   1 
ATOM   65  O  OP2   . DC  A 1 4  ? -10.724 4.520   4.587   1.00 157.02 ? 4   DC  A OP2   1 
ATOM   66  O  "O5'" . DC  A 1 4  ? -11.488 6.024   2.772   1.00 144.37 ? 4   DC  A "O5'" 1 
ATOM   67  C  "C5'" . DC  A 1 4  ? -11.705 7.356   3.219   1.00 142.21 ? 4   DC  A "C5'" 1 
ATOM   68  C  "C4'" . DC  A 1 4  ? -10.405 8.136   3.250   1.00 143.38 ? 4   DC  A "C4'" 1 
ATOM   69  O  "O4'" . DC  A 1 4  ? -10.168 8.644   4.592   1.00 151.76 ? 4   DC  A "O4'" 1 
ATOM   70  C  "C3'" . DC  A 1 4  ? -9.158  7.338   2.873   1.00 148.02 ? 4   DC  A "C3'" 1 
ATOM   71  O  "O3'" . DC  A 1 4  ? -8.316  8.145   2.067   1.00 154.67 ? 4   DC  A "O3'" 1 
ATOM   72  C  "C2'" . DC  A 1 4  ? -8.521  7.034   4.229   1.00 147.51 ? 4   DC  A "C2'" 1 
ATOM   73  C  "C1'" . DC  A 1 4  ? -8.868  8.288   5.011   1.00 146.28 ? 4   DC  A "C1'" 1 
ATOM   74  N  N1    . DC  A 1 4  ? -8.891  8.086   6.489   1.00 144.51 ? 4   DC  A N1    1 
ATOM   75  C  C2    . DC  A 1 4  ? -8.358  9.070   7.331   1.00 139.25 ? 4   DC  A C2    1 
ATOM   76  O  O2    . DC  A 1 4  ? -7.872  10.092  6.833   1.00 143.98 ? 4   DC  A O2    1 
ATOM   77  N  N3    . DC  A 1 4  ? -8.391  8.872   8.672   1.00 137.58 ? 4   DC  A N3    1 
ATOM   78  C  C4    . DC  A 1 4  ? -8.925  7.754   9.169   1.00 139.49 ? 4   DC  A C4    1 
ATOM   79  N  N4    . DC  A 1 4  ? -8.935  7.603   10.498  1.00 141.60 ? 4   DC  A N4    1 
ATOM   80  C  C5    . DC  A 1 4  ? -9.469  6.741   8.326   1.00 139.51 ? 4   DC  A C5    1 
ATOM   81  C  C6    . DC  A 1 4  ? -9.433  6.949   7.006   1.00 143.51 ? 4   DC  A C6    1 
ATOM   82  P  P     . DA  A 1 5  ? -7.029  7.527   1.330   1.00 153.05 ? 5   DA  A P     1 
ATOM   83  O  OP1   . DA  A 1 5  ? -7.262  7.646   -0.126  1.00 158.70 ? 5   DA  A OP1   1 
ATOM   84  O  OP2   . DA  A 1 5  ? -6.713  6.202   1.910   1.00 147.41 ? 5   DA  A OP2   1 
ATOM   85  O  "O5'" . DA  A 1 5  ? -5.863  8.538   1.735   1.00 143.55 ? 5   DA  A "O5'" 1 
ATOM   86  C  "C5'" . DA  A 1 5  ? -6.101  9.940   1.674   1.00 141.80 ? 5   DA  A "C5'" 1 
ATOM   87  C  "C4'" . DA  A 1 5  ? -4.919  10.721  2.218   1.00 142.71 ? 5   DA  A "C4'" 1 
ATOM   88  O  "O4'" . DA  A 1 5  ? -4.944  10.706  3.665   1.00 139.16 ? 5   DA  A "O4'" 1 
ATOM   89  C  "C3'" . DA  A 1 5  ? -3.553  10.198  1.806   1.00 143.15 ? 5   DA  A "C3'" 1 
ATOM   90  O  "O3'" . DA  A 1 5  ? -2.668  11.284  1.585   1.00 138.17 ? 5   DA  A "O3'" 1 
ATOM   91  C  "C2'" . DA  A 1 5  ? -3.116  9.334   2.993   1.00 140.12 ? 5   DA  A "C2'" 1 
ATOM   92  C  "C1'" . DA  A 1 5  ? -3.874  9.936   4.178   1.00 139.32 ? 5   DA  A "C1'" 1 
ATOM   93  N  N9    . DA  A 1 5  ? -4.436  8.926   5.074   1.00 137.09 ? 5   DA  A N9    1 
ATOM   94  C  C8    . DA  A 1 5  ? -5.060  7.765   4.712   1.00 141.91 ? 5   DA  A C8    1 
ATOM   95  N  N7    . DA  A 1 5  ? -5.472  7.047   5.731   1.00 142.71 ? 5   DA  A N7    1 
ATOM   96  C  C5    . DA  A 1 5  ? -5.095  7.790   6.836   1.00 137.11 ? 5   DA  A C5    1 
ATOM   97  C  C6    . DA  A 1 5  ? -5.245  7.573   8.220   1.00 139.90 ? 5   DA  A C6    1 
ATOM   98  N  N6    . DA  A 1 5  ? -5.844  6.494   8.736   1.00 136.89 ? 5   DA  A N6    1 
ATOM   99  N  N1    . DA  A 1 5  ? -4.756  8.513   9.056   1.00 138.31 ? 5   DA  A N1    1 
ATOM   100 C  C2    . DA  A 1 5  ? -4.156  9.591   8.534   1.00 139.03 ? 5   DA  A C2    1 
ATOM   101 N  N3    . DA  A 1 5  ? -3.958  9.904   7.254   1.00 135.17 ? 5   DA  A N3    1 
ATOM   102 C  C4    . DA  A 1 5  ? -4.455  8.953   6.449   1.00 135.99 ? 5   DA  A C4    1 
ATOM   103 P  P     . DG  A 1 6  ? -1.172  11.019  1.061   1.00 143.92 ? 6   DG  A P     1 
ATOM   104 O  OP1   . DG  A 1 6  ? -0.803  12.146  0.178   1.00 148.22 ? 6   DG  A OP1   1 
ATOM   105 O  OP2   . DG  A 1 6  ? -1.099  9.632   0.549   1.00 146.26 ? 6   DG  A OP2   1 
ATOM   106 O  "O5'" . DG  A 1 6  ? -0.297  11.106  2.393   1.00 139.87 ? 6   DG  A "O5'" 1 
ATOM   107 C  "C5'" . DG  A 1 6  ? -0.466  12.210  3.267   1.00 138.79 ? 6   DG  A "C5'" 1 
ATOM   108 C  "C4'" . DG  A 1 6  ? 0.221   11.959  4.593   1.00 141.20 ? 6   DG  A "C4'" 1 
ATOM   109 O  "O4'" . DG  A 1 6  ? -0.570  11.046  5.392   1.00 138.96 ? 6   DG  A "O4'" 1 
ATOM   110 C  "C3'" . DG  A 1 6  ? 1.621   11.342  4.490   1.00 143.86 ? 6   DG  A "C3'" 1 
ATOM   111 O  "O3'" . DG  A 1 6  ? 2.546   12.142  5.206   1.00 146.97 ? 6   DG  A "O3'" 1 
ATOM   112 C  "C2'" . DG  A 1 6  ? 1.460   9.957   5.127   1.00 139.75 ? 6   DG  A "C2'" 1 
ATOM   113 C  "C1'" . DG  A 1 6  ? 0.298   10.184  6.078   1.00 135.69 ? 6   DG  A "C1'" 1 
ATOM   114 N  N9    . DG  A 1 6  ? -0.426  8.964   6.420   1.00 132.14 ? 6   DG  A N9    1 
ATOM   115 C  C8    . DG  A 1 6  ? -0.908  8.014   5.552   1.00 135.59 ? 6   DG  A C8    1 
ATOM   116 N  N7    . DG  A 1 6  ? -1.516  7.026   6.148   1.00 136.32 ? 6   DG  A N7    1 
ATOM   117 C  C5    . DG  A 1 6  ? -1.432  7.341   7.498   1.00 132.37 ? 6   DG  A C5    1 
ATOM   118 C  C6    . DG  A 1 6  ? -1.915  6.641   8.630   1.00 134.87 ? 6   DG  A C6    1 
ATOM   119 O  O6    . DG  A 1 6  ? -2.533  5.567   8.662   1.00 138.79 ? 6   DG  A O6    1 
ATOM   120 N  N1    . DG  A 1 6  ? -1.618  7.309   9.814   1.00 134.33 ? 6   DG  A N1    1 
ATOM   121 C  C2    . DG  A 1 6  ? -0.940  8.502   9.895   1.00 136.54 ? 6   DG  A C2    1 
ATOM   122 N  N2    . DG  A 1 6  ? -0.746  8.993   11.129  1.00 134.48 ? 6   DG  A N2    1 
ATOM   123 N  N3    . DG  A 1 6  ? -0.482  9.168   8.843   1.00 132.12 ? 6   DG  A N3    1 
ATOM   124 C  C4    . DG  A 1 6  ? -0.764  8.531   7.683   1.00 131.66 ? 6   DG  A C4    1 
ATOM   125 P  P     . DA  A 1 7  ? 4.126   12.004  4.943   1.00 162.03 ? 7   DA  A P     1 
ATOM   126 O  OP1   . DA  A 1 7  ? 4.593   13.288  4.375   1.00 153.47 ? 7   DA  A OP1   1 
ATOM   127 O  OP2   . DA  A 1 7  ? 4.377   10.743  4.209   1.00 153.46 ? 7   DA  A OP2   1 
ATOM   128 O  "O5'" . DA  A 1 7  ? 4.726   11.846  6.412   1.00 141.11 ? 7   DA  A "O5'" 1 
ATOM   129 C  "C5'" . DA  A 1 7  ? 4.228   12.663  7.459   1.00 147.37 ? 7   DA  A "C5'" 1 
ATOM   130 C  "C4'" . DA  A 1 7  ? 4.171   11.895  8.765   1.00 152.24 ? 7   DA  A "C4'" 1 
ATOM   131 O  "O4'" . DA  A 1 7  ? 3.190   10.835  8.671   1.00 148.52 ? 7   DA  A "O4'" 1 
ATOM   132 C  "C3'" . DA  A 1 7  ? 5.486   11.225  9.175   1.00 155.17 ? 7   DA  A "C3'" 1 
ATOM   133 O  "O3'" . DA  A 1 7  ? 5.923   11.747  10.422  1.00 164.14 ? 7   DA  A "O3'" 1 
ATOM   134 C  "C2'" . DA  A 1 7  ? 5.140   9.731   9.272   1.00 147.66 ? 7   DA  A "C2'" 1 
ATOM   135 C  "C1'" . DA  A 1 7  ? 3.631   9.756   9.450   1.00 143.90 ? 7   DA  A "C1'" 1 
ATOM   136 N  N9    . DA  A 1 7  ? 2.967   8.539   8.988   1.00 140.61 ? 7   DA  A N9    1 
ATOM   137 C  C8    . DA  A 1 7  ? 2.833   8.110   7.696   1.00 142.93 ? 7   DA  A C8    1 
ATOM   138 N  N7    . DA  A 1 7  ? 2.186   6.974   7.580   1.00 137.46 ? 7   DA  A N7    1 
ATOM   139 C  C5    . DA  A 1 7  ? 1.876   6.631   8.885   1.00 132.91 ? 7   DA  A C5    1 
ATOM   140 C  C6    . DA  A 1 7  ? 1.193   5.531   9.442   1.00 133.40 ? 7   DA  A C6    1 
ATOM   141 N  N6    . DA  A 1 7  ? 0.682   4.535   8.712   1.00 134.51 ? 7   DA  A N6    1 
ATOM   142 N  N1    . DA  A 1 7  ? 1.056   5.495   10.784  1.00 133.17 ? 7   DA  A N1    1 
ATOM   143 C  C2    . DA  A 1 7  ? 1.569   6.494   11.513  1.00 134.50 ? 7   DA  A C2    1 
ATOM   144 N  N3    . DA  A 1 7  ? 2.229   7.577   11.104  1.00 138.31 ? 7   DA  A N3    1 
ATOM   145 C  C4    . DA  A 1 7  ? 2.349   7.585   9.767   1.00 135.67 ? 7   DA  A C4    1 
ATOM   146 P  P     . DC  A 1 8  ? 7.396   11.410  10.970  1.00 177.81 ? 8   DC  A P     1 
ATOM   147 O  OP1   . DC  A 1 8  ? 7.805   12.511  11.871  1.00 160.87 ? 8   DC  A OP1   1 
ATOM   148 O  OP2   . DC  A 1 8  ? 8.238   11.060  9.804   1.00 152.37 ? 8   DC  A OP2   1 
ATOM   149 O  "O5'" . DC  A 1 8  ? 7.180   10.081  11.831  1.00 160.40 ? 8   DC  A "O5'" 1 
ATOM   150 C  "C5'" . DC  A 1 8  ? 6.070   9.983   12.715  1.00 152.92 ? 8   DC  A "C5'" 1 
ATOM   151 C  "C4'" . DC  A 1 8  ? 5.865   8.547   13.159  1.00 158.99 ? 8   DC  A "C4'" 1 
ATOM   152 O  "O4'" . DC  A 1 8  ? 5.149   7.819   12.143  1.00 152.34 ? 8   DC  A "O4'" 1 
ATOM   153 C  "C3'" . DC  A 1 8  ? 7.155   7.759   13.392  1.00 165.63 ? 8   DC  A "C3'" 1 
ATOM   154 O  "O3'" . DC  A 1 8  ? 7.395   7.625   14.786  1.00 168.82 ? 8   DC  A "O3'" 1 
ATOM   155 C  "C2'" . DC  A 1 8  ? 6.907   6.392   12.721  1.00 157.10 ? 8   DC  A "C2'" 1 
ATOM   156 C  "C1'" . DC  A 1 8  ? 5.439   6.458   12.308  1.00 149.29 ? 8   DC  A "C1'" 1 
ATOM   157 N  N1    . DC  A 1 8  ? 5.148   5.746   11.032  1.00 140.66 ? 8   DC  A N1    1 
ATOM   158 C  C2    . DC  A 1 8  ? 4.457   4.530   11.063  1.00 133.78 ? 8   DC  A C2    1 
ATOM   159 O  O2    . DC  A 1 8  ? 4.094   4.070   12.153  1.00 128.36 ? 8   DC  A O2    1 
ATOM   160 N  N3    . DC  A 1 8  ? 4.201   3.891   9.896   1.00 129.06 ? 8   DC  A N3    1 
ATOM   161 C  C4    . DC  A 1 8  ? 4.609   4.420   8.741   1.00 135.08 ? 8   DC  A C4    1 
ATOM   162 N  N4    . DC  A 1 8  ? 4.333   3.753   7.616   1.00 134.60 ? 8   DC  A N4    1 
ATOM   163 C  C5    . DC  A 1 8  ? 5.318   5.656   8.690   1.00 132.26 ? 8   DC  A C5    1 
ATOM   164 C  C6    . DC  A 1 8  ? 5.565   6.278   9.847   1.00 137.41 ? 8   DC  A C6    1 
ATOM   165 P  P     . DG  A 1 9  ? 8.710   6.864   15.310  1.00 178.54 ? 9   DG  A P     1 
ATOM   166 O  OP1   . DG  A 1 9  ? 9.070   7.463   16.615  1.00 172.30 ? 9   DG  A OP1   1 
ATOM   167 O  OP2   . DG  A 1 9  ? 9.700   6.852   14.210  1.00 158.24 ? 9   DG  A OP2   1 
ATOM   168 O  "O5'" . DG  A 1 9  ? 8.209   5.362   15.551  1.00 163.02 ? 9   DG  A "O5'" 1 
ATOM   169 C  "C5'" . DG  A 1 9  ? 7.068   5.126   16.364  1.00 148.47 ? 9   DG  A "C5'" 1 
ATOM   170 C  "C4'" . DG  A 1 9  ? 6.698   3.651   16.393  1.00 150.60 ? 9   DG  A "C4'" 1 
ATOM   171 O  "O4'" . DG  A 1 9  ? 6.190   3.235   15.099  1.00 150.37 ? 9   DG  A "O4'" 1 
ATOM   172 C  "C3'" . DG  A 1 9  ? 7.838   2.689   16.728  1.00 147.02 ? 9   DG  A "C3'" 1 
ATOM   173 O  "O3'" . DG  A 1 9  ? 7.352   1.707   17.634  1.00 153.45 ? 9   DG  A "O3'" 1 
ATOM   174 C  "C2'" . DG  A 1 9  ? 8.188   2.082   15.364  1.00 141.94 ? 9   DG  A "C2'" 1 
ATOM   175 C  "C1'" . DG  A 1 9  ? 6.814   2.027   14.726  1.00 143.09 ? 9   DG  A "C1'" 1 
ATOM   176 N  N9    . DG  A 1 9  ? 6.806   1.949   13.265  1.00 141.30 ? 9   DG  A N9    1 
ATOM   177 C  C8    . DG  A 1 9  ? 7.255   2.899   12.380  1.00 140.28 ? 9   DG  A C8    1 
ATOM   178 N  N7    . DG  A 1 9  ? 7.083   2.567   11.129  1.00 130.12 ? 9   DG  A N7    1 
ATOM   179 C  C5    . DG  A 1 9  ? 6.467   1.323   11.189  1.00 122.06 ? 9   DG  A C5    1 
ATOM   180 C  C6    . DG  A 1 9  ? 6.037   0.467   10.146  1.00 122.40 ? 9   DG  A C6    1 
ATOM   181 O  O6    . DG  A 1 9  ? 6.119   0.646   8.923   1.00 120.37 ? 9   DG  A O6    1 
ATOM   182 N  N1    . DG  A 1 9  ? 5.463   -0.701  10.643  1.00 111.72 ? 9   DG  A N1    1 
ATOM   183 C  C2    . DG  A 1 9  ? 5.323   -1.005  11.977  1.00 116.06 ? 9   DG  A C2    1 
ATOM   184 N  N2    . DG  A 1 9  ? 4.740   -2.178  12.263  1.00 107.85 ? 9   DG  A N2    1 
ATOM   185 N  N3    . DG  A 1 9  ? 5.720   -0.210  12.963  1.00 123.83 ? 9   DG  A N3    1 
ATOM   186 C  C4    . DG  A 1 9  ? 6.286   0.931   12.497  1.00 126.00 ? 9   DG  A C4    1 
ATOM   187 P  P     . DT  A 1 10 ? 8.317   0.547   18.182  1.00 166.42 ? 10  DT  A P     1 
ATOM   188 O  OP1   . DT  A 1 10 ? 7.761   0.091   19.475  1.00 159.19 ? 10  DT  A OP1   1 
ATOM   189 O  OP2   . DT  A 1 10 ? 9.711   1.038   18.108  1.00 145.39 ? 10  DT  A OP2   1 
ATOM   190 O  "O5'" . DT  A 1 10 ? 8.147   -0.625  17.110  1.00 150.49 ? 10  DT  A "O5'" 1 
ATOM   191 C  "C5'" . DT  A 1 10 ? 6.987   -1.450  17.130  1.00 144.22 ? 10  DT  A "C5'" 1 
ATOM   192 C  "C4'" . DT  A 1 10 ? 7.330   -2.866  16.698  1.00 144.01 ? 10  DT  A "C4'" 1 
ATOM   193 O  "O4'" . DT  A 1 10 ? 7.207   -2.982  15.253  1.00 136.32 ? 10  DT  A "O4'" 1 
ATOM   194 C  "C3'" . DT  A 1 10 ? 8.751   -3.308  17.028  1.00 150.94 ? 10  DT  A "C3'" 1 
ATOM   195 O  "O3'" . DT  A 1 10 ? 8.769   -4.699  17.299  1.00 155.39 ? 10  DT  A "O3'" 1 
ATOM   196 C  "C2'" . DT  A 1 10 ? 9.495   -2.991  15.735  1.00 146.17 ? 10  DT  A "C2'" 1 
ATOM   197 C  "C1'" . DT  A 1 10 ? 8.448   -3.378  14.704  1.00 137.04 ? 10  DT  A "C1'" 1 
ATOM   198 N  N1    . DT  A 1 10 ? 8.617   -2.699  13.391  1.00 128.70 ? 10  DT  A N1    1 
ATOM   199 C  C2    . DT  A 1 10 ? 8.060   -3.262  12.268  1.00 126.25 ? 10  DT  A C2    1 
ATOM   200 O  O2    . DT  A 1 10 ? 7.429   -4.304  12.288  1.00 131.62 ? 10  DT  A O2    1 
ATOM   201 N  N3    . DT  A 1 10 ? 8.268   -2.560  11.112  1.00 124.92 ? 10  DT  A N3    1 
ATOM   202 C  C4    . DT  A 1 10 ? 8.963   -1.375  10.968  1.00 127.77 ? 10  DT  A C4    1 
ATOM   203 O  O4    . DT  A 1 10 ? 9.095   -0.818  9.882   1.00 123.99 ? 10  DT  A O4    1 
ATOM   204 C  C5    . DT  A 1 10 ? 9.523   -0.837  12.185  1.00 128.38 ? 10  DT  A C5    1 
ATOM   205 C  C7    . DT  A 1 10 ? 10.299  0.445   12.155  1.00 127.23 ? 10  DT  A C7    1 
ATOM   206 C  C6    . DT  A 1 10 ? 9.325   -1.517  13.324  1.00 132.39 ? 10  DT  A C6    1 
ATOM   207 P  P     . DG  A 1 11 ? 8.711   -5.234  18.813  1.00 159.40 ? 11  DG  A P     1 
ATOM   208 O  OP1   . DG  A 1 11 ? 7.387   -4.877  19.369  1.00 164.62 ? 11  DG  A OP1   1 
ATOM   209 O  OP2   . DG  A 1 11 ? 9.942   -4.785  19.500  1.00 148.07 ? 11  DG  A OP2   1 
ATOM   210 O  "O5'" . DG  A 1 11 ? 8.784   -6.821  18.649  1.00 148.35 ? 11  DG  A "O5'" 1 
ATOM   211 C  "C5'" . DG  A 1 11 ? 7.960   -7.470  17.688  1.00 146.28 ? 11  DG  A "C5'" 1 
ATOM   212 C  "C4'" . DG  A 1 11 ? 8.804   -8.134  16.614  1.00 151.77 ? 11  DG  A "C4'" 1 
ATOM   213 O  "O4'" . DG  A 1 11 ? 9.153   -7.169  15.592  1.00 154.38 ? 11  DG  A "O4'" 1 
ATOM   214 C  "C3'" . DG  A 1 11 ? 10.127  -8.730  17.110  1.00 146.98 ? 11  DG  A "C3'" 1 
ATOM   215 O  "O3'" . DG  A 1 11 ? 10.162  -10.123 16.836  1.00 141.83 ? 11  DG  A "O3'" 1 
ATOM   216 C  "C2'" . DG  A 1 11 ? 11.205  -7.968  16.325  1.00 139.86 ? 11  DG  A "C2'" 1 
ATOM   217 C  "C1'" . DG  A 1 11 ? 10.436  -7.473  15.112  1.00 142.92 ? 11  DG  A "C1'" 1 
ATOM   218 N  N9    . DG  A 1 11 ? 11.006  -6.269  14.511  1.00 138.71 ? 11  DG  A N9    1 
ATOM   219 C  C8    . DG  A 1 11 ? 11.752  -5.304  15.145  1.00 137.17 ? 11  DG  A C8    1 
ATOM   220 N  N7    . DG  A 1 11 ? 12.129  -4.336  14.356  1.00 133.27 ? 11  DG  A N7    1 
ATOM   221 C  C5    . DG  A 1 11 ? 11.604  -4.681  13.117  1.00 130.73 ? 11  DG  A C5    1 
ATOM   222 C  C6    . DG  A 1 11 ? 11.686  -4.011  11.874  1.00 126.84 ? 11  DG  A C6    1 
ATOM   223 O  O6    . DG  A 1 11 ? 12.261  -2.945  11.613  1.00 130.79 ? 11  DG  A O6    1 
ATOM   224 N  N1    . DG  A 1 11 ? 11.017  -4.705  10.869  1.00 125.89 ? 11  DG  A N1    1 
ATOM   225 C  C2    . DG  A 1 11 ? 10.349  -5.894  11.044  1.00 134.03 ? 11  DG  A C2    1 
ATOM   226 N  N2    . DG  A 1 11 ? 9.762   -6.410  9.956   1.00 129.31 ? 11  DG  A N2    1 
ATOM   227 N  N3    . DG  A 1 11 ? 10.263  -6.532  12.206  1.00 136.10 ? 11  DG  A N3    1 
ATOM   228 C  C4    . DG  A 1 11 ? 10.912  -5.870  13.195  1.00 135.05 ? 11  DG  A C4    1 
ATOM   229 P  P     . DA  B 2 1  ? 15.327  -16.326 -7.104  1.00 162.15 ? 12  DA  B P     1 
ATOM   230 O  OP1   . DA  B 2 1  ? 16.555  -16.982 -7.605  1.00 155.20 ? 12  DA  B OP1   1 
ATOM   231 O  OP2   . DA  B 2 1  ? 15.396  -15.412 -5.941  1.00 143.90 ? 12  DA  B OP2   1 
ATOM   232 O  "O5'" . DA  B 2 1  ? 14.237  -17.453 -6.789  1.00 150.07 ? 12  DA  B "O5'" 1 
ATOM   233 C  "C5'" . DA  B 2 1  ? 14.318  -18.723 -7.430  1.00 145.39 ? 12  DA  B "C5'" 1 
ATOM   234 C  "C4'" . DA  B 2 1  ? 13.012  -19.057 -8.125  1.00 141.62 ? 12  DA  B "C4'" 1 
ATOM   235 O  "O4'" . DA  B 2 1  ? 11.959  -19.195 -7.131  1.00 135.78 ? 12  DA  B "O4'" 1 
ATOM   236 C  "C3'" . DA  B 2 1  ? 12.525  -17.999 -9.119  1.00 143.20 ? 12  DA  B "C3'" 1 
ATOM   237 O  "O3'" . DA  B 2 1  ? 12.019  -18.620 -10.296 1.00 151.95 ? 12  DA  B "O3'" 1 
ATOM   238 C  "C2'" . DA  B 2 1  ? 11.427  -17.277 -8.348  1.00 131.79 ? 12  DA  B "C2'" 1 
ATOM   239 C  "C1'" . DA  B 2 1  ? 10.857  -18.401 -7.501  1.00 129.37 ? 12  DA  B "C1'" 1 
ATOM   240 N  N9    . DA  B 2 1  ? 10.194  -17.918 -6.295  1.00 129.51 ? 12  DA  B N9    1 
ATOM   241 C  C8    . DA  B 2 1  ? 10.680  -17.007 -5.399  1.00 134.91 ? 12  DA  B C8    1 
ATOM   242 N  N7    . DA  B 2 1  ? 9.858   -16.744 -4.412  1.00 131.54 ? 12  DA  B N7    1 
ATOM   243 C  C5    . DA  B 2 1  ? 8.752   -17.532 -4.681  1.00 134.17 ? 12  DA  B C5    1 
ATOM   244 C  C6    . DA  B 2 1  ? 7.527   -17.711 -4.009  1.00 130.89 ? 12  DA  B C6    1 
ATOM   245 N  N6    . DA  B 2 1  ? 7.209   -17.073 -2.876  1.00 126.63 ? 12  DA  B N6    1 
ATOM   246 N  N1    . DA  B 2 1  ? 6.638   -18.574 -4.544  1.00 127.08 ? 12  DA  B N1    1 
ATOM   247 C  C2    . DA  B 2 1  ? 6.961   -19.211 -5.677  1.00 127.94 ? 12  DA  B C2    1 
ATOM   248 N  N3    . DA  B 2 1  ? 8.077   -19.125 -6.399  1.00 127.93 ? 12  DA  B N3    1 
ATOM   249 C  C4    . DA  B 2 1  ? 8.941   -18.261 -5.841  1.00 132.08 ? 12  DA  B C4    1 
ATOM   250 P  P     . DC  B 2 2  ? 11.677  -17.735 -11.594 1.00 167.98 ? 13  DC  B P     1 
ATOM   251 O  OP1   . DC  B 2 2  ? 11.426  -18.664 -12.718 1.00 148.37 ? 13  DC  B OP1   1 
ATOM   252 O  OP2   . DC  B 2 2  ? 12.723  -16.696 -11.720 1.00 149.51 ? 13  DC  B OP2   1 
ATOM   253 O  "O5'" . DC  B 2 2  ? 10.305  -17.005 -11.211 1.00 138.36 ? 13  DC  B "O5'" 1 
ATOM   254 C  "C5'" . DC  B 2 2  ? 9.211   -17.024 -12.113 1.00 135.57 ? 13  DC  B "C5'" 1 
ATOM   255 C  "C4'" . DC  B 2 2  ? 7.957   -17.525 -11.422 1.00 132.60 ? 13  DC  B "C4'" 1 
ATOM   256 O  "O4'" . DC  B 2 2  ? 8.185   -17.606 -9.999  1.00 131.20 ? 13  DC  B "O4'" 1 
ATOM   257 C  "C3'" . DC  B 2 2  ? 6.752   -16.618 -11.545 1.00 136.84 ? 13  DC  B "C3'" 1 
ATOM   258 O  "O3'" . DC  B 2 2  ? 6.091   -16.848 -12.785 1.00 140.89 ? 13  DC  B "O3'" 1 
ATOM   259 C  "C2'" . DC  B 2 2  ? 5.897   -17.069 -10.364 1.00 127.12 ? 13  DC  B "C2'" 1 
ATOM   260 C  "C1'" . DC  B 2 2  ? 6.942   -17.496 -9.325  1.00 129.47 ? 13  DC  B "C1'" 1 
ATOM   261 N  N1    . DC  B 2 2  ? 7.089   -16.537 -8.179  1.00 124.61 ? 13  DC  B N1    1 
ATOM   262 C  C2    . DC  B 2 2  ? 6.044   -16.392 -7.252  1.00 127.95 ? 13  DC  B C2    1 
ATOM   263 O  O2    . DC  B 2 2  ? 5.009   -17.056 -7.394  1.00 128.27 ? 13  DC  B O2    1 
ATOM   264 N  N3    . DC  B 2 2  ? 6.199   -15.525 -6.222  1.00 123.22 ? 13  DC  B N3    1 
ATOM   265 C  C4    . DC  B 2 2  ? 7.328   -14.827 -6.099  1.00 125.95 ? 13  DC  B C4    1 
ATOM   266 N  N4    . DC  B 2 2  ? 7.432   -13.985 -5.066  1.00 123.88 ? 13  DC  B N4    1 
ATOM   267 C  C5    . DC  B 2 2  ? 8.401   -14.963 -7.028  1.00 126.62 ? 13  DC  B C5    1 
ATOM   268 C  C6    . DC  B 2 2  ? 8.240   -15.820 -8.042  1.00 123.79 ? 13  DC  B C6    1 
ATOM   269 P  P     . DA  B 2 3  ? 5.192   -15.692 -13.446 1.00 160.58 ? 14  DA  B P     1 
ATOM   270 O  OP1   . DA  B 2 3  ? 5.776   -15.377 -14.768 1.00 153.66 ? 14  DA  B OP1   1 
ATOM   271 O  OP2   . DA  B 2 3  ? 5.021   -14.621 -12.440 1.00 141.48 ? 14  DA  B OP2   1 
ATOM   272 O  "O5'" . DA  B 2 3  ? 3.770   -16.387 -13.669 1.00 147.05 ? 14  DA  B "O5'" 1 
ATOM   273 C  "C5'" . DA  B 2 3  ? 3.281   -17.327 -12.721 1.00 137.08 ? 14  DA  B "C5'" 1 
ATOM   274 C  "C4'" . DA  B 2 3  ? 2.257   -16.690 -11.799 1.00 136.57 ? 14  DA  B "C4'" 1 
ATOM   275 O  "O4'" . DA  B 2 3  ? 2.888   -16.282 -10.561 1.00 139.22 ? 14  DA  B "O4'" 1 
ATOM   276 C  "C3'" . DA  B 2 3  ? 1.556   -15.445 -12.355 1.00 140.17 ? 14  DA  B "C3'" 1 
ATOM   277 O  "O3'" . DA  B 2 3  ? 0.146   -15.693 -12.440 1.00 145.76 ? 14  DA  B "O3'" 1 
ATOM   278 C  "C2'" . DA  B 2 3  ? 1.903   -14.336 -11.346 1.00 138.88 ? 14  DA  B "C2'" 1 
ATOM   279 C  "C1'" . DA  B 2 3  ? 2.244   -15.127 -10.095 1.00 137.22 ? 14  DA  B "C1'" 1 
ATOM   280 N  N9    . DA  B 2 3  ? 3.145   -14.423 -9.180  1.00 132.33 ? 14  DA  B N9    1 
ATOM   281 C  C8    . DA  B 2 3  ? 4.480   -14.188 -9.356  1.00 130.68 ? 14  DA  B C8    1 
ATOM   282 N  N7    . DA  B 2 3  ? 5.038   -13.530 -8.366  1.00 120.77 ? 14  DA  B N7    1 
ATOM   283 C  C5    . DA  B 2 3  ? 3.996   -13.317 -7.479  1.00 120.91 ? 14  DA  B C5    1 
ATOM   284 C  C6    . DA  B 2 3  ? 3.931   -12.672 -6.228  1.00 115.40 ? 14  DA  B C6    1 
ATOM   285 N  N6    . DA  B 2 3  ? 4.987   -12.103 -5.638  1.00 113.48 ? 14  DA  B N6    1 
ATOM   286 N  N1    . DA  B 2 3  ? 2.735   -12.637 -5.604  1.00 112.97 ? 14  DA  B N1    1 
ATOM   287 C  C2    . DA  B 2 3  ? 1.680   -13.210 -6.196  1.00 119.98 ? 14  DA  B C2    1 
ATOM   288 N  N3    . DA  B 2 3  ? 1.618   -13.841 -7.369  1.00 119.33 ? 14  DA  B N3    1 
ATOM   289 C  C4    . DA  B 2 3  ? 2.821   -13.861 -7.965  1.00 120.71 ? 14  DA  B C4    1 
ATOM   290 P  P     . DG  B 2 4  ? -0.923  -14.490 -12.424 1.00 156.69 ? 15  DG  B P     1 
ATOM   291 O  OP1   . DG  B 2 4  ? -2.193  -15.049 -12.934 1.00 148.63 ? 15  DG  B OP1   1 
ATOM   292 O  OP2   . DG  B 2 4  ? -0.349  -13.294 -13.082 1.00 152.86 ? 15  DG  B OP2   1 
ATOM   293 O  "O5'" . DG  B 2 4  ? -1.118  -14.182 -10.869 1.00 141.49 ? 15  DG  B "O5'" 1 
ATOM   294 C  "C5'" . DG  B 2 4  ? -2.180  -14.793 -10.153 1.00 144.55 ? 15  DG  B "C5'" 1 
ATOM   295 C  "C4'" . DG  B 2 4  ? -2.939  -13.764 -9.335  1.00 140.76 ? 15  DG  B "C4'" 1 
ATOM   296 O  "O4'" . DG  B 2 4  ? -2.023  -13.100 -8.425  1.00 142.39 ? 15  DG  B "O4'" 1 
ATOM   297 C  "C3'" . DG  B 2 4  ? -3.590  -12.647 -10.141 1.00 137.82 ? 15  DG  B "C3'" 1 
ATOM   298 O  "O3'" . DG  B 2 4  ? -4.738  -12.176 -9.452  1.00 144.75 ? 15  DG  B "O3'" 1 
ATOM   299 C  "C2'" . DG  B 2 4  ? -2.493  -11.592 -10.171 1.00 134.19 ? 15  DG  B "C2'" 1 
ATOM   300 C  "C1'" . DG  B 2 4  ? -1.903  -11.733 -8.773  1.00 139.76 ? 15  DG  B "C1'" 1 
ATOM   301 N  N9    . DG  B 2 4  ? -0.493  -11.357 -8.692  1.00 136.31 ? 15  DG  B N9    1 
ATOM   302 C  C8    . DG  B 2 4  ? 0.492   -11.635 -9.610  1.00 136.61 ? 15  DG  B C8    1 
ATOM   303 N  N7    . DG  B 2 4  ? 1.665   -11.174 -9.270  1.00 124.37 ? 15  DG  B N7    1 
ATOM   304 C  C5    . DG  B 2 4  ? 1.443   -10.549 -8.049  1.00 121.21 ? 15  DG  B C5    1 
ATOM   305 C  C6    . DG  B 2 4  ? 2.346   -9.871  -7.197  1.00 124.37 ? 15  DG  B C6    1 
ATOM   306 O  O6    . DG  B 2 4  ? 3.559   -9.678  -7.359  1.00 125.70 ? 15  DG  B O6    1 
ATOM   307 N  N1    . DG  B 2 4  ? 1.710   -9.388  -6.055  1.00 117.07 ? 15  DG  B N1    1 
ATOM   308 C  C2    . DG  B 2 4  ? 0.374   -9.544  -5.773  1.00 114.56 ? 15  DG  B C2    1 
ATOM   309 N  N2    . DG  B 2 4  ? -0.058  -9.008  -4.620  1.00 111.33 ? 15  DG  B N2    1 
ATOM   310 N  N3    . DG  B 2 4  ? -0.483  -10.178 -6.563  1.00 119.97 ? 15  DG  B N3    1 
ATOM   311 C  C4    . DG  B 2 4  ? 0.121   -10.654 -7.680  1.00 123.82 ? 15  DG  B C4    1 
ATOM   312 P  P     . DC  B 2 5  ? -5.831  -11.264 -10.197 1.00 153.18 ? 16  DC  B P     1 
ATOM   313 O  OP1   . DC  B 2 5  ? -6.818  -12.173 -10.824 1.00 129.69 ? 16  DC  B OP1   1 
ATOM   314 O  OP2   . DC  B 2 5  ? -5.135  -10.256 -11.028 1.00 149.17 ? 16  DC  B OP2   1 
ATOM   315 O  "O5'" . DC  B 2 5  ? -6.533  -10.486 -8.992  1.00 144.97 ? 16  DC  B "O5'" 1 
ATOM   316 C  "C5'" . DC  B 2 5  ? -6.014  -10.623 -7.674  1.00 140.69 ? 16  DC  B "C5'" 1 
ATOM   317 C  "C4'" . DC  B 2 5  ? -6.116  -9.317  -6.907  1.00 144.49 ? 16  DC  B "C4'" 1 
ATOM   318 O  "O4'" . DC  B 2 5  ? -4.787  -8.808  -6.621  1.00 145.46 ? 16  DC  B "O4'" 1 
ATOM   319 C  "C3'" . DC  B 2 5  ? -6.831  -8.193  -7.638  1.00 141.92 ? 16  DC  B "C3'" 1 
ATOM   320 O  "O3'" . DC  B 2 5  ? -7.449  -7.339  -6.687  1.00 140.52 ? 16  DC  B "O3'" 1 
ATOM   321 C  "C2'" . DC  B 2 5  ? -5.679  -7.494  -8.357  1.00 142.12 ? 16  DC  B "C2'" 1 
ATOM   322 C  "C1'" . DC  B 2 5  ? -4.574  -7.589  -7.312  1.00 139.86 ? 16  DC  B "C1'" 1 
ATOM   323 N  N1    . DC  B 2 5  ? -3.196  -7.617  -7.885  1.00 127.68 ? 16  DC  B N1    1 
ATOM   324 C  C2    . DC  B 2 5  ? -2.145  -7.011  -7.187  1.00 123.59 ? 16  DC  B C2    1 
ATOM   325 O  O2    . DC  B 2 5  ? -2.381  -6.446  -6.112  1.00 120.73 ? 16  DC  B O2    1 
ATOM   326 N  N3    . DC  B 2 5  ? -0.894  -7.056  -7.713  1.00 117.76 ? 16  DC  B N3    1 
ATOM   327 C  C4    . DC  B 2 5  ? -0.680  -7.676  -8.875  1.00 124.86 ? 16  DC  B C4    1 
ATOM   328 N  N4    . DC  B 2 5  ? 0.568   -7.696  -9.354  1.00 121.44 ? 16  DC  B N4    1 
ATOM   329 C  C5    . DC  B 2 5  ? -1.738  -8.300  -9.598  1.00 130.89 ? 16  DC  B C5    1 
ATOM   330 C  C6    . DC  B 2 5  ? -2.967  -8.251  -9.069  1.00 128.67 ? 16  DC  B C6    1 
ATOM   331 P  P     . DA  B 2 6  ? -8.766  -6.505  -7.071  1.00 155.99 ? 17  DA  B P     1 
ATOM   332 O  OP1   . DA  B 2 6  ? -9.857  -6.947  -6.175  1.00 158.33 ? 17  DA  B OP1   1 
ATOM   333 O  OP2   . DA  B 2 6  ? -8.938  -6.582  -8.539  1.00 149.18 ? 17  DA  B OP2   1 
ATOM   334 O  "O5'" . DA  B 2 6  ? -8.369  -5.005  -6.691  1.00 144.07 ? 17  DA  B "O5'" 1 
ATOM   335 C  "C5'" . DA  B 2 6  ? -7.030  -4.577  -6.863  1.00 130.64 ? 17  DA  B "C5'" 1 
ATOM   336 C  "C4'" . DA  B 2 6  ? -6.570  -3.741  -5.687  1.00 127.94 ? 17  DA  B "C4'" 1 
ATOM   337 O  "O4'" . DA  B 2 6  ? -5.141  -3.868  -5.540  1.00 132.69 ? 17  DA  B "O4'" 1 
ATOM   338 C  "C3'" . DA  B 2 6  ? -6.793  -2.255  -5.850  1.00 130.58 ? 17  DA  B "C3'" 1 
ATOM   339 O  "O3'" . DA  B 2 6  ? -6.755  -1.623  -4.579  1.00 130.49 ? 17  DA  B "O3'" 1 
ATOM   340 C  "C2'" . DA  B 2 6  ? -5.598  -1.856  -6.715  1.00 129.43 ? 17  DA  B "C2'" 1 
ATOM   341 C  "C1'" . DA  B 2 6  ? -4.498  -2.798  -6.213  1.00 126.16 ? 17  DA  B "C1'" 1 
ATOM   342 N  N9    . DA  B 2 6  ? -3.675  -3.363  -7.281  1.00 117.02 ? 17  DA  B N9    1 
ATOM   343 C  C8    . DA  B 2 6  ? -4.106  -4.079  -8.363  1.00 120.00 ? 17  DA  B C8    1 
ATOM   344 N  N7    . DA  B 2 6  ? -3.140  -4.475  -9.157  1.00 120.72 ? 17  DA  B N7    1 
ATOM   345 C  C5    . DA  B 2 6  ? -1.995  -3.989  -8.553  1.00 114.11 ? 17  DA  B C5    1 
ATOM   346 C  C6    . DA  B 2 6  ? -0.632  -4.071  -8.901  1.00 117.11 ? 17  DA  B C6    1 
ATOM   347 N  N6    . DA  B 2 6  ? -0.187  -4.703  -9.993  1.00 113.02 ? 17  DA  B N6    1 
ATOM   348 N  N1    . DA  B 2 6  ? 0.257   -3.475  -8.080  1.00 114.68 ? 17  DA  B N1    1 
ATOM   349 C  C2    . DA  B 2 6  ? -0.193  -2.843  -6.989  1.00 117.24 ? 17  DA  B C2    1 
ATOM   350 N  N3    . DA  B 2 6  ? -1.446  -2.701  -6.559  1.00 116.72 ? 17  DA  B N3    1 
ATOM   351 C  C4    . DA  B 2 6  ? -2.306  -3.302  -7.394  1.00 113.14 ? 17  DA  B C4    1 
ATOM   352 P  P     . DC  B 2 7  ? -7.198  -0.087  -4.428  1.00 142.77 ? 18  DC  B P     1 
ATOM   353 O  OP1   . DC  B 2 7  ? -7.512  0.158   -3.003  1.00 122.31 ? 18  DC  B OP1   1 
ATOM   354 O  OP2   . DC  B 2 7  ? -8.226  0.174   -5.460  1.00 131.92 ? 18  DC  B OP2   1 
ATOM   355 O  "O5'" . DC  B 2 7  ? -5.880  0.732   -4.824  1.00 132.23 ? 18  DC  B "O5'" 1 
ATOM   356 C  "C5'" . DC  B 2 7  ? -4.658  0.472   -4.146  1.00 129.63 ? 18  DC  B "C5'" 1 
ATOM   357 C  "C4'" . DC  B 2 7  ? -3.508  1.258   -4.756  1.00 131.91 ? 18  DC  B "C4'" 1 
ATOM   358 O  "O4'" . DC  B 2 7  ? -2.819  0.452   -5.744  1.00 129.68 ? 18  DC  B "O4'" 1 
ATOM   359 C  "C3'" . DC  B 2 7  ? -3.896  2.567   -5.457  1.00 133.25 ? 18  DC  B "C3'" 1 
ATOM   360 O  "O3'" . DC  B 2 7  ? -3.081  3.624   -4.951  1.00 133.79 ? 18  DC  B "O3'" 1 
ATOM   361 C  "C2'" . DC  B 2 7  ? -3.609  2.275   -6.935  1.00 136.52 ? 18  DC  B "C2'" 1 
ATOM   362 C  "C1'" . DC  B 2 7  ? -2.482  1.264   -6.841  1.00 127.90 ? 18  DC  B "C1'" 1 
ATOM   363 N  N1    . DC  B 2 7  ? -2.340  0.389   -8.047  1.00 120.05 ? 18  DC  B N1    1 
ATOM   364 C  C2    . DC  B 2 7  ? -1.064  0.003   -8.476  1.00 126.85 ? 18  DC  B C2    1 
ATOM   365 O  O2    . DC  B 2 7  ? -0.071  0.403   -7.855  1.00 128.67 ? 18  DC  B O2    1 
ATOM   366 N  N3    . DC  B 2 7  ? -0.952  -0.800  -9.564  1.00 125.48 ? 18  DC  B N3    1 
ATOM   367 C  C4    . DC  B 2 7  ? -2.045  -1.212  -10.207 1.00 124.23 ? 18  DC  B C4    1 
ATOM   368 N  N4    . DC  B 2 7  ? -1.884  -2.002  -11.274 1.00 127.97 ? 18  DC  B N4    1 
ATOM   369 C  C5    . DC  B 2 7  ? -3.354  -0.834  -9.781  1.00 124.69 ? 18  DC  B C5    1 
ATOM   370 C  C6    . DC  B 2 7  ? -3.453  -0.041  -8.708  1.00 122.30 ? 18  DC  B C6    1 
ATOM   371 P  P     . DT  B 2 8  ? -3.229  5.137   -5.480  1.00 149.08 ? 19  DT  B P     1 
ATOM   372 O  OP1   . DT  B 2 8  ? -3.423  5.975   -4.276  1.00 134.55 ? 19  DT  B OP1   1 
ATOM   373 O  OP2   . DT  B 2 8  ? -4.219  5.206   -6.580  1.00 142.21 ? 19  DT  B OP2   1 
ATOM   374 O  "O5'" . DT  B 2 8  ? -1.772  5.469   -6.055  1.00 138.61 ? 19  DT  B "O5'" 1 
ATOM   375 C  "C5'" . DT  B 2 8  ? -0.651  5.462   -5.168  1.00 137.55 ? 19  DT  B "C5'" 1 
ATOM   376 C  "C4'" . DT  B 2 8  ? 0.670   5.564   -5.920  1.00 146.74 ? 19  DT  B "C4'" 1 
ATOM   377 O  "O4'" . DT  B 2 8  ? 0.739   4.541   -6.948  1.00 140.82 ? 19  DT  B "O4'" 1 
ATOM   378 C  "C3'" . DT  B 2 8  ? 0.927   6.880   -6.646  1.00 150.32 ? 19  DT  B "C3'" 1 
ATOM   379 O  "O3'" . DT  B 2 8  ? 2.337   7.108   -6.689  1.00 152.79 ? 19  DT  B "O3'" 1 
ATOM   380 C  "C2'" . DT  B 2 8  ? 0.377   6.573   -8.035  1.00 151.16 ? 19  DT  B "C2'" 1 
ATOM   381 C  "C1'" . DT  B 2 8  ? 0.898   5.156   -8.214  1.00 144.93 ? 19  DT  B "C1'" 1 
ATOM   382 N  N1    . DT  B 2 8  ? 0.163   4.332   -9.214  1.00 140.60 ? 19  DT  B N1    1 
ATOM   383 C  C2    . DT  B 2 8  ? 0.874   3.516   -10.066 1.00 138.74 ? 19  DT  B C2    1 
ATOM   384 O  O2    . DT  B 2 8  ? 2.091   3.457   -10.075 1.00 143.87 ? 19  DT  B O2    1 
ATOM   385 N  N3    . DT  B 2 8  ? 0.109   2.773   -10.923 1.00 139.34 ? 19  DT  B N3    1 
ATOM   386 C  C4    . DT  B 2 8  ? -1.269  2.755   -11.007 1.00 132.47 ? 19  DT  B C4    1 
ATOM   387 O  O4    . DT  B 2 8  ? -1.867  2.050   -11.816 1.00 132.56 ? 19  DT  B O4    1 
ATOM   388 C  C5    . DT  B 2 8  ? -1.957  3.623   -10.077 1.00 134.85 ? 19  DT  B C5    1 
ATOM   389 C  C7    . DT  B 2 8  ? -3.454  3.691   -10.079 1.00 129.42 ? 19  DT  B C7    1 
ATOM   390 C  C6    . DT  B 2 8  ? -1.216  4.355   -9.231  1.00 135.75 ? 19  DT  B C6    1 
ATOM   391 P  P     . DC  B 2 9  ? 2.936   8.581   -6.930  1.00 176.76 ? 20  DC  B P     1 
ATOM   392 O  OP1   . DC  B 2 9  ? 3.787   8.907   -5.765  1.00 169.76 ? 20  DC  B OP1   1 
ATOM   393 O  OP2   . DC  B 2 9  ? 1.819   9.480   -7.293  1.00 158.10 ? 20  DC  B OP2   1 
ATOM   394 O  "O5'" . DC  B 2 9  ? 3.872   8.399   -8.220  1.00 163.60 ? 20  DC  B "O5'" 1 
ATOM   395 C  "C5'" . DC  B 2 9  ? 3.534   7.415   -9.188  1.00 156.12 ? 20  DC  B "C5'" 1 
ATOM   396 C  "C4'" . DC  B 2 9  ? 4.510   7.390   -10.348 1.00 156.92 ? 20  DC  B "C4'" 1 
ATOM   397 O  "O4'" . DC  B 2 9  ? 3.985   6.510   -11.370 1.00 152.50 ? 20  DC  B "O4'" 1 
ATOM   398 C  "C3'" . DC  B 2 9  ? 4.693   8.711   -11.066 1.00 161.14 ? 20  DC  B "C3'" 1 
ATOM   399 O  "O3'" . DC  B 2 9  ? 5.866   8.655   -11.865 1.00 166.48 ? 20  DC  B "O3'" 1 
ATOM   400 C  "C2'" . DC  B 2 9  ? 3.445   8.747   -11.936 1.00 155.47 ? 20  DC  B "C2'" 1 
ATOM   401 C  "C1'" . DC  B 2 9  ? 3.331   7.284   -12.367 1.00 151.84 ? 20  DC  B "C1'" 1 
ATOM   402 N  N1    . DC  B 2 9  ? 1.914   6.817   -12.497 1.00 148.40 ? 20  DC  B N1    1 
ATOM   403 C  C2    . DC  B 2 9  ? 1.618   5.695   -13.279 1.00 151.49 ? 20  DC  B C2    1 
ATOM   404 O  O2    . DC  B 2 9  ? 2.541   5.094   -13.844 1.00 151.27 ? 20  DC  B O2    1 
ATOM   405 N  N3    . DC  B 2 9  ? 0.327   5.293   -13.389 1.00 149.62 ? 20  DC  B N3    1 
ATOM   406 C  C4    . DC  B 2 9  ? -0.641  5.968   -12.764 1.00 146.34 ? 20  DC  B C4    1 
ATOM   407 N  N4    . DC  B 2 9  ? -1.898  5.532   -12.904 1.00 144.95 ? 20  DC  B N4    1 
ATOM   408 C  C5    . DC  B 2 9  ? -0.362  7.118   -11.969 1.00 142.81 ? 20  DC  B C5    1 
ATOM   409 C  C6    . DC  B 2 9  ? 0.915   7.504   -11.867 1.00 148.87 ? 20  DC  B C6    1 
ATOM   410 P  P     . DA  B 2 10 ? 6.878   9.901   -11.917 1.00 175.80 ? 21  DA  B P     1 
ATOM   411 O  OP1   . DA  B 2 10 ? 7.540   9.993   -10.596 1.00 170.58 ? 21  DA  B OP1   1 
ATOM   412 O  OP2   . DA  B 2 10 ? 6.137   11.059  -12.464 1.00 166.36 ? 21  DA  B OP2   1 
ATOM   413 O  "O5'" . DA  B 2 10 ? 7.959   9.475   -13.020 1.00 159.84 ? 21  DA  B "O5'" 1 
ATOM   414 C  "C5'" . DA  B 2 10 ? 7.878   10.006  -14.344 1.00 152.29 ? 21  DA  B "C5'" 1 
ATOM   415 C  "C4'" . DA  B 2 10 ? 7.429   8.943   -15.332 1.00 153.32 ? 21  DA  B "C4'" 1 
ATOM   416 O  "O4'" . DA  B 2 10 ? 6.055   8.566   -15.048 1.00 155.38 ? 21  DA  B "O4'" 1 
ATOM   417 C  "C3'" . DA  B 2 10 ? 7.439   9.374   -16.794 1.00 156.41 ? 21  DA  B "C3'" 1 
ATOM   418 O  "O3'" . DA  B 2 10 ? 7.703   8.250   -17.627 1.00 164.68 ? 21  DA  B "O3'" 1 
ATOM   419 C  "C2'" . DA  B 2 10 ? 6.019   9.889   -16.989 1.00 153.91 ? 21  DA  B "C2'" 1 
ATOM   420 C  "C1'" . DA  B 2 10 ? 5.228   8.895   -16.149 1.00 154.39 ? 21  DA  B "C1'" 1 
ATOM   421 N  N9    . DA  B 2 10 ? 3.969   9.431   -15.634 1.00 149.22 ? 21  DA  B N9    1 
ATOM   422 C  C8    . DA  B 2 10 ? 3.810   10.526  -14.833 1.00 148.15 ? 21  DA  B C8    1 
ATOM   423 N  N7    . DA  B 2 10 ? 2.561   10.773  -14.516 1.00 152.54 ? 21  DA  B N7    1 
ATOM   424 C  C5    . DA  B 2 10 ? 1.850   9.768   -15.151 1.00 151.57 ? 21  DA  B C5    1 
ATOM   425 C  C6    . DA  B 2 10 ? 0.474   9.470   -15.208 1.00 151.10 ? 21  DA  B C6    1 
ATOM   426 N  N6    . DA  B 2 10 ? -0.463  10.195  -14.587 1.00 146.17 ? 21  DA  B N6    1 
ATOM   427 N  N1    . DA  B 2 10 ? 0.097   8.393   -15.931 1.00 148.91 ? 21  DA  B N1    1 
ATOM   428 C  C2    . DA  B 2 10 ? 1.038   7.671   -16.551 1.00 145.46 ? 21  DA  B C2    1 
ATOM   429 N  N3    . DA  B 2 10 ? 2.359   7.853   -16.572 1.00 144.16 ? 21  DA  B N3    1 
ATOM   430 C  C4    . DA  B 2 10 ? 2.703   8.929   -15.844 1.00 143.99 ? 21  DA  B C4    1 
ATOM   431 P  P     . DC  C 3 1  ? 11.980  -3.006  0.180   1.00 147.26 ? 1   DC  C P     1 
ATOM   432 O  OP1   . DC  C 3 1  ? 12.282  -3.577  -1.155  1.00 137.00 ? 1   DC  C OP1   1 
ATOM   433 O  OP2   . DC  C 3 1  ? 11.082  -1.837  0.330   1.00 152.94 ? 1   DC  C OP2   1 
ATOM   434 O  "O5'" . DC  C 3 1  ? 11.467  -4.157  1.169   1.00 136.44 ? 1   DC  C "O5'" 1 
ATOM   435 C  "C5'" . DC  C 3 1  ? 12.120  -5.430  1.184   1.00 121.59 ? 1   DC  C "C5'" 1 
ATOM   436 C  "C4'" . DC  C 3 1  ? 11.412  -6.401  2.117   1.00 118.76 ? 1   DC  C "C4'" 1 
ATOM   437 O  "O4'" . DC  C 3 1  ? 11.679  -6.044  3.500   1.00 119.85 ? 1   DC  C "O4'" 1 
ATOM   438 C  "C3'" . DC  C 3 1  ? 9.898   -6.434  1.985   1.00 118.37 ? 1   DC  C "C3'" 1 
ATOM   439 O  "O3'" . DC  C 3 1  ? 9.428   -7.742  2.241   1.00 99.99  ? 1   DC  C "O3'" 1 
ATOM   440 C  "C2'" . DC  C 3 1  ? 9.445   -5.454  3.065   1.00 125.93 ? 1   DC  C "C2'" 1 
ATOM   441 C  "C1'" . DC  C 3 1  ? 10.472  -5.709  4.160   1.00 118.16 ? 1   DC  C "C1'" 1 
ATOM   442 N  N1    . DC  C 3 1  ? 10.753  -4.527  5.028   1.00 117.74 ? 1   DC  C N1    1 
ATOM   443 C  C2    . DC  C 3 1  ? 10.751  -4.669  6.421   1.00 112.63 ? 1   DC  C C2    1 
ATOM   444 O  O2    . DC  C 3 1  ? 10.487  -5.772  6.915   1.00 110.69 ? 1   DC  C O2    1 
ATOM   445 N  N3    . DC  C 3 1  ? 11.033  -3.588  7.191   1.00 113.09 ? 1   DC  C N3    1 
ATOM   446 C  C4    . DC  C 3 1  ? 11.314  -2.416  6.619   1.00 126.22 ? 1   DC  C C4    1 
ATOM   447 N  N4    . DC  C 3 1  ? 11.583  -1.377  7.416   1.00 131.76 ? 1   DC  C N4    1 
ATOM   448 C  C5    . DC  C 3 1  ? 11.329  -2.255  5.203   1.00 132.63 ? 1   DC  C C5    1 
ATOM   449 C  C6    . DC  C 3 1  ? 11.050  -3.327  4.454   1.00 127.23 ? 1   DC  C C6    1 
ATOM   450 P  P     . DA  C 3 2  ? 8.498   -8.488  1.167   1.00 113.96 ? 2   DA  C P     1 
ATOM   451 O  OP1   . DA  C 3 2  ? 9.175   -9.748  0.789   1.00 111.04 ? 2   DA  C OP1   1 
ATOM   452 O  OP2   . DA  C 3 2  ? 8.138   -7.501  0.124   1.00 116.47 ? 2   DA  C OP2   1 
ATOM   453 O  "O5'" . DA  C 3 2  ? 7.176   -8.839  1.989   1.00 109.27 ? 2   DA  C "O5'" 1 
ATOM   454 C  "C5'" . DA  C 3 2  ? 7.277   -9.428  3.273   1.00 104.86 ? 2   DA  C "C5'" 1 
ATOM   455 C  "C4'" . DA  C 3 2  ? 6.237   -8.841  4.207   1.00 106.43 ? 2   DA  C "C4'" 1 
ATOM   456 O  "O4'" . DA  C 3 2  ? 6.841   -7.837  5.040   1.00 119.38 ? 2   DA  C "O4'" 1 
ATOM   457 C  "C3'" . DA  C 3 2  ? 5.104   -8.109  3.514   1.00 119.31 ? 2   DA  C "C3'" 1 
ATOM   458 O  "O3'" . DA  C 3 2  ? 4.069   -9.025  3.115   1.00 120.69 ? 2   DA  C "O3'" 1 
ATOM   459 C  "C2'" . DA  C 3 2  ? 4.620   -7.115  4.581   1.00 114.35 ? 2   DA  C "C2'" 1 
ATOM   460 C  "C1'" . DA  C 3 2  ? 5.819   -6.993  5.533   1.00 114.92 ? 2   DA  C "C1'" 1 
ATOM   461 N  N9    . DA  C 3 2  ? 6.339   -5.633  5.641   1.00 106.43 ? 2   DA  C N9    1 
ATOM   462 C  C8    . DA  C 3 2  ? 6.558   -4.752  4.621   1.00 112.06 ? 2   DA  C C8    1 
ATOM   463 N  N7    . DA  C 3 2  ? 7.031   -3.592  5.015   1.00 116.03 ? 2   DA  C N7    1 
ATOM   464 C  C5    . DA  C 3 2  ? 7.118   -3.721  6.391   1.00 112.92 ? 2   DA  C C5    1 
ATOM   465 C  C6    . DA  C 3 2  ? 7.545   -2.838  7.402   1.00 115.87 ? 2   DA  C C6    1 
ATOM   466 N  N6    . DA  C 3 2  ? 7.984   -1.598  7.159   1.00 119.07 ? 2   DA  C N6    1 
ATOM   467 N  N1    . DA  C 3 2  ? 7.505   -3.282  8.676   1.00 111.49 ? 2   DA  C N1    1 
ATOM   468 C  C2    . DA  C 3 2  ? 7.067   -4.524  8.913   1.00 113.89 ? 2   DA  C C2    1 
ATOM   469 N  N3    . DA  C 3 2  ? 6.639   -5.441  8.048   1.00 111.24 ? 2   DA  C N3    1 
ATOM   470 C  C4    . DA  C 3 2  ? 6.691   -4.972  6.793   1.00 107.20 ? 2   DA  C C4    1 
ATOM   471 P  P     . DT  C 3 3  ? 3.585   -10.229 4.069   1.00 125.61 ? 3   DT  C P     1 
ATOM   472 O  OP1   . DT  C 3 3  ? 3.308   -9.704  5.426   1.00 99.66  ? 3   DT  C OP1   1 
ATOM   473 O  OP2   . DT  C 3 3  ? 4.510   -11.370 3.888   1.00 122.75 ? 3   DT  C OP2   1 
ATOM   474 O  "O5'" . DT  C 3 3  ? 2.180   -10.653 3.438   1.00 117.73 ? 3   DT  C "O5'" 1 
ATOM   475 C  "C5'" . DT  C 3 3  ? 1.164   -9.679  3.251   1.00 116.15 ? 3   DT  C "C5'" 1 
ATOM   476 C  "C4'" . DT  C 3 3  ? 0.324   -10.008 2.032   1.00 115.76 ? 3   DT  C "C4'" 1 
ATOM   477 O  "O4'" . DT  C 3 3  ? 0.971   -9.499  0.847   1.00 105.11 ? 3   DT  C "O4'" 1 
ATOM   478 C  "C3'" . DT  C 3 3  ? 0.149   -11.487 1.762   1.00 119.85 ? 3   DT  C "C3'" 1 
ATOM   479 O  "O3'" . DT  C 3 3  ? -0.938  -11.993 2.531   1.00 129.56 ? 3   DT  C "O3'" 1 
ATOM   480 C  "C2'" . DT  C 3 3  ? -0.164  -11.510 0.266   1.00 109.20 ? 3   DT  C "C2'" 1 
ATOM   481 C  "C1'" . DT  C 3 3  ? 0.611   -10.297 -0.266  1.00 97.59  ? 3   DT  C "C1'" 1 
ATOM   482 N  N1    . DT  C 3 3  ? 1.853   -10.649 -1.019  1.00 99.18  ? 3   DT  C N1    1 
ATOM   483 C  C2    . DT  C 3 3  ? 1.750   -11.272 -2.244  1.00 109.76 ? 3   DT  C C2    1 
ATOM   484 O  O2    . DT  C 3 3  ? 0.685   -11.566 -2.759  1.00 110.43 ? 3   DT  C O2    1 
ATOM   485 N  N3    . DT  C 3 3  ? 2.948   -11.543 -2.850  1.00 102.80 ? 3   DT  C N3    1 
ATOM   486 C  C4    . DT  C 3 3  ? 4.212   -11.257 -2.367  1.00 102.50 ? 3   DT  C C4    1 
ATOM   487 O  O4    . DT  C 3 3  ? 5.231   -11.541 -2.985  1.00 114.77 ? 3   DT  C O4    1 
ATOM   488 C  C5    . DT  C 3 3  ? 4.249   -10.602 -1.083  1.00 99.76  ? 3   DT  C C5    1 
ATOM   489 C  C7    . DT  C 3 3  ? 5.564   -10.244 -0.459  1.00 106.94 ? 3   DT  C C7    1 
ATOM   490 C  C6    . DT  C 3 3  ? 3.082   -10.332 -0.479  1.00 104.91 ? 3   DT  C C6    1 
ATOM   491 P  P     . DG  C 3 4  ? -0.945  -13.525 3.016   1.00 141.16 ? 4   DG  C P     1 
ATOM   492 O  OP1   . DG  C 3 4  ? -2.358  -13.949 3.148   1.00 132.02 ? 4   DG  C OP1   1 
ATOM   493 O  OP2   . DG  C 3 4  ? -0.024  -13.649 4.168   1.00 128.37 ? 4   DG  C OP2   1 
ATOM   494 O  "O5'" . DG  C 3 4  ? -0.289  -14.311 1.794   1.00 123.65 ? 4   DG  C "O5'" 1 
ATOM   495 C  "C5'" . DG  C 3 4  ? -0.685  -15.636 1.516   1.00 129.83 ? 4   DG  C "C5'" 1 
ATOM   496 C  "C4'" . DG  C 3 4  ? -1.334  -15.716 0.149   1.00 128.52 ? 4   DG  C "C4'" 1 
ATOM   497 O  "O4'" . DG  C 3 4  ? -0.844  -14.635 -0.679  1.00 115.99 ? 4   DG  C "O4'" 1 
ATOM   498 C  "C3'" . DG  C 3 4  ? -1.067  -17.013 -0.604  1.00 133.99 ? 4   DG  C "C3'" 1 
ATOM   499 O  "O3'" . DG  C 3 4  ? -2.224  -17.831 -0.548  1.00 137.45 ? 4   DG  C "O3'" 1 
ATOM   500 C  "C2'" . DG  C 3 4  ? -0.772  -16.569 -2.037  1.00 122.79 ? 4   DG  C "C2'" 1 
ATOM   501 C  "C1'" . DG  C 3 4  ? -0.284  -15.136 -1.870  1.00 111.52 ? 4   DG  C "C1'" 1 
ATOM   502 N  N9    . DG  C 3 4  ? 1.171   -14.981 -1.799  1.00 113.92 ? 4   DG  C N9    1 
ATOM   503 C  C8    . DG  C 3 4  ? 1.895   -14.469 -0.749  1.00 113.70 ? 4   DG  C C8    1 
ATOM   504 N  N7    . DG  C 3 4  ? 3.179   -14.426 -0.973  1.00 114.21 ? 4   DG  C N7    1 
ATOM   505 C  C5    . DG  C 3 4  ? 3.319   -14.934 -2.257  1.00 112.25 ? 4   DG  C C5    1 
ATOM   506 C  C6    . DG  C 3 4  ? 4.484   -15.132 -3.039  1.00 121.57 ? 4   DG  C C6    1 
ATOM   507 O  O6    . DG  C 3 4  ? 5.661   -14.888 -2.738  1.00 128.60 ? 4   DG  C O6    1 
ATOM   508 N  N1    . DG  C 3 4  ? 4.182   -15.671 -4.287  1.00 111.89 ? 4   DG  C N1    1 
ATOM   509 C  C2    . DG  C 3 4  ? 2.918   -15.981 -4.725  1.00 114.91 ? 4   DG  C C2    1 
ATOM   510 N  N2    . DG  C 3 4  ? 2.827   -16.492 -5.962  1.00 118.11 ? 4   DG  C N2    1 
ATOM   511 N  N3    . DG  C 3 4  ? 1.817   -15.800 -4.005  1.00 115.03 ? 4   DG  C N3    1 
ATOM   512 C  C4    . DG  C 3 4  ? 2.091   -15.276 -2.786  1.00 112.29 ? 4   DG  C C4    1 
ATOM   513 P  P     . DT  C 3 5  ? -2.092  -19.406 -0.272  1.00 147.13 ? 5   DT  C P     1 
ATOM   514 O  OP1   . DT  C 3 5  ? -3.456  -19.930 -0.042  1.00 151.33 ? 5   DT  C OP1   1 
ATOM   515 O  OP2   . DT  C 3 5  ? -1.046  -19.600 0.755   1.00 142.08 ? 5   DT  C OP2   1 
ATOM   516 O  "O5'" . DT  C 3 5  ? -1.544  -19.990 -1.655  1.00 126.62 ? 5   DT  C "O5'" 1 
ATOM   517 C  "C5'" . DT  C 3 5  ? -2.226  -19.678 -2.863  1.00 132.37 ? 5   DT  C "C5'" 1 
ATOM   518 C  "C4'" . DT  C 3 5  ? -1.328  -19.892 -4.068  1.00 137.03 ? 5   DT  C "C4'" 1 
ATOM   519 O  "O4'" . DT  C 3 5  ? -0.123  -19.091 -3.935  1.00 136.29 ? 5   DT  C "O4'" 1 
ATOM   520 C  "C3'" . DT  C 3 5  ? -0.853  -21.330 -4.264  1.00 127.35 ? 5   DT  C "C3'" 1 
ATOM   521 O  "O3'" . DT  C 3 5  ? -0.843  -21.655 -5.640  1.00 139.61 ? 5   DT  C "O3'" 1 
ATOM   522 C  "C2'" . DT  C 3 5  ? 0.559   -21.304 -3.697  1.00 121.37 ? 5   DT  C "C2'" 1 
ATOM   523 C  "C1'" . DT  C 3 5  ? 1.008   -19.917 -4.112  1.00 124.44 ? 5   DT  C "C1'" 1 
ATOM   524 N  N1    . DT  C 3 5  ? 2.135   -19.379 -3.286  1.00 116.72 ? 5   DT  C N1    1 
ATOM   525 C  C2    . DT  C 3 5  ? 3.411   -19.359 -3.810  1.00 115.47 ? 5   DT  C C2    1 
ATOM   526 O  O2    . DT  C 3 5  ? 3.684   -19.761 -4.929  1.00 116.57 ? 5   DT  C O2    1 
ATOM   527 N  N3    . DT  C 3 5  ? 4.363   -18.846 -2.971  1.00 118.33 ? 5   DT  C N3    1 
ATOM   528 C  C4    . DT  C 3 5  ? 4.172   -18.360 -1.689  1.00 119.40 ? 5   DT  C C4    1 
ATOM   529 O  O4    . DT  C 3 5  ? 5.093   -17.921 -1.009  1.00 124.43 ? 5   DT  C O4    1 
ATOM   530 C  C5    . DT  C 3 5  ? 2.814   -18.413 -1.204  1.00 122.75 ? 5   DT  C C5    1 
ATOM   531 C  C7    . DT  C 3 5  ? 2.484   -17.918 0.172   1.00 127.63 ? 5   DT  C C7    1 
ATOM   532 C  C6    . DT  C 3 5  ? 1.875   -18.914 -2.016  1.00 119.18 ? 5   DT  C C6    1 
ATOM   533 O  "O5'" . DT  D 4 1  ? -12.697 13.345  -17.837 1.00 155.23 ? 1   DT  D "O5'" 1 
ATOM   534 C  "C5'" . DT  D 4 1  ? -11.309 13.591  -18.037 1.00 149.40 ? 1   DT  D "C5'" 1 
ATOM   535 C  "C4'" . DT  D 4 1  ? -10.671 12.464  -18.829 1.00 150.64 ? 1   DT  D "C4'" 1 
ATOM   536 O  "O4'" . DT  D 4 1  ? -9.291  12.803  -19.131 1.00 147.89 ? 1   DT  D "O4'" 1 
ATOM   537 C  "C3'" . DT  D 4 1  ? -10.630 11.115  -18.110 1.00 155.53 ? 1   DT  D "C3'" 1 
ATOM   538 O  "O3'" . DT  D 4 1  ? -10.925 10.067  -19.026 1.00 159.59 ? 1   DT  D "O3'" 1 
ATOM   539 C  "C2'" . DT  D 4 1  ? -9.189  11.034  -17.611 1.00 151.66 ? 1   DT  D "C2'" 1 
ATOM   540 C  "C1'" . DT  D 4 1  ? -8.447  11.748  -18.727 1.00 147.59 ? 1   DT  D "C1'" 1 
ATOM   541 N  N1    . DT  D 4 1  ? -7.138  12.323  -18.301 1.00 142.05 ? 1   DT  D N1    1 
ATOM   542 C  C2    . DT  D 4 1  ? -6.034  12.147  -19.103 1.00 143.23 ? 1   DT  D C2    1 
ATOM   543 O  O2    . DT  D 4 1  ? -6.065  11.540  -20.160 1.00 144.43 ? 1   DT  D O2    1 
ATOM   544 N  N3    . DT  D 4 1  ? -4.882  12.709  -18.623 1.00 140.99 ? 1   DT  D N3    1 
ATOM   545 C  C4    . DT  D 4 1  ? -4.726  13.416  -17.445 1.00 139.00 ? 1   DT  D C4    1 
ATOM   546 O  O4    . DT  D 4 1  ? -3.646  13.885  -17.100 1.00 137.40 ? 1   DT  D O4    1 
ATOM   547 C  C5    . DT  D 4 1  ? -5.922  13.564  -16.650 1.00 139.45 ? 1   DT  D C5    1 
ATOM   548 C  C7    . DT  D 4 1  ? -5.875  14.311  -15.350 1.00 145.15 ? 1   DT  D C7    1 
ATOM   549 C  C6    . DT  D 4 1  ? -7.057  13.015  -17.111 1.00 140.65 ? 1   DT  D C6    1 
ATOM   550 P  P     . DC  D 4 2  ? -11.498 8.662   -18.496 1.00 164.60 ? 2   DC  D P     1 
ATOM   551 O  OP1   . DC  D 4 2  ? -12.845 8.481   -19.084 1.00 165.84 ? 2   DC  D OP1   1 
ATOM   552 O  OP2   . DC  D 4 2  ? -11.326 8.628   -17.026 1.00 158.71 ? 2   DC  D OP2   1 
ATOM   553 O  "O5'" . DC  D 4 2  ? -10.529 7.579   -19.163 1.00 146.92 ? 2   DC  D "O5'" 1 
ATOM   554 C  "C5'" . DC  D 4 2  ? -10.542 7.395   -20.572 1.00 143.14 ? 2   DC  D "C5'" 1 
ATOM   555 C  "C4'" . DC  D 4 2  ? -9.176  6.974   -21.080 1.00 150.20 ? 2   DC  D "C4'" 1 
ATOM   556 O  "O4'" . DC  D 4 2  ? -8.179  7.919   -20.632 1.00 151.09 ? 2   DC  D "O4'" 1 
ATOM   557 C  "C3'" . DC  D 4 2  ? -8.700  5.595   -20.606 1.00 153.60 ? 2   DC  D "C3'" 1 
ATOM   558 O  "O3'" . DC  D 4 2  ? -8.534  4.730   -21.722 1.00 152.82 ? 2   DC  D "O3'" 1 
ATOM   559 C  "C2'" . DC  D 4 2  ? -7.365  5.868   -19.895 1.00 153.48 ? 2   DC  D "C2'" 1 
ATOM   560 C  "C1'" . DC  D 4 2  ? -6.972  7.235   -20.434 1.00 145.83 ? 2   DC  D "C1'" 1 
ATOM   561 N  N1    . DC  D 4 2  ? -6.132  8.027   -19.491 1.00 144.68 ? 2   DC  D N1    1 
ATOM   562 C  C2    . DC  D 4 2  ? -4.773  8.218   -19.766 1.00 146.27 ? 2   DC  D C2    1 
ATOM   563 O  O2    . DC  D 4 2  ? -4.291  7.725   -20.794 1.00 149.66 ? 2   DC  D O2    1 
ATOM   564 N  N3    . DC  D 4 2  ? -4.022  8.940   -18.898 1.00 143.50 ? 2   DC  D N3    1 
ATOM   565 C  C4    . DC  D 4 2  ? -4.581  9.454   -17.801 1.00 146.47 ? 2   DC  D C4    1 
ATOM   566 N  N4    . DC  D 4 2  ? -3.800  10.159  -16.975 1.00 146.24 ? 2   DC  D N4    1 
ATOM   567 C  C5    . DC  D 4 2  ? -5.963  9.268   -17.502 1.00 146.25 ? 2   DC  D C5    1 
ATOM   568 C  C6    . DC  D 4 2  ? -6.694  8.558   -18.367 1.00 146.94 ? 2   DC  D C6    1 
ATOM   569 P  P     . DT  D 4 3  ? -8.143  3.187   -21.500 1.00 163.65 ? 3   DT  D P     1 
ATOM   570 O  OP1   . DT  D 4 3  ? -8.631  2.429   -22.674 1.00 154.65 ? 3   DT  D OP1   1 
ATOM   571 O  OP2   . DT  D 4 3  ? -8.582  2.801   -20.141 1.00 157.15 ? 3   DT  D OP2   1 
ATOM   572 O  "O5'" . DT  D 4 3  ? -6.545  3.188   -21.552 1.00 154.31 ? 3   DT  D "O5'" 1 
ATOM   573 C  "C5'" . DT  D 4 3  ? -5.875  3.781   -22.654 1.00 147.18 ? 3   DT  D "C5'" 1 
ATOM   574 C  "C4'" . DT  D 4 3  ? -4.373  3.584   -22.554 1.00 153.25 ? 3   DT  D "C4'" 1 
ATOM   575 O  "O4'" . DT  D 4 3  ? -3.804  4.563   -21.644 1.00 155.59 ? 3   DT  D "O4'" 1 
ATOM   576 C  "C3'" . DT  D 4 3  ? -3.925  2.217   -22.035 1.00 156.00 ? 3   DT  D "C3'" 1 
ATOM   577 O  "O3'" . DT  D 4 3  ? -2.822  1.762   -22.805 1.00 161.29 ? 3   DT  D "O3'" 1 
ATOM   578 C  "C2'" . DT  D 4 3  ? -3.518  2.513   -20.591 1.00 152.46 ? 3   DT  D "C2'" 1 
ATOM   579 C  "C1'" . DT  D 4 3  ? -2.942  3.908   -20.743 1.00 151.09 ? 3   DT  D "C1'" 1 
ATOM   580 N  N1    . DT  D 4 3  ? -2.893  4.702   -19.479 1.00 148.89 ? 3   DT  D N1    1 
ATOM   581 C  C2    . DT  D 4 3  ? -1.705  5.286   -19.101 1.00 149.67 ? 3   DT  D C2    1 
ATOM   582 O  O2    . DT  D 4 3  ? -0.672  5.175   -19.740 1.00 146.13 ? 3   DT  D O2    1 
ATOM   583 N  N3    . DT  D 4 3  ? -1.765  6.007   -17.938 1.00 145.24 ? 3   DT  D N3    1 
ATOM   584 C  C4    . DT  D 4 3  ? -2.872  6.203   -17.133 1.00 147.27 ? 3   DT  D C4    1 
ATOM   585 O  O4    . DT  D 4 3  ? -2.825  6.869   -16.103 1.00 145.31 ? 3   DT  D O4    1 
ATOM   586 C  C5    . DT  D 4 3  ? -4.087  5.568   -17.587 1.00 147.38 ? 3   DT  D C5    1 
ATOM   587 C  C7    . DT  D 4 3  ? -5.353  5.710   -16.795 1.00 148.85 ? 3   DT  D C7    1 
ATOM   588 C  C6    . DT  D 4 3  ? -4.040  4.859   -18.727 1.00 146.99 ? 3   DT  D C6    1 
ATOM   589 P  P     . DG  D 4 4  ? -2.535  0.192   -22.973 1.00 169.06 ? 4   DG  D P     1 
ATOM   590 O  OP1   . DG  D 4 4  ? -2.105  -0.037  -24.371 1.00 160.11 ? 4   DG  D OP1   1 
ATOM   591 O  OP2   . DG  D 4 4  ? -3.701  -0.541  -22.427 1.00 160.05 ? 4   DG  D OP2   1 
ATOM   592 O  "O5'" . DG  D 4 4  ? -1.292  -0.067  -22.005 1.00 152.19 ? 4   DG  D "O5'" 1 
ATOM   593 C  "C5'" . DG  D 4 4  ? -0.226  -0.901  -22.426 1.00 149.65 ? 4   DG  D "C5'" 1 
ATOM   594 C  "C4'" . DG  D 4 4  ? 1.108   -0.240  -22.140 1.00 142.48 ? 4   DG  D "C4'" 1 
ATOM   595 O  "O4'" . DG  D 4 4  ? 0.898   0.930   -21.311 1.00 153.43 ? 4   DG  D "O4'" 1 
ATOM   596 C  "C3'" . DG  D 4 4  ? 2.094   -1.098  -21.372 1.00 144.16 ? 4   DG  D "C3'" 1 
ATOM   597 O  "O3'" . DG  D 4 4  ? 3.418   -0.677  -21.657 1.00 154.04 ? 4   DG  D "O3'" 1 
ATOM   598 C  "C2'" . DG  D 4 4  ? 1.710   -0.807  -19.924 1.00 148.31 ? 4   DG  D "C2'" 1 
ATOM   599 C  "C1'" . DG  D 4 4  ? 1.340   0.674   -19.989 1.00 147.65 ? 4   DG  D "C1'" 1 
ATOM   600 N  N9    . DG  D 4 4  ? 0.269   1.055   -19.068 1.00 142.95 ? 4   DG  D N9    1 
ATOM   601 C  C8    . DG  D 4 4  ? -1.038  0.636   -19.103 1.00 145.82 ? 4   DG  D C8    1 
ATOM   602 N  N7    . DG  D 4 4  ? -1.775  1.149   -18.157 1.00 144.76 ? 4   DG  D N7    1 
ATOM   603 C  C5    . DG  D 4 4  ? -0.902  1.964   -17.450 1.00 141.33 ? 4   DG  D C5    1 
ATOM   604 C  C6    . DG  D 4 4  ? -1.133  2.777   -16.316 1.00 140.87 ? 4   DG  D C6    1 
ATOM   605 O  O6    . DG  D 4 4  ? -2.191  2.942   -15.692 1.00 138.01 ? 4   DG  D O6    1 
ATOM   606 N  N1    . DG  D 4 4  ? 0.025   3.438   -15.913 1.00 138.70 ? 4   DG  D N1    1 
ATOM   607 C  C2    . DG  D 4 4  ? 1.249   3.328   -16.529 1.00 136.14 ? 4   DG  D C2    1 
ATOM   608 N  N2    . DG  D 4 4  ? 2.249   4.043   -15.996 1.00 136.66 ? 4   DG  D N2    1 
ATOM   609 N  N3    . DG  D 4 4  ? 1.478   2.569   -17.593 1.00 135.45 ? 4   DG  D N3    1 
ATOM   610 C  C4    . DG  D 4 4  ? 0.361   1.918   -17.998 1.00 138.63 ? 4   DG  D C4    1 
ATOM   611 P  P     . DA  D 4 5  ? 4.651   -1.686  -21.452 1.00 162.32 ? 5   DA  D P     1 
ATOM   612 O  OP1   . DA  D 4 5  ? 5.658   -1.385  -22.494 1.00 155.21 ? 5   DA  D OP1   1 
ATOM   613 O  OP2   . DA  D 4 5  ? 4.098   -3.053  -21.339 1.00 151.86 ? 5   DA  D OP2   1 
ATOM   614 O  "O5'" . DA  D 4 5  ? 5.235   -1.278  -20.022 1.00 149.99 ? 5   DA  D "O5'" 1 
ATOM   615 C  "C5'" . DA  D 4 5  ? 5.370   0.095   -19.679 1.00 147.14 ? 5   DA  D "C5'" 1 
ATOM   616 C  "C4'" . DA  D 4 5  ? 5.706   0.249   -18.209 1.00 148.01 ? 5   DA  D "C4'" 1 
ATOM   617 O  "O4'" . DA  D 4 5  ? 4.528   0.687   -17.480 1.00 142.86 ? 5   DA  D "O4'" 1 
ATOM   618 C  "C3'" . DA  D 4 5  ? 6.172   -1.036  -17.518 1.00 148.68 ? 5   DA  D "C3'" 1 
ATOM   619 O  "O3'" . DA  D 4 5  ? 7.223   -0.738  -16.615 1.00 144.58 ? 5   DA  D "O3'" 1 
ATOM   620 C  "C2'" . DA  D 4 5  ? 4.919   -1.486  -16.776 1.00 143.24 ? 5   DA  D "C2'" 1 
ATOM   621 C  "C1'" . DA  D 4 5  ? 4.366   -0.140  -16.354 1.00 137.98 ? 5   DA  D "C1'" 1 
ATOM   622 N  N9    . DA  D 4 5  ? 2.959   -0.161  -15.974 1.00 136.30 ? 5   DA  D N9    1 
ATOM   623 C  C8    . DA  D 4 5  ? 1.951   -0.886  -16.546 1.00 137.93 ? 5   DA  D C8    1 
ATOM   624 N  N7    . DA  D 4 5  ? 0.780   -0.696  -15.980 1.00 134.12 ? 5   DA  D N7    1 
ATOM   625 C  C5    . DA  D 4 5  ? 1.045   0.215   -14.969 1.00 130.92 ? 5   DA  D C5    1 
ATOM   626 C  C6    . DA  D 4 5  ? 0.225   0.826   -13.999 1.00 135.62 ? 5   DA  D C6    1 
ATOM   627 N  N6    . DA  D 4 5  ? -1.087  0.597   -13.893 1.00 140.36 ? 5   DA  D N6    1 
ATOM   628 N  N1    . DA  D 4 5  ? 0.810   1.688   -13.140 1.00 137.91 ? 5   DA  D N1    1 
ATOM   629 C  C2    . DA  D 4 5  ? 2.124   1.917   -13.249 1.00 136.92 ? 5   DA  D C2    1 
ATOM   630 N  N3    . DA  D 4 5  ? 2.992   1.403   -14.115 1.00 132.81 ? 5   DA  D N3    1 
ATOM   631 C  C4    . DA  D 4 5  ? 2.383   0.552   -14.954 1.00 132.60 ? 5   DA  D C4    1 
ATOM   632 P  P     . DG  D 4 6  ? 8.728   -1.180  -16.958 1.00 159.47 ? 6   DG  D P     1 
ATOM   633 O  OP1   . DG  D 4 6  ? 9.511   0.053   -17.193 1.00 161.38 ? 6   DG  D OP1   1 
ATOM   634 O  OP2   . DG  D 4 6  ? 8.656   -2.222  -18.008 1.00 154.84 ? 6   DG  D OP2   1 
ATOM   635 O  "O5'" . DG  D 4 6  ? 9.244   -1.862  -15.606 1.00 151.53 ? 6   DG  D "O5'" 1 
ATOM   636 C  "C5'" . DG  D 4 6  ? 8.329   -2.137  -14.553 1.00 146.68 ? 6   DG  D "C5'" 1 
ATOM   637 C  "C4'" . DG  D 4 6  ? 8.275   -0.983  -13.567 1.00 141.93 ? 6   DG  D "C4'" 1 
ATOM   638 O  "O4'" . DG  D 4 6  ? 6.922   -0.456  -13.517 1.00 135.93 ? 6   DG  D "O4'" 1 
ATOM   639 C  "C3'" . DG  D 4 6  ? 8.611   -1.356  -12.131 1.00 140.52 ? 6   DG  D "C3'" 1 
ATOM   640 O  "O3'" . DG  D 4 6  ? 9.121   -0.223  -11.434 1.00 146.18 ? 6   DG  D "O3'" 1 
ATOM   641 C  "C2'" . DG  D 4 6  ? 7.252   -1.778  -11.592 1.00 140.38 ? 6   DG  D "C2'" 1 
ATOM   642 C  "C1'" . DG  D 4 6  ? 6.323   -0.780  -12.274 1.00 131.01 ? 6   DG  D "C1'" 1 
ATOM   643 N  N9    . DG  D 4 6  ? 4.986   -1.313  -12.529 1.00 123.20 ? 6   DG  D N9    1 
ATOM   644 C  C8    . DG  D 4 6  ? 4.629   -2.205  -13.510 1.00 130.50 ? 6   DG  D C8    1 
ATOM   645 N  N7    . DG  D 4 6  ? 3.360   -2.507  -13.502 1.00 123.70 ? 6   DG  D N7    1 
ATOM   646 C  C5    . DG  D 4 6  ? 2.842   -1.770  -12.445 1.00 118.64 ? 6   DG  D C5    1 
ATOM   647 C  C6    . DG  D 4 6  ? 1.518   -1.692  -11.955 1.00 116.54 ? 6   DG  D C6    1 
ATOM   648 O  O6    . DG  D 4 6  ? 0.509   -2.279  -12.370 1.00 124.98 ? 6   DG  D O6    1 
ATOM   649 N  N1    . DG  D 4 6  ? 1.422   -0.829  -10.868 1.00 114.89 ? 6   DG  D N1    1 
ATOM   650 C  C2    . DG  D 4 6  ? 2.472   -0.128  -10.325 1.00 118.30 ? 6   DG  D C2    1 
ATOM   651 N  N2    . DG  D 4 6  ? 2.183   0.656   -9.277  1.00 120.95 ? 6   DG  D N2    1 
ATOM   652 N  N3    . DG  D 4 6  ? 3.720   -0.191  -10.776 1.00 118.81 ? 6   DG  D N3    1 
ATOM   653 C  C4    . DG  D 4 6  ? 3.830   -1.030  -11.835 1.00 118.83 ? 6   DG  D C4    1 
ATOM   654 P  P     . DT  D 4 7  ? 9.884   -0.408  -10.029 1.00 158.37 ? 7   DT  D P     1 
ATOM   655 O  OP1   . DT  D 4 7  ? 11.258  0.115   -10.199 1.00 150.42 ? 7   DT  D OP1   1 
ATOM   656 O  OP2   . DT  D 4 7  ? 9.684   -1.801  -9.569  1.00 143.08 ? 7   DT  D OP2   1 
ATOM   657 O  "O5'" . DT  D 4 7  ? 9.087   0.556   -9.030  1.00 141.08 ? 7   DT  D "O5'" 1 
ATOM   658 C  "C5'" . DT  D 4 7  ? 7.666   0.564   -9.040  1.00 136.10 ? 7   DT  D "C5'" 1 
ATOM   659 C  "C4'" . DT  D 4 7  ? 7.110   0.515   -7.630  1.00 136.97 ? 7   DT  D "C4'" 1 
ATOM   660 O  "O4'" . DT  D 4 7  ? 5.737   0.039   -7.672  1.00 132.68 ? 7   DT  D "O4'" 1 
ATOM   661 C  "C3'" . DT  D 4 7  ? 7.831   -0.435  -6.684  1.00 135.94 ? 7   DT  D "C3'" 1 
ATOM   662 O  "O3'" . DT  D 4 7  ? 7.676   0.031   -5.348  1.00 133.66 ? 7   DT  D "O3'" 1 
ATOM   663 C  "C2'" . DT  D 4 7  ? 7.074   -1.736  -6.914  1.00 131.11 ? 7   DT  D "C2'" 1 
ATOM   664 C  "C1'" . DT  D 4 7  ? 5.648   -1.221  -7.028  1.00 123.30 ? 7   DT  D "C1'" 1 
ATOM   665 N  N1    . DT  D 4 7  ? 4.751   -2.102  -7.833  1.00 114.31 ? 7   DT  D N1    1 
ATOM   666 C  C2    . DT  D 4 7  ? 3.416   -2.164  -7.514  1.00 114.04 ? 7   DT  D C2    1 
ATOM   667 O  O2    . DT  D 4 7  ? 2.917   -1.533  -6.600  1.00 109.90 ? 7   DT  D O2    1 
ATOM   668 N  N3    . DT  D 4 7  ? 2.676   -2.996  -8.310  1.00 117.57 ? 7   DT  D N3    1 
ATOM   669 C  C4    . DT  D 4 7  ? 3.128   -3.758  -9.370  1.00 120.02 ? 7   DT  D C4    1 
ATOM   670 O  O4    . DT  D 4 7  ? 2.381   -4.477  -10.026 1.00 124.30 ? 7   DT  D O4    1 
ATOM   671 C  C5    . DT  D 4 7  ? 4.538   -3.649  -9.652  1.00 115.98 ? 7   DT  D C5    1 
ATOM   672 C  C7    . DT  D 4 7  ? 5.140   -4.434  -10.780 1.00 113.81 ? 7   DT  D C7    1 
ATOM   673 C  C6    . DT  D 4 7  ? 5.275   -2.835  -8.879  1.00 114.54 ? 7   DT  D C6    1 
ATOM   674 P  P     . DG  D 4 8  ? 8.412   -0.703  -4.121  1.00 141.54 ? 8   DG  D P     1 
ATOM   675 O  OP1   . DG  D 4 8  ? 9.218   0.327   -3.428  1.00 137.63 ? 8   DG  D OP1   1 
ATOM   676 O  OP2   . DG  D 4 8  ? 9.072   -1.934  -4.608  1.00 143.87 ? 8   DG  D OP2   1 
ATOM   677 O  "O5'" . DG  D 4 8  ? 7.203   -1.121  -3.161  1.00 128.86 ? 8   DG  D "O5'" 1 
ATOM   678 C  "C5'" . DG  D 4 8  ? 6.344   -0.115  -2.641  1.00 122.93 ? 8   DG  D "C5'" 1 
ATOM   679 C  "C4'" . DG  D 4 8  ? 5.070   -0.713  -2.065  1.00 119.31 ? 8   DG  D "C4'" 1 
ATOM   680 O  "O4'" . DG  D 4 8  ? 4.352   -1.446  -3.092  1.00 119.97 ? 8   DG  D "O4'" 1 
ATOM   681 C  "C3'" . DG  D 4 8  ? 5.264   -1.692  -0.914  1.00 110.32 ? 8   DG  D "C3'" 1 
ATOM   682 O  "O3'" . DG  D 4 8  ? 4.206   -1.518  0.014   1.00 100.96 ? 8   DG  D "O3'" 1 
ATOM   683 C  "C2'" . DG  D 4 8  ? 5.181   -3.051  -1.611  1.00 114.06 ? 8   DG  D "C2'" 1 
ATOM   684 C  "C1'" . DG  D 4 8  ? 4.117   -2.771  -2.657  1.00 112.66 ? 8   DG  D "C1'" 1 
ATOM   685 N  N9    . DG  D 4 8  ? 4.167   -3.637  -3.832  1.00 106.89 ? 8   DG  D N9    1 
ATOM   686 C  C8    . DG  D 4 8  ? 5.264   -3.927  -4.605  1.00 116.39 ? 8   DG  D C8    1 
ATOM   687 N  N7    . DG  D 4 8  ? 4.997   -4.709  -5.616  1.00 106.91 ? 8   DG  D N7    1 
ATOM   688 C  C5    . DG  D 4 8  ? 3.632   -4.942  -5.514  1.00 101.68 ? 8   DG  D C5    1 
ATOM   689 C  C6    . DG  D 4 8  ? 2.776   -5.716  -6.332  1.00 108.78 ? 8   DG  D C6    1 
ATOM   690 O  O6    . DG  D 4 8  ? 3.066   -6.372  -7.344  1.00 109.39 ? 8   DG  D O6    1 
ATOM   691 N  N1    . DG  D 4 8  ? 1.460   -5.684  -5.875  1.00 106.23 ? 8   DG  D N1    1 
ATOM   692 C  C2    . DG  D 4 8  ? 1.029   -4.992  -4.768  1.00 105.39 ? 8   DG  D C2    1 
ATOM   693 N  N2    . DG  D 4 8  ? -0.278  -5.081  -4.483  1.00 104.13 ? 8   DG  D N2    1 
ATOM   694 N  N3    . DG  D 4 8  ? 1.821   -4.263  -3.993  1.00 102.72 ? 8   DG  D N3    1 
ATOM   695 C  C4    . DG  D 4 8  ? 3.106   -4.284  -4.425  1.00 99.81  ? 8   DG  D C4    1 
ATOM   696 P  P     . DC  D 4 9  ? 4.323   -2.092  1.507   1.00 117.61 ? 9   DC  D P     1 
ATOM   697 O  OP1   . DC  D 4 9  ? 3.737   -1.080  2.416   1.00 97.91  ? 9   DC  D OP1   1 
ATOM   698 O  OP2   . DC  D 4 9  ? 5.715   -2.553  1.715   1.00 112.46 ? 9   DC  D OP2   1 
ATOM   699 O  "O5'" . DC  D 4 9  ? 3.363   -3.370  1.489   1.00 118.73 ? 9   DC  D "O5'" 1 
ATOM   700 C  "C5'" . DC  D 4 9  ? 2.010   -3.227  1.079   1.00 110.88 ? 9   DC  D "C5'" 1 
ATOM   701 C  "C4'" . DC  D 4 9  ? 1.343   -4.583  0.943   1.00 111.85 ? 9   DC  D "C4'" 1 
ATOM   702 O  "O4'" . DC  D 4 9  ? 1.644   -5.147  -0.358  1.00 110.32 ? 9   DC  D "O4'" 1 
ATOM   703 C  "C3'" . DC  D 4 9  ? 1.782   -5.622  1.981   1.00 102.37 ? 9   DC  D "C3'" 1 
ATOM   704 O  "O3'" . DC  D 4 9  ? 0.638   -6.229  2.585   1.00 95.40  ? 9   DC  D "O3'" 1 
ATOM   705 C  "C2'" . DC  D 4 9  ? 2.595   -6.631  1.162   1.00 104.29 ? 9   DC  D "C2'" 1 
ATOM   706 C  "C1'" . DC  D 4 9  ? 1.956   -6.507  -0.211  1.00 94.99  ? 9   DC  D "C1'" 1 
ATOM   707 N  N1    . DC  D 4 9  ? 2.856   -6.907  -1.333  1.00 99.26  ? 9   DC  D N1    1 
ATOM   708 C  C2    . DC  D 4 9  ? 2.313   -7.517  -2.470  1.00 106.30 ? 9   DC  D C2    1 
ATOM   709 O  O2    . DC  D 4 9  ? 1.093   -7.717  -2.522  1.00 107.22 ? 9   DC  D O2    1 
ATOM   710 N  N3    . DC  D 4 9  ? 3.141   -7.873  -3.483  1.00 104.13 ? 9   DC  D N3    1 
ATOM   711 C  C4    . DC  D 4 9  ? 4.453   -7.641  -3.388  1.00 108.66 ? 9   DC  D C4    1 
ATOM   712 N  N4    . DC  D 4 9  ? 5.230   -8.011  -4.412  1.00 111.29 ? 9   DC  D N4    1 
ATOM   713 C  C5    . DC  D 4 9  ? 5.024   -7.020  -2.238  1.00 97.48  ? 9   DC  D C5    1 
ATOM   714 C  C6    . DC  D 4 9  ? 4.197   -6.672  -1.245  1.00 106.77 ? 9   DC  D C6    1 
ATOM   715 P  P     . DC  D 4 10 ? -0.070  -5.549  3.862   1.00 104.04 ? 10  DC  D P     1 
ATOM   716 O  OP1   . DC  D 4 10 ? -1.345  -6.267  4.079   1.00 111.54 ? 10  DC  D OP1   1 
ATOM   717 O  OP2   . DC  D 4 10 ? -0.076  -4.082  3.679   1.00 111.07 ? 10  DC  D OP2   1 
ATOM   718 O  "O5'" . DC  D 4 10 ? 0.913   -5.872  5.082   1.00 116.01 ? 10  DC  D "O5'" 1 
ATOM   719 C  "C5'" . DC  D 4 10 ? 0.834   -7.124  5.751   1.00 117.95 ? 10  DC  D "C5'" 1 
ATOM   720 C  "C4'" . DC  D 4 10 ? 1.368   -7.017  7.168   1.00 112.63 ? 10  DC  D "C4'" 1 
ATOM   721 O  "O4'" . DC  D 4 10 ? 2.678   -6.411  7.141   1.00 114.27 ? 10  DC  D "O4'" 1 
ATOM   722 C  "C3'" . DC  D 4 10 ? 0.551   -6.134  8.092   1.00 118.51 ? 10  DC  D "C3'" 1 
ATOM   723 O  "O3'" . DC  D 4 10 ? -0.490  -6.901  8.694   1.00 122.31 ? 10  DC  D "O3'" 1 
ATOM   724 C  "C2'" . DC  D 4 10 ? 1.582   -5.689  9.127   1.00 113.54 ? 10  DC  D "C2'" 1 
ATOM   725 C  "C1'" . DC  D 4 10 ? 2.895   -5.680  8.333   1.00 106.73 ? 10  DC  D "C1'" 1 
ATOM   726 N  N1    . DC  D 4 10 ? 3.377   -4.313  7.969   1.00 104.99 ? 10  DC  D N1    1 
ATOM   727 C  C2    . DC  D 4 10 ? 3.875   -3.461  8.965   1.00 115.53 ? 10  DC  D C2    1 
ATOM   728 O  O2    . DC  D 4 10 ? 3.902   -3.851  10.139  1.00 113.78 ? 10  DC  D O2    1 
ATOM   729 N  N3    . DC  D 4 10 ? 4.313   -2.226  8.610   1.00 111.89 ? 10  DC  D N3    1 
ATOM   730 C  C4    . DC  D 4 10 ? 4.269   -1.842  7.333   1.00 104.93 ? 10  DC  D C4    1 
ATOM   731 N  N4    . DC  D 4 10 ? 4.713   -0.616  7.033   1.00 107.67 ? 10  DC  D N4    1 
ATOM   732 C  C5    . DC  D 4 10 ? 3.770   -2.697  6.308   1.00 102.52 ? 10  DC  D C5    1 
ATOM   733 C  C6    . DC  D 4 10 ? 3.341   -3.911  6.667   1.00 102.21 ? 10  DC  D C6    1 
ATOM   734 P  P     . DG  D 4 11 ? -1.887  -6.210  9.086   1.00 128.46 ? 11  DG  D P     1 
ATOM   735 O  OP1   . DG  D 4 11 ? -2.777  -7.274  9.601   1.00 133.30 ? 11  DG  D OP1   1 
ATOM   736 O  OP2   . DG  D 4 11 ? -2.319  -5.382  7.938   1.00 131.82 ? 11  DG  D OP2   1 
ATOM   737 O  "O5'" . DG  D 4 11 ? -1.510  -5.225  10.290  1.00 115.86 ? 11  DG  D "O5'" 1 
ATOM   738 C  "C5'" . DG  D 4 11 ? -1.197  -5.755  11.576  1.00 125.48 ? 11  DG  D "C5'" 1 
ATOM   739 C  "C4'" . DG  D 4 11 ? -0.498  -4.713  12.435  1.00 126.93 ? 11  DG  D "C4'" 1 
ATOM   740 O  "O4'" . DG  D 4 11 ? 0.535   -4.081  11.663  1.00 119.51 ? 11  DG  D "O4'" 1 
ATOM   741 C  "C3'" . DG  D 4 11 ? -1.381  -3.569  12.905  1.00 133.59 ? 11  DG  D "C3'" 1 
ATOM   742 O  "O3'" . DG  D 4 11 ? -1.989  -3.902  14.150  1.00 146.08 ? 11  DG  D "O3'" 1 
ATOM   743 C  "C2'" . DG  D 4 11 ? -0.396  -2.405  13.065  1.00 129.92 ? 11  DG  D "C2'" 1 
ATOM   744 C  "C1'" . DG  D 4 11 ? 0.801   -2.805  12.200  1.00 117.71 ? 11  DG  D "C1'" 1 
ATOM   745 N  N9    . DG  D 4 11 ? 1.076   -1.883  11.099  1.00 116.11 ? 11  DG  D N9    1 
ATOM   746 C  C8    . DG  D 4 11 ? 0.728   -2.041  9.779   1.00 113.71 ? 11  DG  D C8    1 
ATOM   747 N  N7    . DG  D 4 11 ? 1.119   -1.057  9.017   1.00 112.49 ? 11  DG  D N7    1 
ATOM   748 C  C5    . DG  D 4 11 ? 1.770   -0.192  9.887   1.00 108.59 ? 11  DG  D C5    1 
ATOM   749 C  C6    . DG  D 4 11 ? 2.404   1.049   9.634   1.00 120.11 ? 11  DG  D C6    1 
ATOM   750 O  O6    . DG  D 4 11 ? 2.518   1.647   8.555   1.00 124.50 ? 11  DG  D O6    1 
ATOM   751 N  N1    . DG  D 4 11 ? 2.939   1.599   10.796  1.00 120.73 ? 11  DG  D N1    1 
ATOM   752 C  C2    . DG  D 4 11 ? 2.869   1.025   12.042  1.00 119.70 ? 11  DG  D C2    1 
ATOM   753 N  N2    . DG  D 4 11 ? 3.445   1.705   13.044  1.00 123.10 ? 11  DG  D N2    1 
ATOM   754 N  N3    . DG  D 4 11 ? 2.280   -0.138  12.292  1.00 110.17 ? 11  DG  D N3    1 
ATOM   755 C  C4    . DG  D 4 11 ? 1.753   -0.687  11.171  1.00 106.95 ? 11  DG  D C4    1 
ATOM   756 P  P     . DT  D 4 12 ? -3.238  -3.052  14.699  1.00 157.61 ? 12  DT  D P     1 
ATOM   757 O  OP1   . DT  D 4 12 ? -3.788  -3.774  15.869  1.00 154.26 ? 12  DT  D OP1   1 
ATOM   758 O  OP2   . DT  D 4 12 ? -4.111  -2.745  13.545  1.00 136.26 ? 12  DT  D OP2   1 
ATOM   759 O  "O5'" . DT  D 4 12 ? -2.589  -1.677  15.201  1.00 124.91 ? 12  DT  D "O5'" 1 
ATOM   760 C  "C5'" . DT  D 4 12 ? -1.672  -1.674  16.292  1.00 129.42 ? 12  DT  D "C5'" 1 
ATOM   761 C  "C4'" . DT  D 4 12 ? -1.041  -0.303  16.452  1.00 132.55 ? 12  DT  D "C4'" 1 
ATOM   762 O  "O4'" . DT  D 4 12 ? -0.311  0.023   15.259  1.00 130.50 ? 12  DT  D "O4'" 1 
ATOM   763 C  "C3'" . DT  D 4 12 ? -2.035  0.830   16.642  1.00 140.25 ? 12  DT  D "C3'" 1 
ATOM   764 O  "O3'" . DT  D 4 12 ? -2.230  1.056   18.037  1.00 147.79 ? 12  DT  D "O3'" 1 
ATOM   765 C  "C2'" . DT  D 4 12 ? -1.371  2.035   15.958  1.00 139.51 ? 12  DT  D "C2'" 1 
ATOM   766 C  "C1'" . DT  D 4 12 ? -0.275  1.422   15.085  1.00 134.91 ? 12  DT  D "C1'" 1 
ATOM   767 N  N1    . DT  D 4 12 ? -0.409  1.709   13.622  1.00 131.06 ? 12  DT  D N1    1 
ATOM   768 C  C2    . DT  D 4 12 ? 0.248   2.788   13.078  1.00 132.59 ? 12  DT  D C2    1 
ATOM   769 O  O2    . DT  D 4 12 ? 0.924   3.560   13.735  1.00 137.38 ? 12  DT  D O2    1 
ATOM   770 N  N3    . DT  D 4 12 ? 0.080   2.939   11.726  1.00 126.97 ? 12  DT  D N3    1 
ATOM   771 C  C4    . DT  D 4 12 ? -0.660  2.131   10.881  1.00 123.64 ? 12  DT  D C4    1 
ATOM   772 O  O4    . DT  D 4 12 ? -0.753  2.349   9.677   1.00 125.08 ? 12  DT  D O4    1 
ATOM   773 C  C5    . DT  D 4 12 ? -1.315  1.012   11.515  1.00 122.01 ? 12  DT  D C5    1 
ATOM   774 C  C7    . DT  D 4 12 ? -2.145  0.063   10.704  1.00 123.37 ? 12  DT  D C7    1 
ATOM   775 C  C6    . DT  D 4 12 ? -1.157  0.858   12.837  1.00 121.93 ? 12  DT  D C6    1 
ATOM   776 P  P     . DC  D 4 13 ? -2.992  2.371   18.561  1.00 161.37 ? 13  DC  D P     1 
ATOM   777 O  OP1   . DC  D 4 13 ? -3.483  2.072   19.925  1.00 151.16 ? 13  DC  D OP1   1 
ATOM   778 O  OP2   . DC  D 4 13 ? -3.950  2.809   17.522  1.00 139.61 ? 13  DC  D OP2   1 
ATOM   779 O  "O5'" . DC  D 4 13 ? -1.833  3.469   18.667  1.00 133.17 ? 13  DC  D "O5'" 1 
ATOM   780 C  "C5'" . DC  D 4 13 ? -2.153  4.790   19.055  1.00 135.65 ? 13  DC  D "C5'" 1 
ATOM   781 C  "C4'" . DC  D 4 13 ? -1.379  5.801   18.233  1.00 139.97 ? 13  DC  D "C4'" 1 
ATOM   782 O  "O4'" . DC  D 4 13 ? -1.252  5.334   16.867  1.00 137.05 ? 13  DC  D "O4'" 1 
ATOM   783 C  "C3'" . DC  D 4 13 ? -2.024  7.186   18.154  1.00 136.03 ? 13  DC  D "C3'" 1 
ATOM   784 O  "O3'" . DC  D 4 13 ? -1.100  8.175   18.570  1.00 128.86 ? 13  DC  D "O3'" 1 
ATOM   785 C  "C2'" . DC  D 4 13 ? -2.399  7.344   16.675  1.00 141.26 ? 13  DC  D "C2'" 1 
ATOM   786 C  "C1'" . DC  D 4 13 ? -1.395  6.431   16.000  1.00 136.57 ? 13  DC  D "C1'" 1 
ATOM   787 N  N1    . DC  D 4 13 ? -1.819  5.922   14.655  1.00 134.08 ? 13  DC  D N1    1 
ATOM   788 C  C2    . DC  D 4 13 ? -1.390  6.579   13.495  1.00 134.71 ? 13  DC  D C2    1 
ATOM   789 O  O2    . DC  D 4 13 ? -0.686  7.590   13.600  1.00 136.13 ? 13  DC  D O2    1 
ATOM   790 N  N3    . DC  D 4 13 ? -1.767  6.091   12.286  1.00 131.97 ? 13  DC  D N3    1 
ATOM   791 C  C4    . DC  D 4 13 ? -2.528  4.997   12.214  1.00 134.00 ? 13  DC  D C4    1 
ATOM   792 N  N4    . DC  D 4 13 ? -2.873  4.554   11.000  1.00 131.99 ? 13  DC  D N4    1 
ATOM   793 C  C5    . DC  D 4 13 ? -2.968  4.311   13.383  1.00 135.55 ? 13  DC  D C5    1 
ATOM   794 C  C6    . DC  D 4 13 ? -2.593  4.803   14.568  1.00 136.96 ? 13  DC  D C6    1 
ATOM   795 P  P     . DT  D 4 14 ? -1.630  9.519   19.269  1.00 156.68 ? 14  DT  D P     1 
ATOM   796 O  OP1   . DT  D 4 14 ? -0.549  10.046  20.131  1.00 148.81 ? 14  DT  D OP1   1 
ATOM   797 O  OP2   . DT  D 4 14 ? -2.955  9.215   19.856  1.00 148.47 ? 14  DT  D OP2   1 
ATOM   798 O  "O5'" . DT  D 4 14 ? -1.858  10.518  18.042  1.00 146.11 ? 14  DT  D "O5'" 1 
ATOM   799 C  "C5'" . DT  D 4 14 ? -0.819  10.729  17.096  1.00 141.84 ? 14  DT  D "C5'" 1 
ATOM   800 C  "C4'" . DT  D 4 14 ? -1.259  11.710  16.027  1.00 145.74 ? 14  DT  D "C4'" 1 
ATOM   801 O  "O4'" . DT  D 4 14 ? -1.636  10.992  14.823  1.00 149.11 ? 14  DT  D "O4'" 1 
ATOM   802 C  "C3'" . DT  D 4 14 ? -2.463  12.570  16.400  1.00 152.05 ? 14  DT  D "C3'" 1 
ATOM   803 O  "O3'" . DT  D 4 14 ? -2.287  13.873  15.887  1.00 154.05 ? 14  DT  D "O3'" 1 
ATOM   804 C  "C2'" . DT  D 4 14 ? -3.619  11.851  15.706  1.00 155.38 ? 14  DT  D "C2'" 1 
ATOM   805 C  "C1'" . DT  D 4 14 ? -2.941  11.370  14.434  1.00 146.11 ? 14  DT  D "C1'" 1 
ATOM   806 N  N1    . DT  D 4 14 ? -3.598  10.189  13.801  1.00 140.31 ? 14  DT  D N1    1 
ATOM   807 C  C2    . DT  D 4 14 ? -3.542  10.045  12.434  1.00 141.00 ? 14  DT  D C2    1 
ATOM   808 O  O2    . DT  D 4 14 ? -2.991  10.847  11.700  1.00 138.40 ? 14  DT  D O2    1 
ATOM   809 N  N3    . DT  D 4 14 ? -4.162  8.923   11.952  1.00 140.71 ? 14  DT  D N3    1 
ATOM   810 C  C4    . DT  D 4 14 ? -4.815  7.948   12.683  1.00 141.17 ? 14  DT  D C4    1 
ATOM   811 O  O4    . DT  D 4 14 ? -5.343  6.974   12.156  1.00 143.59 ? 14  DT  D O4    1 
ATOM   812 C  C5    . DT  D 4 14 ? -4.835  8.158   14.111  1.00 135.42 ? 14  DT  D C5    1 
ATOM   813 C  C7    . DT  D 4 14 ? -5.517  7.166   15.007  1.00 131.12 ? 14  DT  D C7    1 
ATOM   814 C  C6    . DT  D 4 14 ? -4.233  9.256   14.595  1.00 136.64 ? 14  DT  D C6    1 
ATOM   815 P  P     . DG  D 4 15 ? -2.258  15.137  16.876  1.00 162.62 ? 15  DG  D P     1 
ATOM   816 O  OP1   . DG  D 4 15 ? -0.843  15.504  17.099  1.00 164.29 ? 15  DG  D OP1   1 
ATOM   817 O  OP2   . DG  D 4 15 ? -3.119  14.828  18.039  1.00 150.55 ? 15  DG  D OP2   1 
ATOM   818 O  "O5'" . DG  D 4 15 ? -2.933  16.297  16.009  1.00 158.08 ? 15  DG  D "O5'" 1 
ATOM   819 C  "C5'" . DG  D 4 15 ? -2.531  16.499  14.657  1.00 152.56 ? 15  DG  D "C5'" 1 
ATOM   820 C  "C4'" . DG  D 4 15 ? -3.740  16.528  13.738  1.00 154.79 ? 15  DG  D "C4'" 1 
ATOM   821 O  "O4'" . DG  D 4 15 ? -4.088  15.185  13.363  1.00 156.44 ? 15  DG  D "O4'" 1 
ATOM   822 C  "C3'" . DG  D 4 15 ? -5.008  17.071  14.377  1.00 155.93 ? 15  DG  D "C3'" 1 
ATOM   823 O  "O3'" . DG  D 4 15 ? -5.109  18.519  14.257  1.00 159.92 ? 15  DG  D "O3'" 1 
ATOM   824 C  "C2'" . DG  D 4 15 ? -6.140  16.339  13.638  1.00 150.96 ? 15  DG  D "C2'" 1 
ATOM   825 C  "C1'" . DG  D 4 15 ? -5.423  15.187  12.915  1.00 153.38 ? 15  DG  D "C1'" 1 
ATOM   826 N  N9    . DG  D 4 15 ? -6.016  13.878  13.175  1.00 146.43 ? 15  DG  D N9    1 
ATOM   827 C  C8    . DG  D 4 15 ? -6.395  13.368  14.395  1.00 145.66 ? 15  DG  D C8    1 
ATOM   828 N  N7    . DG  D 4 15 ? -6.904  12.170  14.322  1.00 140.95 ? 15  DG  D N7    1 
ATOM   829 C  C5    . DG  D 4 15 ? -6.867  11.866  12.967  1.00 137.70 ? 15  DG  D C5    1 
ATOM   830 C  C6    . DG  D 4 15 ? -7.287  10.700  12.284  1.00 138.81 ? 15  DG  D C6    1 
ATOM   831 O  O6    . DG  D 4 15 ? -7.790  9.672   12.758  1.00 139.81 ? 15  DG  D O6    1 
ATOM   832 N  N1    . DG  D 4 15 ? -7.072  10.801  10.912  1.00 137.43 ? 15  DG  D N1    1 
ATOM   833 C  C2    . DG  D 4 15 ? -6.522  11.891  10.280  1.00 137.46 ? 15  DG  D C2    1 
ATOM   834 N  N2    . DG  D 4 15 ? -6.396  11.803  8.948   1.00 135.13 ? 15  DG  D N2    1 
ATOM   835 N  N3    . DG  D 4 15 ? -6.125  12.991  10.908  1.00 136.38 ? 15  DG  D N3    1 
ATOM   836 C  C4    . DG  D 4 15 ? -6.326  12.907  12.246  1.00 138.12 ? 15  DG  D C4    1 
ATOM   837 P  P     . DC  D 4 16 ? -4.650  19.331  12.940  1.00 163.07 ? 16  DC  D P     1 
ATOM   838 O  OP1   . DC  D 4 16 ? -3.173  19.325  12.824  1.00 159.12 ? 16  DC  D OP1   1 
ATOM   839 O  OP2   . DC  D 4 16 ? -5.354  20.630  13.033  1.00 151.49 ? 16  DC  D OP2   1 
ATOM   840 O  "O5'" . DC  D 4 16 ? -5.316  18.550  11.712  1.00 174.29 ? 16  DC  D "O5'" 1 
ATOM   841 C  "C5'" . DC  D 4 16 ? -6.619  18.924  11.261  1.00 168.22 ? 16  DC  D "C5'" 1 
ATOM   842 C  "C4'" . DC  D 4 16 ? -7.020  18.134  10.026  1.00 167.94 ? 16  DC  D "C4'" 1 
ATOM   843 O  "O4'" . DC  D 4 16 ? -7.274  16.750  10.393  1.00 163.13 ? 16  DC  D "O4'" 1 
ATOM   844 C  "C3'" . DC  D 4 16 ? -8.289  18.629  9.331   1.00 164.18 ? 16  DC  D "C3'" 1 
ATOM   845 O  "O3'" . DC  D 4 16 ? -8.115  18.604  7.922   1.00 160.10 ? 16  DC  D "O3'" 1 
ATOM   846 C  "C2'" . DC  D 4 16 ? -9.351  17.629  9.783   1.00 155.05 ? 16  DC  D "C2'" 1 
ATOM   847 C  "C1'" . DC  D 4 16 ? -8.537  16.352  9.908   1.00 151.74 ? 16  DC  D "C1'" 1 
ATOM   848 N  N1    . DC  D 4 16 ? -9.123  15.360  10.864  1.00 144.27 ? 16  DC  D N1    1 
ATOM   849 C  C2    . DC  D 4 16 ? -9.567  14.115  10.397  1.00 143.03 ? 16  DC  D C2    1 
ATOM   850 O  O2    . DC  D 4 16 ? -9.466  13.849  9.193   1.00 142.16 ? 16  DC  D O2    1 
ATOM   851 N  N3    . DC  D 4 16 ? -10.095 13.232  11.283  1.00 139.57 ? 16  DC  D N3    1 
ATOM   852 C  C4    . DC  D 4 16 ? -10.187 13.554  12.573  1.00 133.15 ? 16  DC  D C4    1 
ATOM   853 N  N4    . DC  D 4 16 ? -10.714 12.652  13.409  1.00 123.81 ? 16  DC  D N4    1 
ATOM   854 C  C5    . DC  D 4 16 ? -9.741  14.816  13.067  1.00 140.14 ? 16  DC  D C5    1 
ATOM   855 C  C6    . DC  D 4 16 ? -9.223  15.678  12.186  1.00 144.25 ? 16  DC  D C6    1 
HETATM 856 AS AS    . CAC E 5 .  ? 7.136   -14.402 0.553   1.00 205.65 ? 101 CAC C AS    1 
HETATM 857 AS AS    . CAC F 5 .  ? 8.038   0.368   3.765   1.00 203.88 ? 102 CAC C AS    1 
# 
loop_
_pdbx_poly_seq_scheme.asym_id 
_pdbx_poly_seq_scheme.entity_id 
_pdbx_poly_seq_scheme.seq_id 
_pdbx_poly_seq_scheme.mon_id 
_pdbx_poly_seq_scheme.ndb_seq_num 
_pdbx_poly_seq_scheme.pdb_seq_num 
_pdbx_poly_seq_scheme.auth_seq_num 
_pdbx_poly_seq_scheme.pdb_mon_id 
_pdbx_poly_seq_scheme.auth_mon_id 
_pdbx_poly_seq_scheme.pdb_strand_id 
_pdbx_poly_seq_scheme.pdb_ins_code 
_pdbx_poly_seq_scheme.hetero 
A 1 1  DG 1  1  1  DG DG A . n 
A 1 2  DA 2  2  2  DA DA A . n 
A 1 3  DG 3  3  3  DG DG A . n 
A 1 4  DC 4  4  4  DC DC A . n 
A 1 5  DA 5  5  5  DA DA A . n 
A 1 6  DG 6  6  6  DG DG A . n 
A 1 7  DA 7  7  7  DA DA A . n 
A 1 8  DC 8  8  8  DC DC A . n 
A 1 9  DG 9  9  9  DG DG A . n 
A 1 10 DT 10 10 10 DT DT A . n 
A 1 11 DG 11 11 11 DG DG A . n 
B 2 1  DA 1  12 12 DA DA B . n 
B 2 2  DC 2  13 13 DC DC B . n 
B 2 3  DA 3  14 14 DA DA B . n 
B 2 4  DG 4  15 15 DG DG B . n 
B 2 5  DC 5  16 16 DC DC B . n 
B 2 6  DA 6  17 17 DA DA B . n 
B 2 7  DC 7  18 18 DC DC B . n 
B 2 8  DT 8  19 19 DT DT B . n 
B 2 9  DC 9  20 20 DC DC B . n 
B 2 10 DA 10 21 21 DA DA B . n 
C 3 1  DC 1  1  1  DC DC C . n 
C 3 2  DA 2  2  2  DA DA C . n 
C 3 3  DT 3  3  3  DT DT C . n 
C 3 4  DG 4  4  4  DG DG C . n 
C 3 5  DT 5  5  5  DT DT C . n 
D 4 1  DT 1  1  1  DT DT D . n 
D 4 2  DC 2  2  2  DC DC D . n 
D 4 3  DT 3  3  3  DT DT D . n 
D 4 4  DG 4  4  4  DG DG D . n 
D 4 5  DA 5  5  5  DA DA D . n 
D 4 6  DG 6  6  6  DG DG D . n 
D 4 7  DT 7  7  7  DT DT D . n 
D 4 8  DG 8  8  8  DG DG D . n 
D 4 9  DC 9  9  9  DC DC D . n 
D 4 10 DC 10 10 10 DC DC D . n 
D 4 11 DG 11 11 11 DG DG D . n 
D 4 12 DT 12 12 12 DT DT D . n 
D 4 13 DC 13 13 13 DC DC D . n 
D 4 14 DT 14 14 14 DT DT D . n 
D 4 15 DG 15 15 15 DG DG D . n 
D 4 16 DC 16 16 16 DC DC D . n 
# 
loop_
_pdbx_nonpoly_scheme.asym_id 
_pdbx_nonpoly_scheme.entity_id 
_pdbx_nonpoly_scheme.mon_id 
_pdbx_nonpoly_scheme.ndb_seq_num 
_pdbx_nonpoly_scheme.pdb_seq_num 
_pdbx_nonpoly_scheme.auth_seq_num 
_pdbx_nonpoly_scheme.pdb_mon_id 
_pdbx_nonpoly_scheme.auth_mon_id 
_pdbx_nonpoly_scheme.pdb_strand_id 
_pdbx_nonpoly_scheme.pdb_ins_code 
E 5 CAC 1 101 1 CAC AS C . 
F 5 CAC 1 102 2 CAC AS C . 
# 
_pdbx_struct_assembly.id                   1 
_pdbx_struct_assembly.details              author_and_software_defined_assembly 
_pdbx_struct_assembly.method_details       PISA 
_pdbx_struct_assembly.oligomeric_details   tetrameric 
_pdbx_struct_assembly.oligomeric_count     4 
# 
_pdbx_struct_assembly_gen.assembly_id       1 
_pdbx_struct_assembly_gen.oper_expression   1 
_pdbx_struct_assembly_gen.asym_id_list      A,B,C,D,E,F 
# 
loop_
_pdbx_struct_assembly_prop.biol_id 
_pdbx_struct_assembly_prop.type 
_pdbx_struct_assembly_prop.value 
_pdbx_struct_assembly_prop.details 
1 'ABSA (A^2)' 2710 ? 
1 MORE         -14  ? 
1 'SSA (A^2)'  7750 ? 
# 
_pdbx_struct_oper_list.id                   1 
_pdbx_struct_oper_list.type                 'identity operation' 
_pdbx_struct_oper_list.name                 1_555 
_pdbx_struct_oper_list.symmetry_operation   x,y,z 
_pdbx_struct_oper_list.matrix[1][1]         1.0000000000 
_pdbx_struct_oper_list.matrix[1][2]         0.0000000000 
_pdbx_struct_oper_list.matrix[1][3]         0.0000000000 
_pdbx_struct_oper_list.vector[1]            0.0000000000 
_pdbx_struct_oper_list.matrix[2][1]         0.0000000000 
_pdbx_struct_oper_list.matrix[2][2]         1.0000000000 
_pdbx_struct_oper_list.matrix[2][3]         0.0000000000 
_pdbx_struct_oper_list.vector[2]            0.0000000000 
_pdbx_struct_oper_list.matrix[3][1]         0.0000000000 
_pdbx_struct_oper_list.matrix[3][2]         0.0000000000 
_pdbx_struct_oper_list.matrix[3][3]         1.0000000000 
_pdbx_struct_oper_list.vector[3]            0.0000000000 
# 
loop_
_pdbx_audit_revision_history.ordinal 
_pdbx_audit_revision_history.data_content_type 
_pdbx_audit_revision_history.major_revision 
_pdbx_audit_revision_history.minor_revision 
_pdbx_audit_revision_history.revision_date 
1 'Structure model' 1 0 2021-07-14 
2 'Structure model' 1 1 2022-07-06 
3 'Structure model' 1 2 2023-10-18 
# 
_pdbx_audit_revision_details.ordinal             1 
_pdbx_audit_revision_details.revision_ordinal    1 
_pdbx_audit_revision_details.data_content_type   'Structure model' 
_pdbx_audit_revision_details.provider            repository 
_pdbx_audit_revision_details.type                'Initial release' 
_pdbx_audit_revision_details.description         ? 
_pdbx_audit_revision_details.details             ? 
# 
loop_
_pdbx_audit_revision_group.ordinal 
_pdbx_audit_revision_group.revision_ordinal 
_pdbx_audit_revision_group.data_content_type 
_pdbx_audit_revision_group.group 
1 2 'Structure model' 'Database references'    
2 3 'Structure model' 'Data collection'        
3 3 'Structure model' 'Refinement description' 
# 
loop_
_pdbx_audit_revision_category.ordinal 
_pdbx_audit_revision_category.revision_ordinal 
_pdbx_audit_revision_category.data_content_type 
_pdbx_audit_revision_category.category 
1 2 'Structure model' citation                      
2 2 'Structure model' citation_author               
3 2 'Structure model' database_2                    
4 3 'Structure model' chem_comp_atom                
5 3 'Structure model' chem_comp_bond                
6 3 'Structure model' pdbx_initial_refinement_model 
# 
loop_
_pdbx_audit_revision_item.ordinal 
_pdbx_audit_revision_item.revision_ordinal 
_pdbx_audit_revision_item.data_content_type 
_pdbx_audit_revision_item.item 
1  2 'Structure model' '_citation.country'                   
2  2 'Structure model' '_citation.journal_abbrev'            
3  2 'Structure model' '_citation.journal_id_CSD'            
4  2 'Structure model' '_citation.journal_id_ISSN'           
5  2 'Structure model' '_citation.journal_volume'            
6  2 'Structure model' '_citation.page_first'                
7  2 'Structure model' '_citation.page_last'                 
8  2 'Structure model' '_citation.pdbx_database_id_DOI'      
9  2 'Structure model' '_citation.pdbx_database_id_PubMed'   
10 2 'Structure model' '_citation.title'                     
11 2 'Structure model' '_citation.year'                      
12 2 'Structure model' '_database_2.pdbx_DOI'                
13 2 'Structure model' '_database_2.pdbx_database_accession' 
# 
loop_
_software.citation_id 
_software.classification 
_software.compiler_name 
_software.compiler_version 
_software.contact_author 
_software.contact_author_email 
_software.date 
_software.description 
_software.dependencies 
_software.hardware 
_software.language 
_software.location 
_software.mods 
_software.name 
_software.os 
_software.os_version 
_software.type 
_software.version 
_software.pdbx_ordinal 
? 'data reduction'  ? ? ? ? ? ? ? ? ? ? ? HKL-2000    ? ? ? .           1 
? 'data scaling'    ? ? ? ? ? ? ? ? ? ? ? HKL-2000    ? ? ? .           2 
? refinement        ? ? ? ? ? ? ? ? ? ? ? PHENIX      ? ? ? 1.11.1_2575 3 
? 'data extraction' ? ? ? ? ? ? ? ? ? ? ? PDB_EXTRACT ? ? ? 3.25        4 
? phasing           ? ? ? ? ? ? ? ? ? ? ? PHASER      ? ? ? .           5 
# 
_pdbx_entry_details.entry_id                 6XFD 
_pdbx_entry_details.has_ligand_of_interest   N 
_pdbx_entry_details.compound_details         ? 
_pdbx_entry_details.source_details           ? 
_pdbx_entry_details.nonpolymer_details       ? 
_pdbx_entry_details.sequence_details         ? 
# 
loop_
_pdbx_unobs_or_zero_occ_atoms.id 
_pdbx_unobs_or_zero_occ_atoms.PDB_model_num 
_pdbx_unobs_or_zero_occ_atoms.polymer_flag 
_pdbx_unobs_or_zero_occ_atoms.occupancy_flag 
_pdbx_unobs_or_zero_occ_atoms.auth_asym_id 
_pdbx_unobs_or_zero_occ_atoms.auth_comp_id 
_pdbx_unobs_or_zero_occ_atoms.auth_seq_id 
_pdbx_unobs_or_zero_occ_atoms.PDB_ins_code 
_pdbx_unobs_or_zero_occ_atoms.auth_atom_id 
_pdbx_unobs_or_zero_occ_atoms.label_alt_id 
_pdbx_unobs_or_zero_occ_atoms.label_asym_id 
_pdbx_unobs_or_zero_occ_atoms.label_comp_id 
_pdbx_unobs_or_zero_occ_atoms.label_seq_id 
_pdbx_unobs_or_zero_occ_atoms.label_atom_id 
1 1 N 1 C CAC 101 ? O1 ? E CAC 1 O1 
2 1 N 1 C CAC 101 ? O2 ? E CAC 1 O2 
3 1 N 1 C CAC 101 ? C1 ? E CAC 1 C1 
4 1 N 1 C CAC 101 ? C2 ? E CAC 1 C2 
5 1 N 1 C CAC 102 ? O1 ? F CAC 1 O1 
6 1 N 1 C CAC 102 ? O2 ? F CAC 1 O2 
7 1 N 1 C CAC 102 ? C1 ? F CAC 1 C1 
8 1 N 1 C CAC 102 ? C2 ? F CAC 1 C2 
# 
loop_
_chem_comp_atom.comp_id 
_chem_comp_atom.atom_id 
_chem_comp_atom.type_symbol 
_chem_comp_atom.pdbx_aromatic_flag 
_chem_comp_atom.pdbx_stereo_config 
_chem_comp_atom.pdbx_ordinal 
CAC AS     AS N N 1   
CAC O1     O  N N 2   
CAC O2     O  N N 3   
CAC C1     C  N N 4   
CAC C2     C  N N 5   
CAC H11    H  N N 6   
CAC H12    H  N N 7   
CAC H13    H  N N 8   
CAC H21    H  N N 9   
CAC H22    H  N N 10  
CAC H23    H  N N 11  
DA  OP3    O  N N 12  
DA  P      P  N N 13  
DA  OP1    O  N N 14  
DA  OP2    O  N N 15  
DA  "O5'"  O  N N 16  
DA  "C5'"  C  N N 17  
DA  "C4'"  C  N R 18  
DA  "O4'"  O  N N 19  
DA  "C3'"  C  N S 20  
DA  "O3'"  O  N N 21  
DA  "C2'"  C  N N 22  
DA  "C1'"  C  N R 23  
DA  N9     N  Y N 24  
DA  C8     C  Y N 25  
DA  N7     N  Y N 26  
DA  C5     C  Y N 27  
DA  C6     C  Y N 28  
DA  N6     N  N N 29  
DA  N1     N  Y N 30  
DA  C2     C  Y N 31  
DA  N3     N  Y N 32  
DA  C4     C  Y N 33  
DA  HOP3   H  N N 34  
DA  HOP2   H  N N 35  
DA  "H5'"  H  N N 36  
DA  "H5''" H  N N 37  
DA  "H4'"  H  N N 38  
DA  "H3'"  H  N N 39  
DA  "HO3'" H  N N 40  
DA  "H2'"  H  N N 41  
DA  "H2''" H  N N 42  
DA  "H1'"  H  N N 43  
DA  H8     H  N N 44  
DA  H61    H  N N 45  
DA  H62    H  N N 46  
DA  H2     H  N N 47  
DC  OP3    O  N N 48  
DC  P      P  N N 49  
DC  OP1    O  N N 50  
DC  OP2    O  N N 51  
DC  "O5'"  O  N N 52  
DC  "C5'"  C  N N 53  
DC  "C4'"  C  N R 54  
DC  "O4'"  O  N N 55  
DC  "C3'"  C  N S 56  
DC  "O3'"  O  N N 57  
DC  "C2'"  C  N N 58  
DC  "C1'"  C  N R 59  
DC  N1     N  N N 60  
DC  C2     C  N N 61  
DC  O2     O  N N 62  
DC  N3     N  N N 63  
DC  C4     C  N N 64  
DC  N4     N  N N 65  
DC  C5     C  N N 66  
DC  C6     C  N N 67  
DC  HOP3   H  N N 68  
DC  HOP2   H  N N 69  
DC  "H5'"  H  N N 70  
DC  "H5''" H  N N 71  
DC  "H4'"  H  N N 72  
DC  "H3'"  H  N N 73  
DC  "HO3'" H  N N 74  
DC  "H2'"  H  N N 75  
DC  "H2''" H  N N 76  
DC  "H1'"  H  N N 77  
DC  H41    H  N N 78  
DC  H42    H  N N 79  
DC  H5     H  N N 80  
DC  H6     H  N N 81  
DG  OP3    O  N N 82  
DG  P      P  N N 83  
DG  OP1    O  N N 84  
DG  OP2    O  N N 85  
DG  "O5'"  O  N N 86  
DG  "C5'"  C  N N 87  
DG  "C4'"  C  N R 88  
DG  "O4'"  O  N N 89  
DG  "C3'"  C  N S 90  
DG  "O3'"  O  N N 91  
DG  "C2'"  C  N N 92  
DG  "C1'"  C  N R 93  
DG  N9     N  Y N 94  
DG  C8     C  Y N 95  
DG  N7     N  Y N 96  
DG  C5     C  Y N 97  
DG  C6     C  N N 98  
DG  O6     O  N N 99  
DG  N1     N  N N 100 
DG  C2     C  N N 101 
DG  N2     N  N N 102 
DG  N3     N  N N 103 
DG  C4     C  Y N 104 
DG  HOP3   H  N N 105 
DG  HOP2   H  N N 106 
DG  "H5'"  H  N N 107 
DG  "H5''" H  N N 108 
DG  "H4'"  H  N N 109 
DG  "H3'"  H  N N 110 
DG  "HO3'" H  N N 111 
DG  "H2'"  H  N N 112 
DG  "H2''" H  N N 113 
DG  "H1'"  H  N N 114 
DG  H8     H  N N 115 
DG  H1     H  N N 116 
DG  H21    H  N N 117 
DG  H22    H  N N 118 
DT  OP3    O  N N 119 
DT  P      P  N N 120 
DT  OP1    O  N N 121 
DT  OP2    O  N N 122 
DT  "O5'"  O  N N 123 
DT  "C5'"  C  N N 124 
DT  "C4'"  C  N R 125 
DT  "O4'"  O  N N 126 
DT  "C3'"  C  N S 127 
DT  "O3'"  O  N N 128 
DT  "C2'"  C  N N 129 
DT  "C1'"  C  N R 130 
DT  N1     N  N N 131 
DT  C2     C  N N 132 
DT  O2     O  N N 133 
DT  N3     N  N N 134 
DT  C4     C  N N 135 
DT  O4     O  N N 136 
DT  C5     C  N N 137 
DT  C7     C  N N 138 
DT  C6     C  N N 139 
DT  HOP3   H  N N 140 
DT  HOP2   H  N N 141 
DT  "H5'"  H  N N 142 
DT  "H5''" H  N N 143 
DT  "H4'"  H  N N 144 
DT  "H3'"  H  N N 145 
DT  "HO3'" H  N N 146 
DT  "H2'"  H  N N 147 
DT  "H2''" H  N N 148 
DT  "H1'"  H  N N 149 
DT  H3     H  N N 150 
DT  H71    H  N N 151 
DT  H72    H  N N 152 
DT  H73    H  N N 153 
DT  H6     H  N N 154 
# 
loop_
_chem_comp_bond.comp_id 
_chem_comp_bond.atom_id_1 
_chem_comp_bond.atom_id_2 
_chem_comp_bond.value_order 
_chem_comp_bond.pdbx_aromatic_flag 
_chem_comp_bond.pdbx_stereo_config 
_chem_comp_bond.pdbx_ordinal 
CAC AS    O1     doub N N 1   
CAC AS    O2     sing N N 2   
CAC AS    C1     sing N N 3   
CAC AS    C2     sing N N 4   
CAC C1    H11    sing N N 5   
CAC C1    H12    sing N N 6   
CAC C1    H13    sing N N 7   
CAC C2    H21    sing N N 8   
CAC C2    H22    sing N N 9   
CAC C2    H23    sing N N 10  
DA  OP3   P      sing N N 11  
DA  OP3   HOP3   sing N N 12  
DA  P     OP1    doub N N 13  
DA  P     OP2    sing N N 14  
DA  P     "O5'"  sing N N 15  
DA  OP2   HOP2   sing N N 16  
DA  "O5'" "C5'"  sing N N 17  
DA  "C5'" "C4'"  sing N N 18  
DA  "C5'" "H5'"  sing N N 19  
DA  "C5'" "H5''" sing N N 20  
DA  "C4'" "O4'"  sing N N 21  
DA  "C4'" "C3'"  sing N N 22  
DA  "C4'" "H4'"  sing N N 23  
DA  "O4'" "C1'"  sing N N 24  
DA  "C3'" "O3'"  sing N N 25  
DA  "C3'" "C2'"  sing N N 26  
DA  "C3'" "H3'"  sing N N 27  
DA  "O3'" "HO3'" sing N N 28  
DA  "C2'" "C1'"  sing N N 29  
DA  "C2'" "H2'"  sing N N 30  
DA  "C2'" "H2''" sing N N 31  
DA  "C1'" N9     sing N N 32  
DA  "C1'" "H1'"  sing N N 33  
DA  N9    C8     sing Y N 34  
DA  N9    C4     sing Y N 35  
DA  C8    N7     doub Y N 36  
DA  C8    H8     sing N N 37  
DA  N7    C5     sing Y N 38  
DA  C5    C6     sing Y N 39  
DA  C5    C4     doub Y N 40  
DA  C6    N6     sing N N 41  
DA  C6    N1     doub Y N 42  
DA  N6    H61    sing N N 43  
DA  N6    H62    sing N N 44  
DA  N1    C2     sing Y N 45  
DA  C2    N3     doub Y N 46  
DA  C2    H2     sing N N 47  
DA  N3    C4     sing Y N 48  
DC  OP3   P      sing N N 49  
DC  OP3   HOP3   sing N N 50  
DC  P     OP1    doub N N 51  
DC  P     OP2    sing N N 52  
DC  P     "O5'"  sing N N 53  
DC  OP2   HOP2   sing N N 54  
DC  "O5'" "C5'"  sing N N 55  
DC  "C5'" "C4'"  sing N N 56  
DC  "C5'" "H5'"  sing N N 57  
DC  "C5'" "H5''" sing N N 58  
DC  "C4'" "O4'"  sing N N 59  
DC  "C4'" "C3'"  sing N N 60  
DC  "C4'" "H4'"  sing N N 61  
DC  "O4'" "C1'"  sing N N 62  
DC  "C3'" "O3'"  sing N N 63  
DC  "C3'" "C2'"  sing N N 64  
DC  "C3'" "H3'"  sing N N 65  
DC  "O3'" "HO3'" sing N N 66  
DC  "C2'" "C1'"  sing N N 67  
DC  "C2'" "H2'"  sing N N 68  
DC  "C2'" "H2''" sing N N 69  
DC  "C1'" N1     sing N N 70  
DC  "C1'" "H1'"  sing N N 71  
DC  N1    C2     sing N N 72  
DC  N1    C6     sing N N 73  
DC  C2    O2     doub N N 74  
DC  C2    N3     sing N N 75  
DC  N3    C4     doub N N 76  
DC  C4    N4     sing N N 77  
DC  C4    C5     sing N N 78  
DC  N4    H41    sing N N 79  
DC  N4    H42    sing N N 80  
DC  C5    C6     doub N N 81  
DC  C5    H5     sing N N 82  
DC  C6    H6     sing N N 83  
DG  OP3   P      sing N N 84  
DG  OP3   HOP3   sing N N 85  
DG  P     OP1    doub N N 86  
DG  P     OP2    sing N N 87  
DG  P     "O5'"  sing N N 88  
DG  OP2   HOP2   sing N N 89  
DG  "O5'" "C5'"  sing N N 90  
DG  "C5'" "C4'"  sing N N 91  
DG  "C5'" "H5'"  sing N N 92  
DG  "C5'" "H5''" sing N N 93  
DG  "C4'" "O4'"  sing N N 94  
DG  "C4'" "C3'"  sing N N 95  
DG  "C4'" "H4'"  sing N N 96  
DG  "O4'" "C1'"  sing N N 97  
DG  "C3'" "O3'"  sing N N 98  
DG  "C3'" "C2'"  sing N N 99  
DG  "C3'" "H3'"  sing N N 100 
DG  "O3'" "HO3'" sing N N 101 
DG  "C2'" "C1'"  sing N N 102 
DG  "C2'" "H2'"  sing N N 103 
DG  "C2'" "H2''" sing N N 104 
DG  "C1'" N9     sing N N 105 
DG  "C1'" "H1'"  sing N N 106 
DG  N9    C8     sing Y N 107 
DG  N9    C4     sing Y N 108 
DG  C8    N7     doub Y N 109 
DG  C8    H8     sing N N 110 
DG  N7    C5     sing Y N 111 
DG  C5    C6     sing N N 112 
DG  C5    C4     doub Y N 113 
DG  C6    O6     doub N N 114 
DG  C6    N1     sing N N 115 
DG  N1    C2     sing N N 116 
DG  N1    H1     sing N N 117 
DG  C2    N2     sing N N 118 
DG  C2    N3     doub N N 119 
DG  N2    H21    sing N N 120 
DG  N2    H22    sing N N 121 
DG  N3    C4     sing N N 122 
DT  OP3   P      sing N N 123 
DT  OP3   HOP3   sing N N 124 
DT  P     OP1    doub N N 125 
DT  P     OP2    sing N N 126 
DT  P     "O5'"  sing N N 127 
DT  OP2   HOP2   sing N N 128 
DT  "O5'" "C5'"  sing N N 129 
DT  "C5'" "C4'"  sing N N 130 
DT  "C5'" "H5'"  sing N N 131 
DT  "C5'" "H5''" sing N N 132 
DT  "C4'" "O4'"  sing N N 133 
DT  "C4'" "C3'"  sing N N 134 
DT  "C4'" "H4'"  sing N N 135 
DT  "O4'" "C1'"  sing N N 136 
DT  "C3'" "O3'"  sing N N 137 
DT  "C3'" "C2'"  sing N N 138 
DT  "C3'" "H3'"  sing N N 139 
DT  "O3'" "HO3'" sing N N 140 
DT  "C2'" "C1'"  sing N N 141 
DT  "C2'" "H2'"  sing N N 142 
DT  "C2'" "H2''" sing N N 143 
DT  "C1'" N1     sing N N 144 
DT  "C1'" "H1'"  sing N N 145 
DT  N1    C2     sing N N 146 
DT  N1    C6     sing N N 147 
DT  C2    O2     doub N N 148 
DT  C2    N3     sing N N 149 
DT  N3    C4     sing N N 150 
DT  N3    H3     sing N N 151 
DT  C4    O4     doub N N 152 
DT  C4    C5     sing N N 153 
DT  C5    C7     sing N N 154 
DT  C5    C6     doub N N 155 
DT  C7    H71    sing N N 156 
DT  C7    H72    sing N N 157 
DT  C7    H73    sing N N 158 
DT  C6    H6     sing N N 159 
# 
loop_
_ndb_struct_conf_na.entry_id 
_ndb_struct_conf_na.feature 
6XFD 'double helix'        
6XFD 'a-form double helix' 
6XFD 'b-form double helix' 
# 
loop_
_ndb_struct_na_base_pair.model_number 
_ndb_struct_na_base_pair.i_label_asym_id 
_ndb_struct_na_base_pair.i_label_comp_id 
_ndb_struct_na_base_pair.i_label_seq_id 
_ndb_struct_na_base_pair.i_symmetry 
_ndb_struct_na_base_pair.j_label_asym_id 
_ndb_struct_na_base_pair.j_label_comp_id 
_ndb_struct_na_base_pair.j_label_seq_id 
_ndb_struct_na_base_pair.j_symmetry 
_ndb_struct_na_base_pair.shear 
_ndb_struct_na_base_pair.stretch 
_ndb_struct_na_base_pair.stagger 
_ndb_struct_na_base_pair.buckle 
_ndb_struct_na_base_pair.propeller 
_ndb_struct_na_base_pair.opening 
_ndb_struct_na_base_pair.pair_number 
_ndb_struct_na_base_pair.pair_name 
_ndb_struct_na_base_pair.i_auth_asym_id 
_ndb_struct_na_base_pair.i_auth_seq_id 
_ndb_struct_na_base_pair.i_PDB_ins_code 
_ndb_struct_na_base_pair.j_auth_asym_id 
_ndb_struct_na_base_pair.j_auth_seq_id 
_ndb_struct_na_base_pair.j_PDB_ins_code 
_ndb_struct_na_base_pair.hbond_type_28 
_ndb_struct_na_base_pair.hbond_type_12 
1 A DG 3  1_555 D DC 16 1_555 -0.351 0.176  0.234  -5.604 -12.625 -0.290  1  A_DG3:DC16_D A 3  ? D 16 ? 19 1 
1 A DC 4  1_555 D DG 15 1_555 -0.270 0.241  -0.289 -8.507 -4.333  1.211   2  A_DC4:DG15_D A 4  ? D 15 ? 19 1 
1 A DA 5  1_555 D DT 14 1_555 0.526  0.085  -0.500 -3.548 -2.623  9.935   3  A_DA5:DT14_D A 5  ? D 14 ? 20 1 
1 A DG 6  1_555 D DC 13 1_555 0.366  -0.318 -0.480 2.456  -6.509  -3.860  4  A_DG6:DC13_D A 6  ? D 13 ? 19 1 
1 A DA 7  1_555 D DT 12 1_555 -0.206 -0.204 -0.353 3.175  -14.183 -4.796  5  A_DA7:DT12_D A 7  ? D 12 ? 20 1 
1 A DC 8  1_555 D DG 11 1_555 0.872  -0.438 0.177  -0.621 -14.546 2.536   6  A_DC8:DG11_D A 8  ? D 11 ? 19 1 
1 A DG 9  1_555 D DC 10 1_555 -0.228 -0.315 0.336  -0.741 -8.883  -4.711  7  A_DG9:DC10_D A 9  ? D 10 ? 19 1 
1 A DT 10 1_555 C DA 2  1_555 -0.600 -0.245 -0.011 8.801  -7.576  6.289   8  A_DT10:DA2_C A 10 ? C 2  ? 20 1 
1 A DG 11 1_555 C DC 1  1_555 -0.624 0.978  0.349  9.886  -17.649 15.536  9  A_DG11:DC1_C A 11 ? C 1  ? ?  ? 
1 B DA 1  1_555 C DT 5  1_555 -0.379 -0.305 0.601  11.614 -15.187 -2.765  10 B_DA12:DT5_C B 12 ? C 5  ? 20 1 
1 B DC 2  1_555 C DG 4  1_555 0.208  -0.297 0.729  1.332  -22.739 -1.146  11 B_DC13:DG4_C B 13 ? C 4  ? 19 1 
1 B DA 3  1_555 C DT 3  1_555 -0.075 -0.137 0.392  0.818  -10.589 -11.710 12 B_DA14:DT3_C B 14 ? C 3  ? 20 1 
1 B DG 4  1_555 D DC 9  1_555 -0.168 0.439  0.012  -4.930 -2.551  11.501  13 B_DG15:DC9_D B 15 ? D 9  ? 19 1 
1 B DC 5  1_555 D DG 8  1_555 0.284  0.293  0.241  3.494  -4.394  3.991   14 B_DC16:DG8_D B 16 ? D 8  ? 19 1 
1 B DA 6  1_555 D DT 7  1_555 0.544  -0.482 -0.039 5.621  -7.701  -0.671  15 B_DA17:DT7_D B 17 ? D 7  ? 20 1 
1 B DC 7  1_555 D DG 6  1_555 0.106  -0.367 -0.653 9.524  -9.538  -0.421  16 B_DC18:DG6_D B 18 ? D 6  ? 19 1 
1 B DT 8  1_555 D DA 5  1_555 -0.644 -0.447 -0.609 7.067  -10.254 0.495   17 B_DT19:DA5_D B 19 ? D 5  ? 20 1 
1 B DC 9  1_555 D DG 4  1_555 0.432  0.303  -0.646 13.979 -10.234 17.935  18 B_DC20:DG4_D B 20 ? D 4  ? 22 1 
1 B DA 10 1_555 D DT 3  1_555 1.895  0.386  0.350  3.497  -22.994 14.792  19 B_DA21:DT3_D B 21 ? D 3  ? ?  ? 
# 
loop_
_ndb_struct_na_base_pair_step.model_number 
_ndb_struct_na_base_pair_step.i_label_asym_id_1 
_ndb_struct_na_base_pair_step.i_label_comp_id_1 
_ndb_struct_na_base_pair_step.i_label_seq_id_1 
_ndb_struct_na_base_pair_step.i_symmetry_1 
_ndb_struct_na_base_pair_step.j_label_asym_id_1 
_ndb_struct_na_base_pair_step.j_label_comp_id_1 
_ndb_struct_na_base_pair_step.j_label_seq_id_1 
_ndb_struct_na_base_pair_step.j_symmetry_1 
_ndb_struct_na_base_pair_step.i_label_asym_id_2 
_ndb_struct_na_base_pair_step.i_label_comp_id_2 
_ndb_struct_na_base_pair_step.i_label_seq_id_2 
_ndb_struct_na_base_pair_step.i_symmetry_2 
_ndb_struct_na_base_pair_step.j_label_asym_id_2 
_ndb_struct_na_base_pair_step.j_label_comp_id_2 
_ndb_struct_na_base_pair_step.j_label_seq_id_2 
_ndb_struct_na_base_pair_step.j_symmetry_2 
_ndb_struct_na_base_pair_step.shift 
_ndb_struct_na_base_pair_step.slide 
_ndb_struct_na_base_pair_step.rise 
_ndb_struct_na_base_pair_step.tilt 
_ndb_struct_na_base_pair_step.roll 
_ndb_struct_na_base_pair_step.twist 
_ndb_struct_na_base_pair_step.x_displacement 
_ndb_struct_na_base_pair_step.y_displacement 
_ndb_struct_na_base_pair_step.helical_rise 
_ndb_struct_na_base_pair_step.inclination 
_ndb_struct_na_base_pair_step.tip 
_ndb_struct_na_base_pair_step.helical_twist 
_ndb_struct_na_base_pair_step.step_number 
_ndb_struct_na_base_pair_step.step_name 
_ndb_struct_na_base_pair_step.i_auth_asym_id_1 
_ndb_struct_na_base_pair_step.i_auth_seq_id_1 
_ndb_struct_na_base_pair_step.i_PDB_ins_code_1 
_ndb_struct_na_base_pair_step.j_auth_asym_id_1 
_ndb_struct_na_base_pair_step.j_auth_seq_id_1 
_ndb_struct_na_base_pair_step.j_PDB_ins_code_1 
_ndb_struct_na_base_pair_step.i_auth_asym_id_2 
_ndb_struct_na_base_pair_step.i_auth_seq_id_2 
_ndb_struct_na_base_pair_step.i_PDB_ins_code_2 
_ndb_struct_na_base_pair_step.j_auth_asym_id_2 
_ndb_struct_na_base_pair_step.j_auth_seq_id_2 
_ndb_struct_na_base_pair_step.j_PDB_ins_code_2 
1 A DG 3  1_555 D DC 16 1_555 A DC 4  1_555 D DG 15 1_555 -0.558 -0.312 3.409 -0.797 -0.119 32.557 -0.534 0.849  3.423 -0.213 
1.422  32.567 1  AA_DG3DC4:DG15DC16_DD A 3  ? D 16 ? A 4  ? D 15 ? 
1 A DC 4  1_555 D DG 15 1_555 A DA 5  1_555 D DT 14 1_555 -0.189 1.363  3.371 -1.034 4.635  38.959 1.446  0.151  3.508 6.918  
1.544  39.237 2  AA_DC4DA5:DT14DG15_DD A 4  ? D 15 ? A 5  ? D 14 ? 
1 A DA 5  1_555 D DT 14 1_555 A DG 6  1_555 D DC 13 1_555 -0.346 -0.273 3.309 -1.547 2.933  30.589 -1.095 0.347  3.282 5.539  
2.921  30.764 3  AA_DA5DG6:DC13DT14_DD A 5  ? D 14 ? A 6  ? D 13 ? 
1 A DG 6  1_555 D DC 13 1_555 A DA 7  1_555 D DT 12 1_555 -0.057 -0.428 3.187 -2.591 2.553  32.670 -1.180 -0.329 3.140 4.521  
4.588  32.866 4  AA_DG6DA7:DT12DC13_DD A 6  ? D 13 ? A 7  ? D 12 ? 
1 A DA 7  1_555 D DT 12 1_555 A DC 8  1_555 D DG 11 1_555 0.792  -0.908 3.379 -3.178 -0.661 38.311 -1.295 -1.609 3.320 -1.005 
4.832  38.444 5  AA_DA7DC8:DG11DT12_DD A 7  ? D 12 ? A 8  ? D 11 ? 
1 A DC 8  1_555 D DG 11 1_555 A DG 9  1_555 D DC 10 1_555 -0.687 -1.244 3.122 -4.271 3.351  29.612 -3.047 0.495  3.033 6.487  
8.270  30.094 6  AA_DC8DG9:DC10DG11_DD A 8  ? D 11 ? A 9  ? D 10 ? 
1 A DG 9  1_555 D DC 10 1_555 A DT 10 1_555 C DA 2  1_555 -0.339 -1.098 3.136 3.393  0.691  25.729 -2.624 1.642  3.036 1.543  
-7.576 25.957 7  AA_DG9DT10:DA2DC10_CD A 9  ? D 10 ? A 10 ? C 2  ? 
1 A DT 10 1_555 C DA 2  1_555 A DG 11 1_555 C DC 1  1_555 0.426  1.694  3.430 -1.215 3.247  33.657 2.351  -0.942 3.556 5.589  
2.092  33.830 8  AA_DT10DG11:DC1DA2_CC A 10 ? C 2  ? A 11 ? C 1  ? 
1 B DA 1  1_555 C DT 5  1_555 B DC 2  1_555 C DG 4  1_555 0.526  -0.924 3.469 -2.417 0.429  37.285 -1.502 -1.157 3.419 0.670  
3.775  37.363 9  BB_DA12DC13:DG4DT5_CC B 12 ? C 5  ? B 13 ? C 4  ? 
1 B DC 2  1_555 C DG 4  1_555 B DA 3  1_555 C DT 3  1_555 -0.721 -1.177 3.032 -1.484 7.579  33.658 -3.033 1.010  2.739 12.878 
2.522  34.508 10 BB_DC13DA14:DT3DG4_CC B 13 ? C 4  ? B 14 ? C 3  ? 
1 B DA 3  1_555 C DT 3  1_555 B DG 4  1_555 D DC 9  1_555 -0.153 -0.889 3.422 0.110  -2.547 29.479 -1.171 0.324  3.484 -4.993 
-0.215 29.587 11 BB_DA14DG15:DC9DT3_DC B 14 ? C 3  ? B 15 ? D 9  ? 
1 B DG 4  1_555 D DC 9  1_555 B DC 5  1_555 D DG 8  1_555 -0.970 0.242  3.136 -4.726 2.797  35.421 0.000  0.911  3.243 4.563  
7.709  35.831 12 BB_DG15DC16:DG8DC9_DD B 15 ? D 9  ? B 16 ? D 8  ? 
1 B DC 5  1_555 D DG 8  1_555 B DA 6  1_555 D DT 7  1_555 -0.227 0.245  3.133 1.495  3.579  37.012 -0.073 0.547  3.131 5.619  
-2.347 37.208 13 BB_DC16DA17:DT7DG8_DD B 16 ? D 8  ? B 17 ? D 7  ? 
1 B DA 6  1_555 D DT 7  1_555 B DC 7  1_555 D DG 6  1_555 0.469  -0.633 3.173 4.019  1.045  30.910 -1.371 -0.126 3.184 1.949  
-7.498 31.181 14 BB_DA17DC18:DG6DT7_DD B 17 ? D 7  ? B 18 ? D 6  ? 
1 B DC 7  1_555 D DG 6  1_555 B DT 8  1_555 D DA 5  1_555 -0.244 0.304  3.453 2.315  2.407  33.873 0.115  0.807  3.442 4.118  
-3.962 34.032 15 BB_DC18DT19:DA5DG6_DD B 18 ? D 6  ? B 19 ? D 5  ? 
1 B DT 8  1_555 D DA 5  1_555 B DC 9  1_555 D DG 4  1_555 0.725  0.041  3.175 4.317  5.987  36.994 -0.700 -0.572 3.205 9.321  
-6.721 37.698 16 BB_DT19DC20:DG4DA5_DD B 19 ? D 5  ? B 20 ? D 4  ? 
1 B DC 9  1_555 D DG 4  1_555 B DA 10 1_555 D DT 3  1_555 0.386  2.311  3.873 -2.119 1.076  47.809 2.747  -0.675 3.901 1.326  
2.613  47.865 17 BB_DC20DA21:DT3DG4_DD B 20 ? D 4  ? B 21 ? D 3  ? 
# 
loop_
_pdbx_audit_support.funding_organization 
_pdbx_audit_support.country 
_pdbx_audit_support.grant_number 
_pdbx_audit_support.ordinal 
'National Science Foundation (NSF, United States)'                                         'United States' 1360635     1 
'National Institutes of Health/National Institute of General Medical Sciences (NIH/NIGMS)' 'United States' R01GM104960 2 
'National Science Foundation (NSF, United States)'                                         'United States' NSF2004250  3 
# 
_pdbx_entity_nonpoly.entity_id   5 
_pdbx_entity_nonpoly.name        'CACODYLATE ION' 
_pdbx_entity_nonpoly.comp_id     CAC 
# 
_pdbx_initial_refinement_model.id               1 
_pdbx_initial_refinement_model.entity_id_list   ? 
_pdbx_initial_refinement_model.type             'experimental model' 
_pdbx_initial_refinement_model.source_name      PDB 
_pdbx_initial_refinement_model.accession_code   6X8C 
_pdbx_initial_refinement_model.details          ? 
# 
_pdbx_struct_assembly_auth_evidence.id                     1 
_pdbx_struct_assembly_auth_evidence.assembly_id            1 
_pdbx_struct_assembly_auth_evidence.experimental_support   none 
_pdbx_struct_assembly_auth_evidence.details                ? 
# 
